data_8EJ0
#
_entry.id   8EJ0
#
_cell.length_a   69.908
_cell.length_b   178.071
_cell.length_c   92.858
_cell.angle_alpha   90.000
_cell.angle_beta   101.720
_cell.angle_gamma   90.000
#
_symmetry.space_group_name_H-M   'P 1 21 1'
#
loop_
_entity.id
_entity.type
_entity.pdbx_description
1 polymer 'Dihydroxyacid dehydratase'
2 non-polymer 'FE2/S2 (INORGANIC) CLUSTER'
3 non-polymer 'MAGNESIUM ION'
4 non-polymer 'BICARBONATE ION'
5 non-polymer 'CARBON DIOXIDE'
6 water water
#
_entity_poly.entity_id   1
_entity_poly.type   'polypeptide(L)'
_entity_poly.pdbx_seq_one_letter_code
;MSDKEKPVRRSQAWFGRLDRDGFIYRSWMKNRGIPHDQFDGRPVIGICNTFSELTPCNSHFRTLAEQVKIGVWESGGFPL
EFPVMSLGETMLRPTAMLFRNLASMDVEESIRGNPLDGVVLLMGCD(KCX)TTPSLMMGAASCDLPTIGVSGGPMLSGKF
RGRELGSGTDVWKMSEEVRAGQMSQEEFFEAESCMHRSHGHCMTMGTASTMASMVEALGMSLPGNAAIPAVDARRNLLAR
ASGRRIVQMVKDDLVMSKILTRQAFENAIRVNAAIGGSTNAVIHLLAIAGRIGVDLTLADWDALGHKLPCLVDLQPSGTH
LMEDFYYAGGVPAVIRELGDVIARDALTVNGQTLWDNCKDAPNWNREVIHAFNEPFKTEAGIAVLRGNLCPDGAVIKPSA
ATPALLKHKGRAVVFENSEHMHERMDDENLDVDENCVLVLKNCGPRGYPGMAEAGNMPLPPKILRKGITDMVRVSDARMS
GTAYGTVVLHVAPEAAAGGPLALVQDGDIIELDVAARKLHLHVSDEELARRREAWQAPPAPMARGWVKLYVEHVQQANLG
ADLDFLRGKSGAGIPKDNH
;
_entity_poly.pdbx_strand_id   A,C,E,G
#
loop_
_chem_comp.id
_chem_comp.type
_chem_comp.name
_chem_comp.formula
BCT non-polymer 'BICARBONATE ION' 'C H O3 -1'
CO2 non-polymer 'CARBON DIOXIDE' 'C O2'
FES non-polymer 'FE2/S2 (INORGANIC) CLUSTER' 'Fe2 S2'
MG non-polymer 'MAGNESIUM ION' 'Mg 2'
#
# COMPACT_ATOMS: atom_id res chain seq x y z
N VAL A 8 -12.24 6.66 -32.48
CA VAL A 8 -10.99 5.91 -32.64
C VAL A 8 -9.82 6.69 -32.06
N ARG A 9 -9.10 6.07 -31.14
CA ARG A 9 -7.96 6.69 -30.49
C ARG A 9 -6.76 5.76 -30.58
N ARG A 10 -5.62 6.22 -30.05
CA ARG A 10 -4.37 5.50 -30.28
C ARG A 10 -4.26 4.21 -29.48
N SER A 11 -4.97 4.09 -28.35
CA SER A 11 -4.84 2.86 -27.58
C SER A 11 -5.37 1.65 -28.34
N GLN A 12 -6.41 1.87 -29.15
CA GLN A 12 -6.98 0.80 -29.92
C GLN A 12 -5.99 0.26 -30.94
N ALA A 13 -4.91 1.00 -31.22
CA ALA A 13 -3.85 0.48 -32.05
C ALA A 13 -3.02 -0.57 -31.33
N TRP A 14 -3.08 -0.60 -29.99
CA TRP A 14 -2.55 -1.70 -29.18
C TRP A 14 -3.64 -2.70 -28.83
N PHE A 15 -4.66 -2.24 -28.12
CA PHE A 15 -5.62 -3.11 -27.43
C PHE A 15 -6.83 -3.48 -28.27
N GLY A 16 -6.87 -3.09 -29.55
CA GLY A 16 -7.99 -3.42 -30.40
C GLY A 16 -7.60 -4.28 -31.58
N ARG A 17 -6.35 -4.70 -31.62
CA ARG A 17 -5.84 -5.47 -32.75
C ARG A 17 -6.33 -6.90 -32.70
N LEU A 18 -6.74 -7.41 -33.87
CA LEU A 18 -7.30 -8.75 -33.97
C LEU A 18 -6.35 -9.69 -34.71
N ASP A 19 -5.08 -9.67 -34.35
CA ASP A 19 -4.08 -10.53 -34.98
C ASP A 19 -3.08 -10.95 -33.90
N ARG A 20 -1.89 -11.37 -34.33
CA ARG A 20 -0.87 -11.81 -33.38
C ARG A 20 -0.45 -10.68 -32.44
N ASP A 21 -0.38 -9.45 -32.95
CA ASP A 21 0.06 -8.34 -32.12
C ASP A 21 -0.97 -8.01 -31.04
N GLY A 22 -2.26 -8.17 -31.33
CA GLY A 22 -3.28 -7.96 -30.31
C GLY A 22 -3.12 -8.92 -29.14
N PHE A 23 -2.68 -10.15 -29.42
CA PHE A 23 -2.35 -11.09 -28.36
C PHE A 23 -1.22 -10.56 -27.49
N ILE A 24 -0.16 -10.05 -28.13
CA ILE A 24 0.99 -9.56 -27.39
C ILE A 24 0.62 -8.36 -26.52
N TYR A 25 -0.17 -7.44 -27.06
CA TYR A 25 -0.46 -6.19 -26.36
C TYR A 25 -1.42 -6.39 -25.20
N ARG A 26 -2.20 -7.47 -25.18
CA ARG A 26 -3.20 -7.70 -24.14
C ARG A 26 -2.83 -8.80 -23.16
N SER A 27 -2.24 -9.90 -23.63
CA SER A 27 -2.04 -11.07 -22.78
C SER A 27 -1.15 -10.73 -21.58
N TRP A 28 -0.03 -10.06 -21.81
CA TRP A 28 0.87 -9.70 -20.72
C TRP A 28 0.19 -8.75 -19.73
N MET A 29 -0.65 -7.84 -20.24
CA MET A 29 -1.36 -6.93 -19.34
C MET A 29 -2.33 -7.67 -18.44
N LYS A 30 -2.88 -8.79 -18.92
CA LYS A 30 -3.82 -9.59 -18.14
C LYS A 30 -3.16 -10.40 -17.03
N ASN A 31 -1.84 -10.27 -16.84
CA ASN A 31 -1.14 -11.17 -15.93
C ASN A 31 -1.47 -10.91 -14.46
N ARG A 32 -2.05 -9.76 -14.13
CA ARG A 32 -2.40 -9.43 -12.76
C ARG A 32 -3.90 -9.35 -12.54
N GLY A 33 -4.70 -9.87 -13.47
CA GLY A 33 -6.13 -9.89 -13.32
C GLY A 33 -6.80 -8.59 -13.73
N ILE A 34 -6.67 -8.23 -14.99
CA ILE A 34 -7.36 -7.07 -15.58
C ILE A 34 -8.46 -7.59 -16.48
N PRO A 35 -9.72 -7.28 -16.21
CA PRO A 35 -10.81 -7.83 -17.03
C PRO A 35 -10.68 -7.40 -18.49
N HIS A 36 -11.18 -8.26 -19.38
CA HIS A 36 -10.99 -8.05 -20.81
C HIS A 36 -11.64 -6.76 -21.30
N ASP A 37 -12.76 -6.38 -20.69
CA ASP A 37 -13.48 -5.19 -21.14
C ASP A 37 -12.70 -3.90 -20.92
N GLN A 38 -11.57 -3.94 -20.20
CA GLN A 38 -10.75 -2.75 -20.06
C GLN A 38 -10.02 -2.40 -21.35
N PHE A 39 -9.88 -3.35 -22.27
CA PHE A 39 -9.23 -3.13 -23.55
C PHE A 39 -10.24 -2.86 -24.67
N ASP A 40 -11.48 -2.52 -24.32
CA ASP A 40 -12.57 -2.40 -25.29
C ASP A 40 -12.58 -1.07 -26.03
N GLY A 41 -11.53 -0.25 -25.92
CA GLY A 41 -11.51 1.06 -26.50
C GLY A 41 -11.86 2.19 -25.55
N ARG A 42 -12.22 1.86 -24.30
CA ARG A 42 -12.43 2.91 -23.30
C ARG A 42 -11.13 3.69 -23.12
N PRO A 43 -11.21 4.95 -22.70
CA PRO A 43 -10.00 5.77 -22.61
C PRO A 43 -8.98 5.18 -21.65
N VAL A 44 -7.76 4.98 -22.16
CA VAL A 44 -6.65 4.50 -21.36
C VAL A 44 -5.89 5.71 -20.83
N ILE A 45 -5.86 5.86 -19.52
CA ILE A 45 -5.34 7.06 -18.87
C ILE A 45 -3.98 6.73 -18.27
N GLY A 46 -2.96 7.48 -18.69
CA GLY A 46 -1.62 7.33 -18.14
C GLY A 46 -1.39 8.32 -17.01
N ILE A 47 -1.00 7.80 -15.86
CA ILE A 47 -0.76 8.60 -14.66
C ILE A 47 0.74 8.68 -14.45
N CYS A 48 1.32 9.84 -14.77
CA CYS A 48 2.77 10.03 -14.64
C CYS A 48 3.09 10.29 -13.17
N ASN A 49 3.56 9.25 -12.48
CA ASN A 49 3.81 9.31 -11.05
C ASN A 49 5.28 9.64 -10.82
N THR A 50 5.54 10.83 -10.27
CA THR A 50 6.87 11.22 -9.87
C THR A 50 7.16 10.91 -8.40
N PHE A 51 6.47 9.93 -7.84
CA PHE A 51 6.74 9.54 -6.45
C PHE A 51 8.19 9.13 -6.29
N SER A 52 8.78 9.55 -5.18
CA SER A 52 10.16 9.18 -4.86
C SER A 52 10.40 9.45 -3.39
N GLU A 53 11.15 8.56 -2.75
CA GLU A 53 11.63 8.83 -1.41
C GLU A 53 12.88 9.69 -1.41
N LEU A 54 13.49 9.90 -2.57
CA LEU A 54 14.51 10.92 -2.76
C LEU A 54 13.92 12.25 -3.20
N THR A 55 12.60 12.32 -3.36
CA THR A 55 11.88 13.57 -3.65
C THR A 55 10.86 13.74 -2.53
N PRO A 56 11.28 14.21 -1.35
CA PRO A 56 10.38 14.21 -0.18
C PRO A 56 9.13 15.04 -0.36
N CYS A 57 9.12 15.99 -1.29
CA CYS A 57 7.93 16.78 -1.56
C CYS A 57 6.91 16.02 -2.38
N ASN A 58 7.32 14.94 -3.04
CA ASN A 58 6.42 14.08 -3.80
C ASN A 58 6.26 12.70 -3.16
N SER A 59 6.72 12.53 -1.91
CA SER A 59 6.72 11.21 -1.28
C SER A 59 5.33 10.70 -0.95
N HIS A 60 4.30 11.56 -1.04
CA HIS A 60 2.92 11.15 -0.81
C HIS A 60 2.18 10.88 -2.11
N PHE A 61 2.90 10.64 -3.21
CA PHE A 61 2.27 10.58 -4.52
C PHE A 61 1.66 9.22 -4.85
N ARG A 62 1.97 8.16 -4.10
CA ARG A 62 1.19 6.93 -4.24
C ARG A 62 -0.26 7.17 -3.84
N THR A 63 -0.46 7.89 -2.73
CA THR A 63 -1.81 8.22 -2.28
C THR A 63 -2.54 9.09 -3.31
N LEU A 64 -1.83 10.07 -3.88
CA LEU A 64 -2.43 10.87 -4.94
C LEU A 64 -2.70 10.06 -6.20
N ALA A 65 -1.84 9.07 -6.49
CA ALA A 65 -2.01 8.29 -7.71
C ALA A 65 -3.24 7.39 -7.64
N GLU A 66 -3.43 6.71 -6.51
CA GLU A 66 -4.62 5.85 -6.38
C GLU A 66 -5.89 6.67 -6.31
N GLN A 67 -5.83 7.89 -5.78
CA GLN A 67 -7.00 8.76 -5.81
C GLN A 67 -7.36 9.16 -7.23
N VAL A 68 -6.35 9.38 -8.08
CA VAL A 68 -6.60 9.62 -9.49
C VAL A 68 -7.21 8.39 -10.13
N LYS A 69 -6.73 7.20 -9.74
CA LYS A 69 -7.27 5.96 -10.32
C LYS A 69 -8.75 5.79 -10.00
N ILE A 70 -9.16 6.14 -9.23
CA ILE A 70 -10.54 6.03 -8.78
C ILE A 70 -11.44 6.94 -9.62
N GLY A 71 -11.03 8.09 -9.63
CA GLY A 71 -11.81 8.95 -10.51
C GLY A 71 -11.89 8.40 -11.93
N VAL A 72 -10.79 7.79 -12.39
CA VAL A 72 -10.80 7.20 -13.72
C VAL A 72 -11.69 5.97 -13.75
N TRP A 73 -11.59 5.11 -12.73
CA TRP A 73 -12.46 3.94 -12.64
C TRP A 73 -13.92 4.35 -12.53
N GLU A 74 -14.21 5.39 -11.75
CA GLU A 74 -15.59 5.87 -11.60
C GLU A 74 -16.22 6.18 -12.95
N SER A 75 -15.46 6.79 -13.85
CA SER A 75 -15.99 7.31 -15.11
C SER A 75 -15.66 6.41 -16.29
N GLY A 76 -15.38 5.13 -16.06
CA GLY A 76 -15.25 4.18 -17.14
C GLY A 76 -13.94 4.23 -17.91
N GLY A 77 -12.86 4.68 -17.28
CA GLY A 77 -11.57 4.73 -17.91
C GLY A 77 -10.65 3.60 -17.48
N PHE A 78 -9.54 3.46 -18.20
CA PHE A 78 -8.52 2.45 -17.92
C PHE A 78 -7.28 3.13 -17.38
N PRO A 79 -7.09 3.21 -16.06
CA PRO A 79 -5.92 3.90 -15.51
C PRO A 79 -4.69 3.02 -15.43
N LEU A 80 -3.55 3.59 -15.84
CA LEU A 80 -2.26 2.91 -15.81
C LEU A 80 -1.20 3.92 -15.43
N GLU A 81 -0.62 3.79 -14.25
CA GLU A 81 0.43 4.71 -13.82
C GLU A 81 1.79 4.21 -14.28
N PHE A 82 2.70 5.15 -14.50
CA PHE A 82 4.04 4.86 -14.97
C PHE A 82 5.02 5.82 -14.31
N PRO A 83 6.27 5.40 -14.12
CA PRO A 83 7.25 6.27 -13.47
C PRO A 83 8.15 7.00 -14.45
N VAL A 84 8.71 8.12 -14.01
CA VAL A 84 9.78 8.82 -14.70
C VAL A 84 10.87 9.14 -13.68
N MET A 85 11.91 9.84 -14.12
CA MET A 85 12.91 10.32 -13.19
C MET A 85 12.32 11.45 -12.35
N SER A 86 12.41 11.30 -11.03
CA SER A 86 11.94 12.32 -10.10
C SER A 86 13.09 13.26 -9.74
N LEU A 87 12.75 14.50 -9.40
CA LEU A 87 13.73 15.56 -9.20
C LEU A 87 13.47 16.23 -7.85
N GLY A 88 14.23 15.84 -6.83
CA GLY A 88 14.18 16.50 -5.55
C GLY A 88 15.18 17.64 -5.48
N GLU A 89 14.69 18.86 -5.19
CA GLU A 89 15.56 20.03 -5.13
C GLU A 89 16.73 19.81 -4.19
N THR A 90 16.42 19.55 -2.92
CA THR A 90 17.46 19.48 -1.89
C THR A 90 18.40 18.29 -2.08
N MET A 91 18.01 17.28 -2.86
CA MET A 91 18.80 16.07 -2.99
C MET A 91 19.70 16.07 -4.22
N LEU A 92 19.15 16.41 -5.38
CA LEU A 92 19.90 16.31 -6.63
C LEU A 92 20.96 17.40 -6.71
N ARG A 93 22.21 16.99 -6.90
CA ARG A 93 23.36 17.86 -7.08
C ARG A 93 24.08 17.53 -8.37
N PRO A 94 24.72 18.50 -9.03
CA PRO A 94 24.96 19.91 -8.68
C PRO A 94 23.70 20.75 -8.53
N THR A 95 22.63 20.37 -9.21
CA THR A 95 21.35 21.05 -9.10
C THR A 95 20.31 20.24 -9.89
N ALA A 96 19.05 20.34 -9.47
CA ALA A 96 18.00 19.56 -10.13
C ALA A 96 17.70 20.07 -11.52
N MET A 97 18.02 21.33 -11.82
CA MET A 97 17.83 21.84 -13.18
C MET A 97 18.69 21.09 -14.19
N LEU A 98 19.81 20.53 -13.74
CA LEU A 98 20.67 19.74 -14.63
C LEU A 98 19.94 18.55 -15.23
N PHE A 99 18.88 18.07 -14.58
CA PHE A 99 18.17 16.88 -15.03
C PHE A 99 16.70 17.16 -15.36
N ARG A 100 16.30 18.43 -15.41
CA ARG A 100 14.94 18.75 -15.80
C ARG A 100 14.67 18.32 -17.23
N ASN A 101 15.65 18.51 -18.13
CA ASN A 101 15.47 18.11 -19.52
C ASN A 101 15.55 16.60 -19.70
N LEU A 102 16.28 15.90 -18.82
CA LEU A 102 16.38 14.46 -18.93
C LEU A 102 15.05 13.79 -18.62
N ALA A 103 14.43 14.16 -17.49
CA ALA A 103 13.14 13.59 -17.14
C ALA A 103 12.05 14.03 -18.10
N SER A 104 12.22 15.17 -18.77
CA SER A 104 11.27 15.58 -19.80
C SER A 104 11.27 14.59 -20.97
N MET A 105 12.43 14.02 -21.28
CA MET A 105 12.47 12.96 -22.29
C MET A 105 11.79 11.69 -21.79
N ASP A 106 11.96 11.37 -20.50
CA ASP A 106 11.23 10.25 -19.92
C ASP A 106 9.73 10.41 -20.11
N VAL A 107 9.22 11.61 -19.78
CA VAL A 107 7.79 11.87 -19.91
C VAL A 107 7.35 11.72 -21.36
N GLU A 108 8.04 12.41 -22.27
CA GLU A 108 7.64 12.43 -23.67
C GLU A 108 7.61 11.02 -24.27
N GLU A 109 8.69 10.26 -24.07
CA GLU A 109 8.78 8.94 -24.68
C GLU A 109 7.85 7.93 -24.02
N SER A 110 7.61 8.08 -22.71
CA SER A 110 6.66 7.18 -22.04
C SER A 110 5.24 7.42 -22.51
N ILE A 111 4.91 8.66 -22.88
CA ILE A 111 3.56 8.97 -23.33
C ILE A 111 3.35 8.48 -24.75
N ARG A 112 4.27 8.80 -25.66
CA ARG A 112 4.11 8.39 -27.06
C ARG A 112 4.30 6.89 -27.24
N GLY A 113 5.23 6.29 -26.49
CA GLY A 113 5.54 4.88 -26.67
C GLY A 113 4.51 3.92 -26.12
N ASN A 114 3.64 4.37 -25.22
CA ASN A 114 2.65 3.51 -24.58
C ASN A 114 1.24 3.82 -25.10
N PRO A 115 0.30 2.86 -24.96
CA PRO A 115 -1.07 3.07 -25.50
C PRO A 115 -1.91 4.01 -24.65
N LEU A 116 -1.53 5.29 -24.63
CA LEU A 116 -2.19 6.27 -23.79
C LEU A 116 -3.12 7.15 -24.62
N ASP A 117 -4.34 7.35 -24.12
CA ASP A 117 -5.25 8.35 -24.67
C ASP A 117 -5.11 9.70 -24.00
N GLY A 118 -5.07 9.72 -22.68
CA GLY A 118 -4.88 10.94 -21.94
C GLY A 118 -3.81 10.74 -20.89
N VAL A 119 -3.34 11.86 -20.34
CA VAL A 119 -2.26 11.86 -19.37
C VAL A 119 -2.70 12.65 -18.14
N VAL A 120 -2.34 12.15 -16.97
CA VAL A 120 -2.45 12.90 -15.71
C VAL A 120 -1.04 13.07 -15.17
N LEU A 121 -0.67 14.33 -14.90
CA LEU A 121 0.67 14.66 -14.45
C LEU A 121 0.65 14.89 -12.94
N LEU A 122 1.43 14.09 -12.21
CA LEU A 122 1.59 14.25 -10.76
C LEU A 122 2.85 15.07 -10.54
N MET A 123 2.67 16.35 -10.20
CA MET A 123 3.77 17.29 -10.08
C MET A 123 3.77 17.90 -8.68
N GLY A 124 4.96 18.26 -8.22
CA GLY A 124 5.10 18.85 -6.89
C GLY A 124 6.41 19.58 -6.69
N CYS A 125 7.48 18.81 -6.49
CA CYS A 125 8.79 19.40 -6.20
C CYS A 125 9.30 20.18 -7.41
N ASP A 126 9.46 21.49 -7.21
CA ASP A 126 9.97 22.46 -8.20
C ASP A 126 10.05 21.97 -9.65
N KCX A 127 11.15 21.31 -9.97
CA KCX A 127 11.46 20.94 -11.34
CB KCX A 127 12.93 20.50 -11.44
CG KCX A 127 13.81 21.57 -12.06
CD KCX A 127 14.79 22.16 -11.06
CE KCX A 127 15.11 23.62 -11.35
NZ KCX A 127 13.96 24.46 -11.10
C KCX A 127 10.57 19.84 -11.90
O KCX A 127 10.55 19.65 -13.07
CX KCX A 127 13.81 25.13 -9.82
OQ1 KCX A 127 14.42 24.70 -8.81
OQ2 KCX A 127 13.10 26.15 -9.73
N THR A 128 9.85 19.13 -11.04
CA THR A 128 8.98 18.06 -11.51
C THR A 128 7.76 18.61 -12.23
N THR A 129 7.42 19.89 -11.95
CA THR A 129 6.30 20.51 -12.66
C THR A 129 6.67 20.83 -14.10
N PRO A 130 7.72 21.63 -14.39
CA PRO A 130 8.05 21.86 -15.80
C PRO A 130 8.52 20.61 -16.52
N SER A 131 9.15 19.67 -15.79
CA SER A 131 9.63 18.45 -16.41
C SER A 131 8.50 17.68 -17.07
N LEU A 132 7.36 17.57 -16.40
CA LEU A 132 6.23 16.82 -16.95
C LEU A 132 5.46 17.64 -17.97
N MET A 133 5.32 18.95 -17.73
CA MET A 133 4.62 19.79 -18.68
C MET A 133 5.35 19.86 -20.01
N MET A 134 6.69 19.90 -19.98
CA MET A 134 7.47 19.92 -21.21
C MET A 134 7.29 18.63 -22.00
N GLY A 135 7.43 17.48 -21.33
CA GLY A 135 7.28 16.21 -22.02
C GLY A 135 5.86 15.98 -22.52
N ALA A 136 4.86 16.41 -21.73
CA ALA A 136 3.47 16.23 -22.15
C ALA A 136 3.14 17.14 -23.33
N ALA A 137 3.61 18.39 -23.31
CA ALA A 137 3.32 19.31 -24.40
C ALA A 137 3.91 18.82 -25.72
N SER A 138 5.04 18.12 -25.67
CA SER A 138 5.65 17.59 -26.89
C SER A 138 4.85 16.45 -27.51
N CYS A 139 3.86 15.91 -26.80
CA CYS A 139 2.95 14.90 -27.34
C CYS A 139 1.57 15.46 -27.65
N ASP A 140 1.08 16.37 -26.81
CA ASP A 140 -0.18 17.08 -27.04
C ASP A 140 -1.37 16.11 -27.04
N LEU A 141 -1.38 15.18 -26.11
CA LEU A 141 -2.59 14.42 -25.81
C LEU A 141 -3.43 15.20 -24.80
N PRO A 142 -4.72 14.85 -24.66
CA PRO A 142 -5.51 15.43 -23.57
C PRO A 142 -4.83 15.21 -22.22
N THR A 143 -4.43 16.29 -21.56
CA THR A 143 -3.63 16.22 -20.35
C THR A 143 -4.20 17.13 -19.29
N ILE A 144 -4.12 16.69 -18.03
CA ILE A 144 -4.52 17.47 -16.88
C ILE A 144 -3.42 17.40 -15.84
N GLY A 145 -3.23 18.49 -15.10
CA GLY A 145 -2.20 18.58 -14.09
C GLY A 145 -2.79 18.49 -12.70
N VAL A 146 -2.11 17.73 -11.83
CA VAL A 146 -2.47 17.59 -10.43
C VAL A 146 -1.24 17.90 -9.60
N SER A 147 -1.31 18.97 -8.83
CA SER A 147 -0.20 19.35 -7.97
C SER A 147 -0.26 18.62 -6.64
N GLY A 148 0.91 18.42 -6.03
CA GLY A 148 0.97 17.69 -4.78
C GLY A 148 0.49 18.48 -3.59
N GLY A 149 0.63 19.81 -3.62
CA GLY A 149 0.23 20.64 -2.52
C GLY A 149 1.39 21.00 -1.62
N PRO A 150 1.30 22.15 -0.94
CA PRO A 150 2.39 22.57 -0.05
C PRO A 150 2.32 21.90 1.32
N MET A 151 3.46 21.93 1.99
CA MET A 151 3.51 21.47 3.38
C MET A 151 2.77 22.44 4.28
N LEU A 152 2.46 21.98 5.49
CA LEU A 152 1.87 22.85 6.49
C LEU A 152 2.93 23.81 7.02
N SER A 153 2.47 24.94 7.55
CA SER A 153 3.37 25.94 8.10
C SER A 153 4.17 25.35 9.24
N GLY A 154 5.48 25.54 9.21
CA GLY A 154 6.34 25.00 10.24
C GLY A 154 6.14 25.74 11.56
N LYS A 155 6.13 24.98 12.65
CA LYS A 155 5.94 25.54 13.98
CA LYS A 155 5.93 25.53 13.98
C LYS A 155 7.20 25.30 14.79
N PHE A 156 7.80 26.38 15.29
CA PHE A 156 9.07 26.29 16.01
C PHE A 156 9.08 27.34 17.11
N ARG A 157 9.06 26.88 18.36
CA ARG A 157 9.16 27.74 19.55
C ARG A 157 8.00 28.74 19.61
N GLY A 158 6.80 28.29 19.27
CA GLY A 158 5.64 29.15 19.27
C GLY A 158 5.56 30.14 18.13
N ARG A 159 6.37 29.96 17.09
CA ARG A 159 6.45 30.87 15.96
C ARG A 159 6.59 30.07 14.67
N GLU A 160 6.13 30.66 13.57
CA GLU A 160 6.12 29.97 12.28
C GLU A 160 7.45 30.13 11.57
N LEU A 161 7.80 29.11 10.79
CA LEU A 161 8.94 29.13 9.90
C LEU A 161 8.45 28.97 8.47
N GLY A 162 9.32 29.34 7.53
CA GLY A 162 8.98 29.28 6.11
C GLY A 162 10.02 28.51 5.32
N SER A 163 9.54 27.69 4.39
CA SER A 163 10.44 26.87 3.58
C SER A 163 11.40 27.74 2.77
N GLY A 164 12.69 27.47 2.92
CA GLY A 164 13.71 28.17 2.14
C GLY A 164 13.96 29.59 2.58
N THR A 165 12.90 30.42 2.61
CA THR A 165 13.07 31.83 2.97
C THR A 165 13.72 31.98 4.34
N ASP A 166 13.22 31.23 5.33
CA ASP A 166 13.82 31.25 6.66
C ASP A 166 15.13 30.50 6.73
N VAL A 167 15.47 29.70 5.70
CA VAL A 167 16.79 29.09 5.67
C VAL A 167 17.85 30.13 5.31
N TRP A 168 17.57 30.96 4.31
CA TRP A 168 18.49 32.05 3.99
C TRP A 168 18.55 33.06 5.12
N LYS A 169 17.42 33.33 5.76
CA LYS A 169 17.38 34.34 6.82
C LYS A 169 18.13 33.85 8.06
N MET A 170 17.82 32.63 8.53
CA MET A 170 18.48 32.11 9.71
C MET A 170 19.96 31.87 9.47
N SER A 171 20.35 31.50 8.25
CA SER A 171 21.76 31.28 7.95
C SER A 171 22.55 32.58 8.01
N GLU A 172 22.00 33.64 7.40
CA GLU A 172 22.68 34.94 7.46
C GLU A 172 22.75 35.49 8.87
N GLU A 173 21.82 35.08 9.74
CA GLU A 173 21.87 35.52 11.13
C GLU A 173 22.91 34.75 11.93
N VAL A 174 23.18 33.49 11.57
CA VAL A 174 24.30 32.77 12.16
C VAL A 174 25.61 33.36 11.70
N ARG A 175 25.70 33.71 10.41
CA ARG A 175 26.91 34.31 9.87
C ARG A 175 27.16 35.70 10.45
N ALA A 176 26.11 36.38 10.88
CA ALA A 176 26.23 37.71 11.47
C ALA A 176 26.44 37.66 12.98
N GLY A 177 26.63 36.48 13.55
CA GLY A 177 26.77 36.37 14.99
C GLY A 177 25.53 36.80 15.76
N GLN A 178 24.35 36.67 15.14
CA GLN A 178 23.09 37.10 15.75
C GLN A 178 22.27 35.93 16.27
N MET A 179 22.20 34.83 15.52
CA MET A 179 21.51 33.63 15.96
C MET A 179 22.54 32.52 16.17
N SER A 180 22.38 31.79 17.28
CA SER A 180 23.31 30.72 17.60
C SER A 180 23.25 29.61 16.55
N GLN A 181 24.38 28.91 16.39
CA GLN A 181 24.38 27.73 15.54
C GLN A 181 23.50 26.64 16.12
N GLU A 182 23.36 26.62 17.45
CA GLU A 182 22.48 25.66 18.11
C GLU A 182 21.04 25.79 17.62
N GLU A 183 20.49 27.00 17.68
CA GLU A 183 19.10 27.21 17.29
C GLU A 183 18.87 26.91 15.81
N PHE A 184 19.92 27.05 14.99
CA PHE A 184 19.76 26.88 13.55
C PHE A 184 19.40 25.43 13.20
N PHE A 185 20.15 24.48 13.74
CA PHE A 185 19.93 23.08 13.38
C PHE A 185 18.82 22.42 14.18
N GLU A 186 18.42 23.00 15.32
CA GLU A 186 17.29 22.45 16.07
C GLU A 186 15.95 22.73 15.39
N ALA A 187 15.92 23.67 14.44
CA ALA A 187 14.69 24.03 13.74
C ALA A 187 14.50 23.30 12.42
N GLU A 188 15.40 22.37 12.07
CA GLU A 188 15.28 21.69 10.78
C GLU A 188 14.24 20.58 10.78
N SER A 189 13.92 20.04 11.96
CA SER A 189 12.81 19.10 12.10
C SER A 189 11.50 19.80 12.41
N CYS A 190 11.53 21.09 12.73
CA CYS A 190 10.32 21.85 13.03
C CYS A 190 9.87 22.73 11.86
N MET A 191 10.71 22.89 10.84
CA MET A 191 10.30 23.68 9.68
C MET A 191 9.43 22.87 8.73
N HIS A 192 9.71 21.58 8.57
CA HIS A 192 9.00 20.71 7.64
C HIS A 192 8.37 19.57 8.42
N ARG A 193 7.05 19.61 8.54
CA ARG A 193 6.32 18.78 9.48
C ARG A 193 5.26 17.90 8.82
N SER A 194 5.09 17.96 7.51
CA SER A 194 4.07 17.17 6.84
C SER A 194 4.50 16.92 5.40
N HIS A 195 3.72 16.10 4.70
CA HIS A 195 3.91 15.90 3.28
C HIS A 195 3.64 17.19 2.52
N GLY A 196 4.29 17.33 1.37
CA GLY A 196 4.06 18.44 0.48
C GLY A 196 5.35 19.13 0.07
N HIS A 197 5.19 20.18 -0.74
CA HIS A 197 6.32 20.97 -1.19
C HIS A 197 6.45 22.23 -0.33
N CYS A 198 7.41 23.07 -0.70
CA CYS A 198 7.73 24.27 0.07
C CYS A 198 6.50 25.13 0.31
N MET A 199 6.28 25.52 1.58
CA MET A 199 5.08 26.24 1.97
C MET A 199 5.25 27.75 1.91
N THR A 200 6.33 28.25 1.28
CA THR A 200 6.40 29.64 0.89
C THR A 200 6.05 29.75 -0.60
N MET A 201 6.12 30.97 -1.13
CA MET A 201 5.88 31.19 -2.56
C MET A 201 7.17 30.94 -3.33
N GLY A 202 7.72 29.74 -3.15
CA GLY A 202 8.86 29.29 -3.91
C GLY A 202 8.44 28.84 -5.29
N THR A 203 9.32 28.08 -5.94
CA THR A 203 9.03 27.64 -7.29
C THR A 203 7.86 26.66 -7.33
N ALA A 204 7.81 25.72 -6.38
CA ALA A 204 6.74 24.73 -6.37
C ALA A 204 5.37 25.38 -6.23
N SER A 205 5.22 26.26 -5.23
CA SER A 205 3.97 27.00 -5.10
C SER A 205 3.70 27.85 -6.33
N THR A 206 4.74 28.48 -6.87
CA THR A 206 4.58 29.30 -8.07
C THR A 206 4.17 28.44 -9.26
N MET A 207 4.88 27.32 -9.48
CA MET A 207 4.59 26.47 -10.64
C MET A 207 3.21 25.82 -10.52
N ALA A 208 2.81 25.44 -9.31
CA ALA A 208 1.45 24.92 -9.11
C ALA A 208 0.42 26.00 -9.41
N SER A 209 0.73 27.26 -9.10
CA SER A 209 -0.17 28.35 -9.48
C SER A 209 -0.15 28.59 -10.99
N MET A 210 1.00 28.38 -11.64
CA MET A 210 1.06 28.53 -13.08
C MET A 210 0.19 27.50 -13.78
N VAL A 211 0.23 26.25 -13.30
CA VAL A 211 -0.60 25.20 -13.89
C VAL A 211 -2.08 25.58 -13.80
N GLU A 212 -2.50 26.13 -12.67
CA GLU A 212 -3.88 26.59 -12.53
C GLU A 212 -4.12 27.83 -13.39
N ALA A 213 -3.14 28.72 -13.49
CA ALA A 213 -3.30 29.92 -14.29
C ALA A 213 -3.32 29.59 -15.78
N LEU A 214 -2.45 28.68 -16.21
CA LEU A 214 -2.46 28.24 -17.60
C LEU A 214 -3.75 27.54 -17.98
N GLY A 215 -4.53 27.12 -16.99
CA GLY A 215 -5.74 26.37 -17.23
C GLY A 215 -5.55 24.87 -17.34
N MET A 216 -4.38 24.36 -16.98
CA MET A 216 -4.05 22.94 -17.11
C MET A 216 -4.46 22.12 -15.91
N SER A 217 -5.20 22.70 -14.97
CA SER A 217 -5.67 21.97 -13.80
C SER A 217 -7.09 22.42 -13.47
N LEU A 218 -7.70 21.72 -12.53
CA LEU A 218 -8.98 22.13 -12.01
C LEU A 218 -8.80 23.32 -11.07
N PRO A 219 -9.83 24.15 -10.90
CA PRO A 219 -9.70 25.30 -10.00
C PRO A 219 -9.42 24.86 -8.57
N GLY A 220 -8.49 25.58 -7.93
CA GLY A 220 -8.06 25.28 -6.58
C GLY A 220 -6.86 24.38 -6.46
N ASN A 221 -6.27 23.95 -7.59
CA ASN A 221 -5.20 22.96 -7.55
C ASN A 221 -3.94 23.49 -6.87
N ALA A 222 -3.73 24.80 -6.90
CA ALA A 222 -2.44 25.35 -6.49
C ALA A 222 -2.25 25.32 -4.97
N ALA A 223 -3.22 25.83 -4.21
CA ALA A 223 -2.98 26.19 -2.83
C ALA A 223 -3.26 25.07 -1.83
N ILE A 224 -4.11 24.11 -2.17
CA ILE A 224 -4.55 23.07 -1.25
C ILE A 224 -3.35 22.38 -0.61
N PRO A 225 -3.18 22.48 0.71
CA PRO A 225 -2.05 21.78 1.35
C PRO A 225 -2.14 20.29 1.13
N ALA A 226 -0.96 19.66 1.04
CA ALA A 226 -0.88 18.26 0.59
C ALA A 226 -1.67 17.32 1.50
N VAL A 227 -1.76 17.64 2.80
CA VAL A 227 -2.44 16.76 3.75
C VAL A 227 -3.90 17.14 3.94
N ASP A 228 -4.40 18.13 3.22
CA ASP A 228 -5.80 18.52 3.33
C ASP A 228 -6.65 17.61 2.45
N ALA A 229 -7.82 17.21 2.98
CA ALA A 229 -8.67 16.24 2.29
C ALA A 229 -9.07 16.72 0.90
N ARG A 230 -9.15 18.03 0.70
CA ARG A 230 -9.48 18.57 -0.62
C ARG A 230 -8.40 18.27 -1.65
N ARG A 231 -7.20 17.87 -1.22
CA ARG A 231 -6.14 17.53 -2.17
C ARG A 231 -6.43 16.19 -2.85
N ASN A 232 -6.82 15.18 -2.07
CA ASN A 232 -7.23 13.91 -2.66
C ASN A 232 -8.49 14.09 -3.51
N LEU A 233 -9.39 14.98 -3.07
CA LEU A 233 -10.63 15.20 -3.81
C LEU A 233 -10.36 15.77 -5.19
N LEU A 234 -9.46 16.75 -5.28
CA LEU A 234 -9.12 17.31 -6.58
C LEU A 234 -8.42 16.29 -7.46
N ALA A 235 -7.51 15.50 -6.89
CA ALA A 235 -6.84 14.46 -7.66
C ALA A 235 -7.85 13.44 -8.19
N ARG A 236 -8.88 13.13 -7.38
CA ARG A 236 -9.94 12.24 -7.81
C ARG A 236 -10.87 12.91 -8.81
N ALA A 237 -11.20 14.19 -8.58
CA ALA A 237 -11.99 14.93 -9.56
C ALA A 237 -11.24 15.06 -10.88
N SER A 238 -9.92 15.15 -10.84
CA SER A 238 -9.13 15.18 -12.07
C SER A 238 -9.15 13.83 -12.77
N GLY A 239 -9.24 12.74 -12.01
CA GLY A 239 -9.37 11.43 -12.63
C GLY A 239 -10.70 11.27 -13.36
N ARG A 240 -11.76 11.88 -12.82
CA ARG A 240 -13.04 11.87 -13.52
C ARG A 240 -13.01 12.76 -14.75
N ARG A 241 -12.26 13.86 -14.69
CA ARG A 241 -12.30 14.84 -15.77
C ARG A 241 -11.49 14.40 -16.98
N ILE A 242 -10.35 13.75 -16.76
CA ILE A 242 -9.43 13.45 -17.87
C ILE A 242 -10.09 12.49 -18.87
N VAL A 243 -10.90 11.55 -18.38
CA VAL A 243 -11.55 10.62 -19.30
C VAL A 243 -12.58 11.33 -20.16
N GLN A 244 -13.25 12.36 -19.60
CA GLN A 244 -14.15 13.16 -20.42
C GLN A 244 -13.37 14.04 -21.39
N MET A 245 -12.19 14.51 -20.98
CA MET A 245 -11.34 15.28 -21.89
C MET A 245 -10.86 14.43 -23.06
N VAL A 246 -10.61 13.13 -22.83
CA VAL A 246 -10.26 12.24 -23.92
C VAL A 246 -11.42 12.11 -24.90
N LYS A 247 -12.64 11.98 -24.36
CA LYS A 247 -13.82 11.88 -25.23
C LYS A 247 -14.03 13.18 -26.03
N ASP A 248 -13.67 14.31 -25.46
CA ASP A 248 -13.82 15.60 -26.14
C ASP A 248 -12.58 16.03 -26.90
N ASP A 249 -11.49 15.26 -26.81
CA ASP A 249 -10.25 15.55 -27.53
C ASP A 249 -9.70 16.92 -27.15
N LEU A 250 -9.69 17.22 -25.85
CA LEU A 250 -9.24 18.51 -25.35
C LEU A 250 -7.74 18.43 -25.06
N VAL A 251 -6.95 18.57 -26.12
CA VAL A 251 -5.50 18.45 -26.03
C VAL A 251 -4.91 19.73 -25.46
N MET A 252 -3.63 19.68 -25.09
CA MET A 252 -2.97 20.83 -24.47
C MET A 252 -2.90 22.01 -25.43
N SER A 253 -2.89 21.76 -26.74
CA SER A 253 -2.85 22.85 -27.71
C SER A 253 -4.01 23.81 -27.52
N LYS A 254 -5.22 23.27 -27.25
CA LYS A 254 -6.39 24.11 -27.04
C LYS A 254 -6.37 24.81 -25.68
N ILE A 255 -5.44 24.45 -24.79
CA ILE A 255 -5.35 25.08 -23.48
C ILE A 255 -4.19 26.06 -23.46
N LEU A 256 -2.99 25.55 -23.77
CA LEU A 256 -1.77 26.36 -23.71
C LEU A 256 -1.65 27.28 -24.93
N THR A 257 -2.62 28.18 -25.04
CA THR A 257 -2.56 29.23 -26.06
C THR A 257 -1.74 30.39 -25.54
N ARG A 258 -1.58 31.42 -26.38
CA ARG A 258 -0.82 32.59 -25.95
C ARG A 258 -1.54 33.31 -24.81
N GLN A 259 -2.87 33.41 -24.88
CA GLN A 259 -3.62 34.03 -23.79
C GLN A 259 -3.35 33.34 -22.47
N ALA A 260 -3.19 32.01 -22.49
CA ALA A 260 -2.94 31.28 -21.25
C ALA A 260 -1.60 31.65 -20.64
N PHE A 261 -0.54 31.72 -21.45
CA PHE A 261 0.76 32.09 -20.93
C PHE A 261 0.77 33.52 -20.41
N GLU A 262 0.03 34.42 -21.06
CA GLU A 262 -0.07 35.78 -20.56
C GLU A 262 -0.82 35.83 -19.24
N ASN A 263 -1.88 35.02 -19.10
CA ASN A 263 -2.58 34.93 -17.83
C ASN A 263 -1.66 34.42 -16.72
N ALA A 264 -0.80 33.45 -17.04
CA ALA A 264 0.13 32.93 -16.03
C ALA A 264 1.13 34.00 -15.62
N ILE A 265 1.69 34.72 -16.60
CA ILE A 265 2.62 35.81 -16.29
C ILE A 265 1.94 36.84 -15.39
N ARG A 266 0.67 37.11 -15.63
CA ARG A 266 -0.03 38.15 -14.87
C ARG A 266 -0.23 37.73 -13.41
N VAL A 267 -0.71 36.50 -13.18
CA VAL A 267 -0.91 36.07 -11.81
C VAL A 267 0.41 35.81 -11.11
N ASN A 268 1.46 35.50 -11.88
CA ASN A 268 2.78 35.31 -11.27
C ASN A 268 3.26 36.58 -10.57
N ALA A 269 2.91 37.75 -11.12
CA ALA A 269 3.22 39.00 -10.44
C ALA A 269 2.30 39.21 -9.24
N ALA A 270 1.02 38.83 -9.37
CA ALA A 270 0.07 39.05 -8.29
C ALA A 270 0.36 38.17 -7.08
N ILE A 271 0.93 36.98 -7.29
CA ILE A 271 1.22 36.07 -6.19
C ILE A 271 2.64 36.22 -5.66
N GLY A 272 3.43 37.14 -6.22
CA GLY A 272 4.83 37.22 -5.86
C GLY A 272 5.61 36.00 -6.29
N GLY A 273 5.38 35.53 -7.52
CA GLY A 273 5.89 34.26 -7.97
C GLY A 273 7.42 34.24 -8.10
N SER A 274 7.92 33.02 -8.27
CA SER A 274 9.36 32.78 -8.34
C SER A 274 9.92 33.21 -9.69
N THR A 275 11.20 33.56 -9.69
CA THR A 275 11.88 33.91 -10.93
C THR A 275 12.08 32.69 -11.83
N ASN A 276 12.11 31.49 -11.24
CA ASN A 276 12.29 30.29 -12.03
C ASN A 276 11.12 30.03 -12.98
N ALA A 277 9.93 30.55 -12.64
CA ALA A 277 8.78 30.42 -13.51
C ALA A 277 9.05 31.06 -14.88
N VAL A 278 9.89 32.10 -14.91
CA VAL A 278 10.24 32.74 -16.17
C VAL A 278 10.90 31.73 -17.10
N ILE A 279 11.89 30.99 -16.59
CA ILE A 279 12.61 30.02 -17.41
C ILE A 279 11.70 28.86 -17.81
N HIS A 280 10.87 28.39 -16.88
CA HIS A 280 10.11 27.17 -17.13
C HIS A 280 8.96 27.42 -18.11
N LEU A 281 8.28 28.56 -18.00
CA LEU A 281 7.19 28.84 -18.92
C LEU A 281 7.71 29.13 -20.33
N LEU A 282 8.93 29.64 -20.44
CA LEU A 282 9.55 29.76 -21.75
C LEU A 282 9.85 28.38 -22.34
N ALA A 283 10.31 27.45 -21.50
CA ALA A 283 10.58 26.10 -21.98
C ALA A 283 9.29 25.38 -22.36
N ILE A 284 8.24 25.55 -21.55
CA ILE A 284 6.96 24.91 -21.86
C ILE A 284 6.38 25.47 -23.16
N ALA A 285 6.43 26.80 -23.31
CA ALA A 285 5.98 27.42 -24.55
C ALA A 285 6.82 26.96 -25.74
N GLY A 286 8.11 26.75 -25.52
CA GLY A 286 8.99 26.23 -26.55
C GLY A 286 8.69 24.82 -26.99
N ARG A 287 7.81 24.12 -26.27
CA ARG A 287 7.38 22.77 -26.63
C ARG A 287 6.01 22.77 -27.31
N ILE A 288 5.03 23.47 -26.72
CA ILE A 288 3.68 23.47 -27.28
C ILE A 288 3.60 24.30 -28.55
N GLY A 289 4.52 25.22 -28.77
CA GLY A 289 4.55 26.01 -29.98
C GLY A 289 3.97 27.40 -29.89
N VAL A 290 4.11 28.07 -28.74
CA VAL A 290 3.63 29.43 -28.56
C VAL A 290 4.84 30.35 -28.47
N ASP A 291 4.81 31.44 -29.24
CA ASP A 291 5.89 32.42 -29.19
C ASP A 291 5.81 33.20 -27.89
N LEU A 292 6.77 32.95 -27.00
CA LEU A 292 6.88 33.67 -25.74
C LEU A 292 8.34 34.04 -25.52
N THR A 293 8.59 35.30 -25.17
CA THR A 293 9.94 35.82 -25.00
C THR A 293 10.10 36.41 -23.61
N LEU A 294 11.34 36.78 -23.28
CA LEU A 294 11.59 37.53 -22.06
C LEU A 294 10.86 38.87 -22.09
N ALA A 295 10.82 39.51 -23.27
CA ALA A 295 10.14 40.79 -23.39
C ALA A 295 8.65 40.67 -23.09
N ASP A 296 8.06 39.51 -23.34
CA ASP A 296 6.67 39.28 -22.96
C ASP A 296 6.49 39.34 -21.45
N TRP A 297 7.44 38.77 -20.70
CA TRP A 297 7.37 38.83 -19.25
C TRP A 297 7.46 40.27 -18.74
N ASP A 298 8.29 41.08 -19.37
CA ASP A 298 8.47 42.46 -18.92
C ASP A 298 7.22 43.30 -19.20
N ALA A 299 6.67 43.20 -20.40
CA ALA A 299 5.56 44.05 -20.78
C ALA A 299 4.27 43.66 -20.06
N LEU A 300 4.05 42.35 -19.87
CA LEU A 300 2.80 41.87 -19.29
C LEU A 300 2.83 41.80 -17.77
N GLY A 301 3.99 41.93 -17.14
CA GLY A 301 4.09 41.62 -15.74
C GLY A 301 4.34 42.75 -14.75
N HIS A 302 5.33 43.60 -15.02
CA HIS A 302 5.87 44.45 -13.96
C HIS A 302 4.87 45.49 -13.48
N LYS A 303 4.14 46.12 -14.40
CA LYS A 303 3.18 47.15 -13.99
C LYS A 303 2.14 46.60 -13.02
N LEU A 304 1.91 45.29 -13.02
CA LEU A 304 0.96 44.70 -12.11
C LEU A 304 1.50 44.70 -10.68
N PRO A 305 0.63 44.82 -9.69
CA PRO A 305 1.06 44.81 -8.30
C PRO A 305 1.12 43.40 -7.73
N CYS A 306 1.76 43.28 -6.57
CA CYS A 306 1.73 42.05 -5.79
C CYS A 306 0.54 42.09 -4.86
N LEU A 307 -0.22 41.00 -4.83
CA LEU A 307 -1.44 40.93 -4.03
C LEU A 307 -1.36 39.91 -2.90
N VAL A 308 -0.29 39.12 -2.83
CA VAL A 308 -0.19 38.00 -1.89
C VAL A 308 0.93 38.31 -0.92
N ASP A 309 0.57 38.67 0.31
CA ASP A 309 1.51 38.96 1.39
C ASP A 309 2.14 37.66 1.89
N LEU A 310 2.89 36.98 1.03
CA LEU A 310 3.52 35.71 1.36
C LEU A 310 5.03 35.82 1.23
N GLN A 311 5.74 35.01 2.01
CA GLN A 311 7.18 34.96 1.93
C GLN A 311 7.60 34.44 0.55
N PRO A 312 8.73 34.92 -0.01
CA PRO A 312 9.68 35.86 0.60
C PRO A 312 9.36 37.33 0.36
N SER A 313 8.29 37.60 -0.40
CA SER A 313 7.88 38.99 -0.60
C SER A 313 7.16 39.53 0.62
N GLY A 314 6.39 38.68 1.31
CA GLY A 314 5.66 39.10 2.49
C GLY A 314 6.02 38.29 3.72
N THR A 315 5.03 38.04 4.58
CA THR A 315 5.26 37.36 5.85
C THR A 315 4.45 36.08 6.05
N HIS A 316 3.35 35.89 5.33
CA HIS A 316 2.49 34.74 5.54
C HIS A 316 2.98 33.55 4.72
N LEU A 317 2.22 32.45 4.76
CA LEU A 317 2.62 31.19 4.18
C LEU A 317 1.47 30.59 3.37
N MET A 318 1.76 29.47 2.71
CA MET A 318 0.81 28.87 1.79
C MET A 318 -0.48 28.43 2.50
N GLU A 319 -0.38 28.02 3.76
CA GLU A 319 -1.58 27.68 4.52
C GLU A 319 -2.54 28.85 4.59
N ASP A 320 -2.02 30.03 4.97
CA ASP A 320 -2.84 31.23 4.99
C ASP A 320 -3.36 31.59 3.60
N PHE A 321 -2.57 31.31 2.56
CA PHE A 321 -2.99 31.63 1.20
C PHE A 321 -4.15 30.75 0.76
N TYR A 322 -4.15 29.48 1.16
CA TYR A 322 -5.26 28.60 0.79
C TYR A 322 -6.53 28.97 1.53
N TYR A 323 -6.44 29.24 2.82
CA TYR A 323 -7.62 29.60 3.59
C TYR A 323 -8.17 30.96 3.19
N ALA A 324 -7.37 31.81 2.56
CA ALA A 324 -7.82 33.13 2.13
C ALA A 324 -8.56 33.08 0.79
N GLY A 325 -8.39 32.02 0.01
CA GLY A 325 -9.06 31.90 -1.27
C GLY A 325 -8.22 31.26 -2.34
N GLY A 326 -6.89 31.24 -2.14
CA GLY A 326 -6.01 30.62 -3.10
C GLY A 326 -5.93 31.40 -4.40
N VAL A 327 -5.47 30.69 -5.44
CA VAL A 327 -5.34 31.31 -6.76
C VAL A 327 -6.67 31.81 -7.31
N PRO A 328 -7.78 31.08 -7.22
CA PRO A 328 -9.04 31.62 -7.76
C PRO A 328 -9.42 32.99 -7.20
N ALA A 329 -9.17 33.23 -5.91
CA ALA A 329 -9.45 34.54 -5.35
C ALA A 329 -8.52 35.61 -5.92
N VAL A 330 -7.27 35.24 -6.20
CA VAL A 330 -6.33 36.20 -6.79
C VAL A 330 -6.74 36.54 -8.21
N ILE A 331 -7.18 35.54 -8.97
CA ILE A 331 -7.54 35.77 -10.37
C ILE A 331 -8.76 36.69 -10.47
N ARG A 332 -9.76 36.47 -9.60
CA ARG A 332 -10.92 37.35 -9.58
C ARG A 332 -10.51 38.80 -9.38
N GLU A 333 -9.42 39.05 -8.64
CA GLU A 333 -8.93 40.39 -8.46
C GLU A 333 -8.27 40.94 -9.72
N LEU A 334 -7.93 40.07 -10.69
CA LEU A 334 -7.31 40.49 -11.94
C LEU A 334 -8.29 40.47 -13.11
N GLY A 335 -9.59 40.60 -12.83
CA GLY A 335 -10.59 40.47 -13.88
C GLY A 335 -10.49 41.51 -14.97
N ASP A 336 -9.87 42.66 -14.70
CA ASP A 336 -9.76 43.71 -15.68
C ASP A 336 -8.51 43.61 -16.56
N VAL A 337 -7.61 42.67 -16.26
CA VAL A 337 -6.37 42.53 -17.02
C VAL A 337 -6.19 41.16 -17.63
N ILE A 338 -6.97 40.16 -17.22
CA ILE A 338 -6.77 38.80 -17.71
C ILE A 338 -7.60 38.59 -18.97
N ALA A 339 -7.24 37.56 -19.72
CA ALA A 339 -8.06 37.07 -20.83
C ALA A 339 -9.12 36.16 -20.25
N ARG A 340 -10.32 36.72 -20.02
CA ARG A 340 -11.36 36.01 -19.29
C ARG A 340 -11.80 34.74 -20.01
N ASP A 341 -11.80 34.75 -21.35
CA ASP A 341 -12.35 33.65 -22.13
C ASP A 341 -11.35 32.52 -22.36
N ALA A 342 -10.22 32.50 -21.65
CA ALA A 342 -9.24 31.44 -21.82
C ALA A 342 -9.80 30.11 -21.33
N LEU A 343 -9.74 29.09 -22.18
CA LEU A 343 -10.30 27.79 -21.87
C LEU A 343 -9.39 27.02 -20.91
N THR A 344 -10.01 26.31 -19.96
CA THR A 344 -9.31 25.47 -19.01
C THR A 344 -9.76 24.03 -19.18
N VAL A 345 -9.04 23.12 -18.50
CA VAL A 345 -9.25 21.69 -18.72
C VAL A 345 -10.64 21.25 -18.26
N ASN A 346 -11.24 21.96 -17.30
CA ASN A 346 -12.53 21.54 -16.79
C ASN A 346 -13.68 21.83 -17.75
N GLY A 347 -13.40 22.50 -18.87
CA GLY A 347 -14.42 22.84 -19.84
C GLY A 347 -14.94 24.26 -19.74
N GLN A 348 -14.70 24.93 -18.62
CA GLN A 348 -15.12 26.31 -18.42
C GLN A 348 -13.94 27.25 -18.61
N THR A 349 -14.25 28.51 -18.86
CA THR A 349 -13.20 29.50 -19.04
C THR A 349 -12.49 29.77 -17.72
N LEU A 350 -11.33 30.42 -17.81
CA LEU A 350 -10.56 30.77 -16.62
C LEU A 350 -11.36 31.70 -15.71
N TRP A 351 -12.12 32.62 -16.31
CA TRP A 351 -12.90 33.57 -15.51
C TRP A 351 -14.19 32.95 -14.97
N ASP A 352 -14.74 31.95 -15.65
CA ASP A 352 -15.92 31.26 -15.12
C ASP A 352 -15.59 30.52 -13.83
N ASN A 353 -14.38 29.97 -13.74
CA ASN A 353 -13.98 29.24 -12.54
C ASN A 353 -13.64 30.17 -11.37
N CYS A 354 -13.48 31.46 -11.61
CA CYS A 354 -12.99 32.37 -10.57
C CYS A 354 -13.88 33.59 -10.35
N LYS A 355 -14.93 33.80 -11.14
CA LYS A 355 -15.71 35.03 -11.04
C LYS A 355 -16.33 35.20 -9.67
N ASP A 356 -16.68 34.09 -9.00
CA ASP A 356 -17.32 34.13 -7.69
C ASP A 356 -16.45 33.53 -6.61
N ALA A 357 -15.14 33.44 -6.84
CA ALA A 357 -14.22 32.92 -5.84
C ALA A 357 -14.21 33.81 -4.61
N PRO A 358 -14.52 33.30 -3.43
CA PRO A 358 -14.58 34.16 -2.24
C PRO A 358 -13.21 34.55 -1.77
N ASN A 359 -13.19 35.56 -0.90
CA ASN A 359 -11.96 36.05 -0.28
C ASN A 359 -12.20 36.15 1.22
N TRP A 360 -11.63 35.20 1.97
CA TRP A 360 -11.88 35.11 3.40
C TRP A 360 -10.84 35.84 4.25
N ASN A 361 -9.78 36.37 3.64
CA ASN A 361 -8.75 37.07 4.39
C ASN A 361 -8.07 38.08 3.47
N ARG A 362 -8.36 39.36 3.69
CA ARG A 362 -7.77 40.42 2.86
C ARG A 362 -6.31 40.66 3.19
N GLU A 363 -5.90 40.44 4.44
CA GLU A 363 -4.53 40.67 4.84
C GLU A 363 -3.55 39.70 4.19
N VAL A 364 -4.04 38.70 3.48
CA VAL A 364 -3.20 37.79 2.71
C VAL A 364 -3.38 38.00 1.21
N ILE A 365 -4.62 38.18 0.76
CA ILE A 365 -4.94 38.43 -0.65
C ILE A 365 -5.53 39.83 -0.71
N HIS A 366 -4.71 40.81 -1.09
CA HIS A 366 -5.17 42.20 -1.16
C HIS A 366 -6.07 42.41 -2.37
N ALA A 367 -6.89 43.46 -2.28
CA ALA A 367 -7.63 43.91 -3.45
C ALA A 367 -6.69 44.59 -4.43
N PHE A 368 -7.14 44.68 -5.68
CA PHE A 368 -6.28 45.23 -6.73
C PHE A 368 -5.95 46.70 -6.47
N ASN A 369 -6.96 47.50 -6.13
CA ASN A 369 -6.77 48.92 -5.90
C ASN A 369 -6.07 49.21 -4.57
N GLU A 370 -6.01 48.23 -3.67
CA GLU A 370 -5.30 48.36 -2.40
C GLU A 370 -4.29 47.23 -2.27
N PRO A 371 -3.30 47.15 -3.18
CA PRO A 371 -2.47 45.95 -3.25
C PRO A 371 -1.47 45.84 -2.10
N PHE A 372 -0.73 44.72 -2.08
CA PHE A 372 0.30 44.52 -1.06
C PHE A 372 1.58 45.27 -1.42
N LYS A 373 2.03 45.13 -2.66
CA LYS A 373 3.16 45.89 -3.17
C LYS A 373 2.86 46.37 -4.57
N THR A 374 3.32 47.58 -4.89
CA THR A 374 3.07 48.20 -6.19
C THR A 374 4.21 47.90 -7.16
N GLU A 375 3.85 47.71 -8.43
CA GLU A 375 4.83 47.52 -9.51
C GLU A 375 5.76 46.34 -9.20
N ALA A 376 5.19 45.24 -8.73
CA ALA A 376 5.97 44.16 -8.16
C ALA A 376 6.22 43.00 -9.13
N GLY A 377 5.88 43.15 -10.40
CA GLY A 377 6.17 42.11 -11.36
C GLY A 377 7.65 41.99 -11.65
N ILE A 378 8.03 40.81 -12.14
CA ILE A 378 9.43 40.57 -12.49
C ILE A 378 9.82 41.47 -13.66
N ALA A 379 10.98 42.11 -13.54
CA ALA A 379 11.47 43.05 -14.54
C ALA A 379 12.63 42.42 -15.32
N VAL A 380 12.62 42.64 -16.62
CA VAL A 380 13.68 42.17 -17.51
C VAL A 380 14.61 43.33 -17.80
N LEU A 381 15.88 43.19 -17.40
CA LEU A 381 16.88 44.23 -17.60
C LEU A 381 17.62 44.02 -18.90
N ARG A 382 17.75 45.09 -19.68
CA ARG A 382 18.57 45.10 -20.89
C ARG A 382 19.82 45.94 -20.65
N GLY A 383 20.82 45.70 -21.47
CA GLY A 383 22.06 46.44 -21.37
C GLY A 383 23.21 45.66 -21.96
N ASN A 384 24.37 46.32 -21.98
CA ASN A 384 25.57 45.70 -22.54
C ASN A 384 26.03 44.51 -21.71
N LEU A 385 25.71 44.50 -20.41
CA LEU A 385 26.11 43.39 -19.55
C LEU A 385 25.27 42.15 -19.75
N CYS A 386 24.05 42.29 -20.26
CA CYS A 386 23.17 41.15 -20.54
C CYS A 386 22.48 41.38 -21.89
N PRO A 387 23.20 41.17 -23.00
CA PRO A 387 22.61 41.44 -24.31
C PRO A 387 21.37 40.62 -24.61
N ASP A 388 21.27 39.40 -24.08
CA ASP A 388 20.10 38.57 -24.27
C ASP A 388 19.14 38.61 -23.09
N GLY A 389 19.42 39.42 -22.07
CA GLY A 389 18.46 39.64 -21.01
C GLY A 389 18.88 39.20 -19.62
N ALA A 390 18.21 39.76 -18.61
CA ALA A 390 18.38 39.36 -17.23
C ALA A 390 17.10 39.75 -16.49
N VAL A 391 16.86 39.07 -15.37
CA VAL A 391 15.62 39.28 -14.63
C VAL A 391 15.94 39.67 -13.19
N ILE A 392 14.94 40.28 -12.54
CA ILE A 392 15.03 40.63 -11.13
C ILE A 392 13.63 40.58 -10.55
N LYS A 393 13.54 40.23 -9.26
CA LYS A 393 12.26 40.10 -8.59
C LYS A 393 12.11 41.22 -7.56
N PRO A 394 11.62 42.39 -7.97
CA PRO A 394 11.52 43.52 -7.02
C PRO A 394 10.47 43.33 -5.94
N SER A 395 9.62 42.30 -6.04
CA SER A 395 8.65 42.05 -4.99
C SER A 395 9.32 41.64 -3.68
N ALA A 396 10.53 41.10 -3.74
CA ALA A 396 11.28 40.70 -2.56
C ALA A 396 12.59 41.47 -2.40
N ALA A 397 12.78 42.54 -3.17
CA ALA A 397 14.02 43.30 -3.16
C ALA A 397 13.88 44.56 -2.31
N THR A 398 15.01 45.23 -2.10
CA THR A 398 15.01 46.48 -1.36
C THR A 398 14.67 47.63 -2.29
N PRO A 399 13.66 48.46 -1.97
CA PRO A 399 13.34 49.58 -2.87
C PRO A 399 14.48 50.56 -3.07
N ALA A 400 15.28 50.81 -2.02
CA ALA A 400 16.37 51.78 -2.11
C ALA A 400 17.47 51.32 -3.05
N LEU A 401 17.56 50.02 -3.35
CA LEU A 401 18.64 49.49 -4.16
C LEU A 401 18.26 49.22 -5.62
N LEU A 402 16.97 49.36 -5.97
CA LEU A 402 16.56 49.14 -7.35
C LEU A 402 17.24 50.10 -8.32
N LYS A 403 17.80 51.21 -7.82
CA LYS A 403 18.55 52.17 -8.63
C LYS A 403 19.89 52.36 -7.93
N HIS A 404 20.93 51.69 -8.41
CA HIS A 404 22.19 51.63 -7.69
C HIS A 404 23.37 51.56 -8.65
N LYS A 405 24.41 52.32 -8.33
CA LYS A 405 25.70 52.27 -9.02
C LYS A 405 26.76 51.89 -7.99
N GLY A 406 27.70 51.03 -8.38
CA GLY A 406 28.65 50.54 -7.40
C GLY A 406 29.86 49.89 -8.03
N ARG A 407 30.89 49.74 -7.20
CA ARG A 407 32.13 49.06 -7.57
C ARG A 407 31.93 47.55 -7.53
N ALA A 408 32.58 46.85 -8.45
CA ALA A 408 32.35 45.42 -8.65
C ALA A 408 33.35 44.60 -7.84
N VAL A 409 32.81 43.69 -7.02
CA VAL A 409 33.59 42.65 -6.36
C VAL A 409 33.29 41.34 -7.11
N VAL A 410 34.27 40.85 -7.87
CA VAL A 410 34.05 39.78 -8.84
C VAL A 410 34.46 38.45 -8.23
N PHE A 411 33.62 37.43 -8.45
CA PHE A 411 33.93 36.06 -8.10
C PHE A 411 33.89 35.23 -9.37
N GLU A 412 35.00 34.53 -9.68
CA GLU A 412 35.10 33.82 -10.94
C GLU A 412 34.22 32.58 -10.97
N ASN A 413 33.93 31.99 -9.82
CA ASN A 413 33.05 30.84 -9.74
C ASN A 413 32.51 30.73 -8.32
N SER A 414 31.72 29.68 -8.08
CA SER A 414 31.10 29.50 -6.77
C SER A 414 32.13 29.16 -5.71
N GLU A 415 33.09 28.29 -6.03
CA GLU A 415 34.15 27.96 -5.09
C GLU A 415 34.94 29.19 -4.70
N HIS A 416 35.30 30.01 -5.70
CA HIS A 416 36.04 31.24 -5.44
C HIS A 416 35.21 32.22 -4.62
N MET A 417 33.88 32.14 -4.71
CA MET A 417 33.03 33.03 -3.92
C MET A 417 33.08 32.65 -2.44
N HIS A 418 32.86 31.37 -2.12
CA HIS A 418 32.89 30.92 -0.73
C HIS A 418 34.25 31.19 -0.10
N GLU A 419 35.32 31.21 -0.90
CA GLU A 419 36.65 31.45 -0.36
C GLU A 419 36.82 32.92 0.02
N ARG A 420 36.46 33.83 -0.89
CA ARG A 420 36.73 35.25 -0.69
C ARG A 420 35.60 35.98 0.05
N MET A 421 34.38 35.43 0.06
CA MET A 421 33.26 36.16 0.65
C MET A 421 33.47 36.39 2.14
N ASP A 422 33.92 35.36 2.87
CA ASP A 422 34.16 35.48 4.30
C ASP A 422 35.58 35.87 4.63
N ASP A 423 36.40 36.20 3.63
CA ASP A 423 37.73 36.73 3.87
C ASP A 423 37.62 38.15 4.41
N GLU A 424 38.20 38.39 5.59
CA GLU A 424 38.12 39.71 6.20
C GLU A 424 38.90 40.76 5.39
N ASN A 425 39.92 40.33 4.66
CA ASN A 425 40.71 41.26 3.85
C ASN A 425 39.99 41.72 2.59
N LEU A 426 38.75 41.27 2.36
CA LEU A 426 38.03 41.61 1.14
C LEU A 426 37.65 43.09 1.14
N ASP A 427 38.10 43.80 0.11
CA ASP A 427 37.77 45.22 -0.06
C ASP A 427 36.34 45.36 -0.56
N VAL A 428 35.39 45.54 0.36
CA VAL A 428 33.98 45.63 -0.02
C VAL A 428 33.22 46.36 1.08
N ASP A 429 32.33 47.25 0.65
CA ASP A 429 31.33 47.87 1.51
C ASP A 429 29.94 47.50 0.99
N GLU A 430 28.91 48.01 1.67
CA GLU A 430 27.55 47.65 1.31
C GLU A 430 27.06 48.29 0.02
N ASN A 431 27.85 49.17 -0.58
CA ASN A 431 27.49 49.82 -1.83
C ASN A 431 28.19 49.23 -3.04
N CYS A 432 28.94 48.14 -2.86
CA CYS A 432 29.56 47.46 -3.98
C CYS A 432 28.55 46.53 -4.67
N VAL A 433 28.90 46.09 -5.87
CA VAL A 433 28.08 45.18 -6.65
C VAL A 433 28.78 43.84 -6.72
N LEU A 434 28.15 42.81 -6.17
CA LEU A 434 28.73 41.47 -6.14
C LEU A 434 28.43 40.76 -7.46
N VAL A 435 29.48 40.23 -8.09
CA VAL A 435 29.38 39.61 -9.41
C VAL A 435 29.87 38.17 -9.30
N LEU A 436 29.03 37.22 -9.74
CA LEU A 436 29.34 35.80 -9.73
C LEU A 436 29.31 35.28 -11.15
N LYS A 437 30.40 34.62 -11.57
CA LYS A 437 30.55 34.13 -12.93
C LYS A 437 30.45 32.62 -12.98
N ASN A 438 30.13 32.12 -14.18
CA ASN A 438 30.24 30.70 -14.52
C ASN A 438 29.33 29.82 -13.67
N CYS A 439 28.07 30.27 -13.50
CA CYS A 439 27.08 29.47 -12.79
C CYS A 439 25.80 29.32 -13.60
N GLY A 440 25.88 29.47 -14.92
CA GLY A 440 24.74 29.29 -15.78
C GLY A 440 24.60 27.85 -16.22
N PRO A 441 23.82 27.62 -17.29
CA PRO A 441 23.60 26.24 -17.76
C PRO A 441 24.88 25.49 -18.09
N ARG A 442 25.83 26.13 -18.76
CA ARG A 442 27.08 25.47 -19.12
C ARG A 442 28.09 25.49 -17.97
N GLY A 443 28.16 26.61 -17.24
CA GLY A 443 29.27 26.83 -16.31
C GLY A 443 29.24 25.93 -15.09
N TYR A 444 28.08 25.81 -14.44
CA TYR A 444 28.03 25.15 -13.14
C TYR A 444 28.37 23.66 -13.22
N PRO A 445 27.76 22.84 -14.09
CA PRO A 445 26.68 23.09 -15.05
C PRO A 445 25.30 22.83 -14.45
N GLY A 446 24.24 23.29 -15.13
CA GLY A 446 22.88 23.12 -14.66
C GLY A 446 22.25 24.37 -14.10
N MET A 447 22.99 25.49 -14.04
CA MET A 447 22.48 26.77 -13.56
C MET A 447 21.84 26.63 -12.19
N ALA A 448 22.69 26.54 -11.18
CA ALA A 448 22.24 26.30 -9.83
C ALA A 448 21.69 27.58 -9.21
N GLU A 449 21.03 27.42 -8.06
CA GLU A 449 20.40 28.54 -7.35
C GLU A 449 21.43 29.16 -6.41
N ALA A 450 22.38 29.88 -7.02
CA ALA A 450 23.45 30.54 -6.28
C ALA A 450 23.39 32.06 -6.37
N GLY A 451 22.36 32.62 -6.99
CA GLY A 451 22.32 34.07 -7.19
C GLY A 451 22.22 34.84 -5.88
N ASN A 452 21.50 34.29 -4.91
CA ASN A 452 21.31 34.94 -3.62
C ASN A 452 22.55 34.69 -2.74
N MET A 453 23.65 35.33 -3.15
CA MET A 453 24.92 35.10 -2.48
C MET A 453 24.83 35.58 -1.03
N PRO A 454 25.34 34.80 -0.07
CA PRO A 454 25.49 35.31 1.29
C PRO A 454 26.43 36.50 1.32
N LEU A 455 26.04 37.52 2.08
CA LEU A 455 26.79 38.76 2.14
C LEU A 455 28.08 38.57 2.94
N PRO A 456 29.07 39.44 2.74
CA PRO A 456 30.28 39.39 3.54
C PRO A 456 29.97 39.55 5.02
N PRO A 457 30.60 38.77 5.88
CA PRO A 457 30.27 38.84 7.32
C PRO A 457 30.50 40.21 7.93
N LYS A 458 31.52 40.94 7.47
CA LYS A 458 31.76 42.28 7.99
C LYS A 458 30.57 43.20 7.74
N ILE A 459 29.82 42.95 6.67
CA ILE A 459 28.64 43.75 6.36
C ILE A 459 27.40 43.26 7.11
N LEU A 460 27.28 41.95 7.33
CA LEU A 460 26.14 41.43 8.08
C LEU A 460 26.14 41.92 9.52
N ARG A 461 27.32 42.15 10.10
CA ARG A 461 27.39 42.68 11.46
C ARG A 461 26.87 44.11 11.56
N LYS A 462 26.91 44.86 10.46
CA LYS A 462 26.36 46.22 10.44
C LYS A 462 24.84 46.26 10.40
N GLY A 463 24.19 45.11 10.28
CA GLY A 463 22.74 45.06 10.12
C GLY A 463 22.26 45.11 8.70
N ILE A 464 23.17 45.14 7.72
CA ILE A 464 22.81 45.19 6.31
C ILE A 464 22.60 43.77 5.82
N THR A 465 21.41 43.49 5.30
CA THR A 465 21.05 42.14 4.86
C THR A 465 20.85 42.03 3.36
N ASP A 466 21.09 43.10 2.59
CA ASP A 466 20.87 43.04 1.16
C ASP A 466 21.85 43.94 0.43
N MET A 467 22.44 43.41 -0.63
CA MET A 467 23.31 44.17 -1.53
C MET A 467 22.95 43.80 -2.96
N VAL A 468 23.35 44.67 -3.90
CA VAL A 468 23.18 44.35 -5.31
C VAL A 468 24.06 43.15 -5.66
N ARG A 469 23.48 42.21 -6.40
CA ARG A 469 24.19 40.98 -6.74
C ARG A 469 23.88 40.62 -8.19
N VAL A 470 24.93 40.42 -8.98
CA VAL A 470 24.83 40.08 -10.40
C VAL A 470 25.40 38.69 -10.60
N SER A 471 24.69 37.86 -11.36
CA SER A 471 25.15 36.51 -11.63
C SER A 471 24.39 35.95 -12.83
N ASP A 472 25.02 34.98 -13.49
CA ASP A 472 24.36 34.19 -14.53
C ASP A 472 23.67 32.96 -13.97
N ALA A 473 23.46 32.91 -12.66
CA ALA A 473 22.87 31.77 -11.99
C ALA A 473 21.40 32.02 -11.71
N ARG A 474 20.69 30.95 -11.36
CA ARG A 474 19.31 31.06 -10.91
C ARG A 474 19.27 31.39 -9.43
N MET A 475 18.06 31.37 -8.87
CA MET A 475 17.86 31.63 -7.45
C MET A 475 16.63 30.86 -7.00
N SER A 476 16.69 30.34 -5.78
CA SER A 476 15.52 29.68 -5.20
C SER A 476 14.34 30.65 -5.16
N GLY A 477 13.16 30.14 -5.51
CA GLY A 477 11.95 30.95 -5.44
C GLY A 477 11.64 31.45 -4.05
N THR A 478 12.24 30.85 -3.04
CA THR A 478 12.08 31.26 -1.65
C THR A 478 13.05 32.36 -1.24
N ALA A 479 13.96 32.76 -2.12
CA ALA A 479 14.98 33.73 -1.78
C ALA A 479 14.51 35.15 -2.08
N TYR A 480 15.33 36.13 -1.69
CA TYR A 480 14.93 37.52 -1.67
C TYR A 480 16.16 38.38 -1.93
N GLY A 481 16.00 39.70 -1.79
CA GLY A 481 17.08 40.63 -2.01
C GLY A 481 17.11 41.19 -3.42
N THR A 482 17.88 42.26 -3.58
CA THR A 482 18.03 42.92 -4.88
C THR A 482 19.10 42.17 -5.66
N VAL A 483 18.67 41.18 -6.43
CA VAL A 483 19.58 40.30 -7.15
C VAL A 483 19.10 40.17 -8.59
N VAL A 484 19.97 40.51 -9.53
CA VAL A 484 19.68 40.31 -10.95
C VAL A 484 20.15 38.91 -11.33
N LEU A 485 19.34 38.20 -12.11
CA LEU A 485 19.53 36.78 -12.35
C LEU A 485 19.43 36.49 -13.83
N HIS A 486 19.80 35.25 -14.18
CA HIS A 486 19.65 34.71 -15.53
C HIS A 486 20.38 35.56 -16.56
N VAL A 487 21.51 36.15 -16.18
CA VAL A 487 22.28 36.99 -17.09
C VAL A 487 22.70 36.16 -18.29
N ALA A 488 22.19 36.51 -19.47
CA ALA A 488 22.42 35.77 -20.69
C ALA A 488 23.05 36.65 -21.76
N PRO A 489 24.03 36.13 -22.52
CA PRO A 489 24.59 34.79 -22.38
C PRO A 489 25.47 34.66 -21.14
N GLU A 490 25.52 33.45 -20.57
CA GLU A 490 26.29 33.21 -19.37
C GLU A 490 27.78 33.44 -19.64
N ALA A 491 28.54 33.58 -18.55
CA ALA A 491 29.97 33.82 -18.68
C ALA A 491 30.67 32.67 -19.40
N ALA A 492 30.26 31.42 -19.11
CA ALA A 492 30.89 30.26 -19.72
C ALA A 492 30.68 30.20 -21.22
N ALA A 493 29.68 30.91 -21.74
CA ALA A 493 29.40 30.94 -23.17
C ALA A 493 29.98 32.16 -23.87
N GLY A 494 30.80 32.96 -23.16
CA GLY A 494 31.42 34.13 -23.74
C GLY A 494 30.67 35.43 -23.53
N GLY A 495 29.56 35.41 -22.78
CA GLY A 495 28.83 36.62 -22.49
C GLY A 495 29.70 37.64 -21.79
N PRO A 496 29.38 38.93 -21.98
CA PRO A 496 30.21 39.99 -21.38
C PRO A 496 30.32 39.92 -19.87
N LEU A 497 29.48 39.13 -19.20
CA LEU A 497 29.63 38.94 -17.76
C LEU A 497 30.99 38.31 -17.43
N ALA A 498 31.53 37.49 -18.33
CA ALA A 498 32.82 36.86 -18.10
C ALA A 498 33.97 37.85 -18.06
N LEU A 499 33.76 39.07 -18.55
CA LEU A 499 34.82 40.05 -18.67
C LEU A 499 34.80 41.11 -17.56
N VAL A 500 33.88 40.98 -16.60
CA VAL A 500 33.83 41.95 -15.51
C VAL A 500 35.02 41.74 -14.58
N GLN A 501 35.63 42.84 -14.15
CA GLN A 501 36.78 42.79 -13.27
C GLN A 501 36.52 43.68 -12.05
N ASP A 502 37.33 43.47 -11.01
CA ASP A 502 37.20 44.25 -9.80
C ASP A 502 37.49 45.72 -10.07
N GLY A 503 36.64 46.60 -9.54
CA GLY A 503 36.75 48.01 -9.76
C GLY A 503 35.80 48.58 -10.79
N ASP A 504 35.33 47.75 -11.72
CA ASP A 504 34.40 48.24 -12.74
C ASP A 504 33.11 48.72 -12.11
N ILE A 505 32.58 49.82 -12.64
CA ILE A 505 31.33 50.40 -12.16
C ILE A 505 30.17 49.73 -12.89
N ILE A 506 29.24 49.18 -12.12
CA ILE A 506 28.06 48.52 -12.67
C ILE A 506 26.82 49.32 -12.26
N GLU A 507 25.97 49.61 -13.23
CA GLU A 507 24.79 50.45 -13.03
C GLU A 507 23.54 49.61 -13.12
N LEU A 508 22.67 49.75 -12.12
CA LEU A 508 21.39 49.04 -12.07
C LEU A 508 20.27 50.07 -11.93
N ASP A 509 19.29 50.02 -12.83
CA ASP A 509 18.14 50.93 -12.82
C ASP A 509 16.92 50.12 -13.24
N VAL A 510 16.29 49.48 -12.25
CA VAL A 510 15.19 48.55 -12.54
C VAL A 510 14.05 49.27 -13.23
N ALA A 511 13.73 50.50 -12.79
CA ALA A 511 12.65 51.24 -13.41
C ALA A 511 12.95 51.54 -14.87
N ALA A 512 14.21 51.84 -15.19
CA ALA A 512 14.61 52.13 -16.56
C ALA A 512 15.04 50.89 -17.34
N ARG A 513 14.94 49.70 -16.72
CA ARG A 513 15.27 48.44 -17.38
C ARG A 513 16.73 48.40 -17.84
N LYS A 514 17.63 48.94 -17.03
CA LYS A 514 19.02 49.06 -17.41
C LYS A 514 19.91 48.24 -16.49
N LEU A 515 20.84 47.50 -17.08
CA LEU A 515 21.96 46.88 -16.38
C LEU A 515 23.18 47.16 -17.25
N HIS A 516 24.01 48.11 -16.83
CA HIS A 516 25.09 48.63 -17.66
C HIS A 516 26.44 48.39 -16.99
N LEU A 517 27.39 47.88 -17.77
CA LEU A 517 28.77 47.72 -17.35
C LEU A 517 29.58 48.89 -17.89
N HIS A 518 30.13 49.71 -17.00
CA HIS A 518 30.84 50.94 -17.40
C HIS A 518 32.26 50.61 -17.87
N VAL A 519 32.32 49.83 -18.96
CA VAL A 519 33.56 49.52 -19.66
C VAL A 519 33.29 49.67 -21.15
N SER A 520 34.17 50.39 -21.84
CA SER A 520 33.96 50.68 -23.25
C SER A 520 33.99 49.39 -24.08
N ASP A 521 33.43 49.49 -25.29
CA ASP A 521 33.46 48.34 -26.19
C ASP A 521 34.89 48.01 -26.61
N GLU A 522 35.71 49.02 -26.88
CA GLU A 522 37.09 48.79 -27.29
C GLU A 522 37.88 48.11 -26.19
N GLU A 523 37.58 48.40 -24.92
CA GLU A 523 38.25 47.72 -23.82
C GLU A 523 37.70 46.32 -23.62
N LEU A 524 36.37 46.15 -23.75
CA LEU A 524 35.79 44.81 -23.67
C LEU A 524 36.35 43.89 -24.76
N ALA A 525 36.61 44.46 -25.95
CA ALA A 525 37.20 43.66 -27.02
C ALA A 525 38.58 43.16 -26.64
N ARG A 526 39.33 43.96 -25.88
CA ARG A 526 40.63 43.50 -25.40
C ARG A 526 40.48 42.46 -24.30
N ARG A 527 39.48 42.64 -23.42
CA ARG A 527 39.21 41.62 -22.42
C ARG A 527 38.73 40.33 -23.07
N ARG A 528 37.94 40.44 -24.15
CA ARG A 528 37.37 39.27 -24.80
C ARG A 528 38.44 38.40 -25.43
N GLU A 529 39.58 39.00 -25.82
CA GLU A 529 40.65 38.22 -26.44
C GLU A 529 41.30 37.26 -25.46
N ALA A 530 41.36 37.61 -24.18
CA ALA A 530 41.97 36.76 -23.18
C ALA A 530 41.02 35.72 -22.61
N TRP A 531 39.74 35.76 -22.98
CA TRP A 531 38.77 34.82 -22.43
C TRP A 531 38.79 33.51 -23.19
N GLN A 532 38.88 32.41 -22.45
CA GLN A 532 38.79 31.07 -23.01
C GLN A 532 37.57 30.37 -22.41
N ALA A 533 36.94 29.53 -23.20
CA ALA A 533 35.82 28.75 -22.69
C ALA A 533 36.30 27.78 -21.63
N PRO A 534 35.53 27.60 -20.55
CA PRO A 534 35.97 26.68 -19.50
C PRO A 534 36.01 25.25 -20.01
N PRO A 535 36.86 24.40 -19.44
CA PRO A 535 36.95 23.02 -19.92
C PRO A 535 35.65 22.26 -19.70
N ALA A 536 35.50 21.17 -20.43
CA ALA A 536 34.27 20.39 -20.39
C ALA A 536 34.08 19.82 -18.98
N PRO A 537 32.91 20.01 -18.36
CA PRO A 537 32.68 19.38 -17.05
C PRO A 537 32.83 17.87 -17.07
N MET A 538 32.34 17.22 -18.13
CA MET A 538 32.50 15.79 -18.31
C MET A 538 32.65 15.50 -19.79
N ALA A 539 33.47 14.50 -20.11
CA ALA A 539 33.70 14.07 -21.49
C ALA A 539 32.81 12.89 -21.87
N ARG A 540 31.70 12.69 -21.15
CA ARG A 540 30.89 11.49 -21.27
C ARG A 540 29.62 11.68 -20.46
N GLY A 541 28.58 10.96 -20.85
CA GLY A 541 27.37 10.90 -20.07
C GLY A 541 26.40 12.03 -20.36
N TRP A 542 25.39 12.11 -19.50
CA TRP A 542 24.32 13.10 -19.67
C TRP A 542 24.86 14.53 -19.59
N VAL A 543 25.82 14.76 -18.68
CA VAL A 543 26.33 16.11 -18.48
C VAL A 543 27.03 16.63 -19.74
N LYS A 544 27.77 15.74 -20.43
CA LYS A 544 28.40 16.14 -21.68
C LYS A 544 27.35 16.53 -22.72
N LEU A 545 26.29 15.71 -22.84
CA LEU A 545 25.20 16.03 -23.76
C LEU A 545 24.54 17.34 -23.37
N TYR A 546 24.31 17.56 -22.07
CA TYR A 546 23.66 18.78 -21.61
C TYR A 546 24.48 20.01 -21.96
N VAL A 547 25.77 20.00 -21.60
CA VAL A 547 26.62 21.17 -21.81
C VAL A 547 26.70 21.53 -23.29
N GLU A 548 26.76 20.52 -24.15
CA GLU A 548 26.92 20.74 -25.59
C GLU A 548 25.63 21.08 -26.31
N HIS A 549 24.47 21.03 -25.63
CA HIS A 549 23.19 21.23 -26.29
C HIS A 549 22.23 22.18 -25.57
N VAL A 550 22.46 22.49 -24.30
CA VAL A 550 21.51 23.32 -23.56
C VAL A 550 21.54 24.74 -24.12
N GLN A 551 20.36 25.37 -24.17
CA GLN A 551 20.24 26.75 -24.60
C GLN A 551 20.35 27.68 -23.39
N GLN A 552 20.44 28.98 -23.68
CA GLN A 552 20.60 29.95 -22.62
C GLN A 552 19.27 30.18 -21.89
N ALA A 553 19.37 30.75 -20.70
CA ALA A 553 18.21 30.91 -19.83
C ALA A 553 17.14 31.81 -20.42
N ASN A 554 17.49 32.67 -21.37
CA ASN A 554 16.50 33.54 -21.99
C ASN A 554 15.56 32.80 -22.94
N LEU A 555 15.88 31.55 -23.29
CA LEU A 555 15.02 30.74 -24.13
C LEU A 555 14.31 29.63 -23.38
N GLY A 556 14.67 29.38 -22.12
CA GLY A 556 14.07 28.32 -21.33
C GLY A 556 15.03 27.27 -20.83
N ALA A 557 16.33 27.37 -21.13
CA ALA A 557 17.33 26.41 -20.70
C ALA A 557 16.97 24.98 -21.14
N ASP A 558 16.40 24.88 -22.33
CA ASP A 558 16.05 23.58 -22.91
C ASP A 558 17.19 23.06 -23.77
N LEU A 559 17.11 21.79 -24.14
CA LEU A 559 18.02 21.24 -25.13
C LEU A 559 17.52 21.58 -26.52
N ASP A 560 18.45 21.92 -27.42
CA ASP A 560 18.07 22.43 -28.74
C ASP A 560 17.27 21.39 -29.52
N PHE A 561 17.70 20.13 -29.51
CA PHE A 561 17.01 19.09 -30.27
C PHE A 561 15.73 18.61 -29.59
N LEU A 562 15.45 19.04 -28.36
CA LEU A 562 14.17 18.77 -27.73
C LEU A 562 13.15 19.87 -27.98
N ARG A 563 13.59 21.03 -28.46
CA ARG A 563 12.69 22.15 -28.71
C ARG A 563 11.64 21.77 -29.74
N GLY A 564 10.37 21.98 -29.41
CA GLY A 564 9.29 21.70 -30.33
C GLY A 564 8.36 20.60 -29.85
N LYS A 565 7.63 20.00 -30.78
CA LYS A 565 6.68 18.93 -30.46
C LYS A 565 6.59 17.99 -31.65
N SER A 566 6.23 16.73 -31.36
CA SER A 566 6.11 15.72 -32.41
C SER A 566 4.76 15.01 -32.39
N GLY A 567 3.81 15.49 -31.59
CA GLY A 567 2.51 14.87 -31.50
C GLY A 567 2.55 13.52 -30.80
N ALA A 568 1.47 12.76 -31.00
CA ALA A 568 1.31 11.45 -30.39
C ALA A 568 0.76 10.45 -31.42
N GLY A 569 1.52 10.24 -32.49
CA GLY A 569 1.13 9.30 -33.51
C GLY A 569 1.22 7.87 -33.02
N ILE A 570 0.90 6.96 -33.93
CA ILE A 570 0.92 5.52 -33.66
C ILE A 570 2.22 4.96 -34.23
N PRO A 571 3.21 4.62 -33.40
CA PRO A 571 4.46 4.05 -33.92
C PRO A 571 4.26 2.63 -34.40
N LYS A 572 5.28 2.11 -35.07
CA LYS A 572 5.23 0.78 -35.66
C LYS A 572 5.13 -0.29 -34.56
N ASP A 573 4.67 -1.47 -34.97
CA ASP A 573 4.64 -2.61 -34.06
C ASP A 573 6.05 -2.96 -33.60
N ASN A 574 6.13 -3.66 -32.46
CA ASN A 574 7.41 -3.99 -31.84
C ASN A 574 7.86 -5.42 -32.11
N HIS A 575 7.16 -6.14 -32.97
CA HIS A 575 7.55 -7.51 -33.30
C HIS A 575 7.25 -7.83 -34.76
N VAL B 8 34.56 7.56 5.88
CA VAL B 8 33.47 8.38 5.37
C VAL B 8 33.08 7.89 3.98
N ARG B 9 31.82 8.15 3.61
CA ARG B 9 31.31 7.81 2.29
C ARG B 9 30.51 9.00 1.77
N ARG B 10 30.02 8.88 0.53
CA ARG B 10 29.53 10.07 -0.18
C ARG B 10 28.24 10.61 0.40
N SER B 11 27.38 9.77 0.98
CA SER B 11 26.12 10.26 1.51
C SER B 11 26.34 11.22 2.67
N GLN B 12 27.47 11.09 3.39
CA GLN B 12 27.79 12.02 4.45
C GLN B 12 28.13 13.41 3.93
N ALA B 13 28.51 13.53 2.65
CA ALA B 13 28.69 14.84 2.05
C ALA B 13 27.37 15.56 1.85
N TRP B 14 26.24 14.87 1.98
CA TRP B 14 24.93 15.50 2.05
C TRP B 14 24.49 15.64 3.50
N PHE B 15 24.23 14.51 4.15
CA PHE B 15 23.57 14.50 5.45
C PHE B 15 24.49 14.89 6.59
N GLY B 16 25.78 14.58 6.51
CA GLY B 16 26.70 14.90 7.59
C GLY B 16 27.17 16.33 7.64
N ARG B 17 26.66 17.19 6.77
CA ARG B 17 27.11 18.57 6.70
C ARG B 17 26.57 19.40 7.86
N LEU B 18 27.44 20.23 8.44
CA LEU B 18 27.06 21.20 9.45
C LEU B 18 26.98 22.60 8.88
N ASP B 19 26.79 22.74 7.57
CA ASP B 19 26.69 24.03 6.92
C ASP B 19 25.23 24.46 6.83
N ARG B 20 25.00 25.59 6.16
CA ARG B 20 23.66 25.93 5.71
C ARG B 20 23.10 24.83 4.82
N ASP B 21 23.96 24.18 4.03
CA ASP B 21 23.52 23.10 3.16
C ASP B 21 23.10 21.86 3.94
N GLY B 22 23.71 21.63 5.11
CA GLY B 22 23.30 20.51 5.94
C GLY B 22 21.85 20.62 6.38
N PHE B 23 21.41 21.83 6.72
CA PHE B 23 20.00 22.09 6.95
C PHE B 23 19.19 21.72 5.72
N ILE B 24 19.66 22.12 4.54
CA ILE B 24 18.89 21.91 3.31
C ILE B 24 18.81 20.42 2.99
N TYR B 25 19.89 19.68 3.21
CA TYR B 25 19.95 18.27 2.85
C TYR B 25 19.16 17.37 3.78
N ARG B 26 18.76 17.85 4.97
CA ARG B 26 18.07 17.01 5.93
C ARG B 26 16.66 17.48 6.25
N SER B 27 16.43 18.79 6.32
CA SER B 27 15.14 19.29 6.79
C SER B 27 14.00 18.84 5.88
N TRP B 28 14.19 18.90 4.57
CA TRP B 28 13.15 18.46 3.66
C TRP B 28 12.92 16.95 3.72
N MET B 29 13.98 16.17 3.95
CA MET B 29 13.83 14.73 4.07
C MET B 29 13.02 14.34 5.30
N LYS B 30 13.06 15.17 6.34
CA LYS B 30 12.36 14.88 7.59
C LYS B 30 10.89 15.28 7.56
N ASN B 31 10.35 15.64 6.40
CA ASN B 31 8.97 16.12 6.35
C ASN B 31 7.95 15.01 6.52
N ARG B 32 8.34 13.75 6.32
CA ARG B 32 7.43 12.62 6.45
C ARG B 32 7.73 11.75 7.66
N GLY B 33 8.57 12.22 8.57
CA GLY B 33 8.88 11.47 9.77
C GLY B 33 10.03 10.48 9.61
N ILE B 34 11.23 11.01 9.44
CA ILE B 34 12.46 10.21 9.38
C ILE B 34 13.30 10.56 10.59
N PRO B 35 13.63 9.60 11.47
CA PRO B 35 14.42 9.93 12.65
C PRO B 35 15.81 10.42 12.26
N HIS B 36 16.32 11.38 13.04
CA HIS B 36 17.57 12.05 12.69
C HIS B 36 18.74 11.07 12.62
N ASP B 37 18.70 10.00 13.40
CA ASP B 37 19.82 9.05 13.38
C ASP B 37 19.92 8.30 12.07
N GLN B 38 18.94 8.41 11.18
CA GLN B 38 19.09 7.85 9.84
C GLN B 38 20.08 8.65 9.00
N PHE B 39 20.38 9.88 9.40
CA PHE B 39 21.37 10.71 8.73
C PHE B 39 22.73 10.66 9.41
N ASP B 40 22.91 9.75 10.37
CA ASP B 40 24.13 9.72 11.18
C ASP B 40 25.34 9.19 10.43
N GLY B 41 25.17 8.72 9.20
CA GLY B 41 26.26 8.13 8.45
C GLY B 41 26.11 6.67 8.15
N ARG B 42 25.03 6.03 8.60
CA ARG B 42 24.77 4.65 8.24
C ARG B 42 24.54 4.55 6.73
N PRO B 43 24.77 3.39 6.14
CA PRO B 43 24.65 3.27 4.67
C PRO B 43 23.27 3.67 4.18
N VAL B 44 23.23 4.64 3.30
CA VAL B 44 22.01 5.03 2.59
C VAL B 44 21.92 4.16 1.34
N ILE B 45 20.80 3.45 1.21
CA ILE B 45 20.61 2.48 0.13
C ILE B 45 19.54 3.02 -0.81
N GLY B 46 19.96 3.36 -2.03
CA GLY B 46 19.00 3.74 -3.05
C GLY B 46 18.43 2.49 -3.72
N ILE B 47 17.10 2.44 -3.82
CA ILE B 47 16.40 1.29 -4.37
C ILE B 47 15.77 1.73 -5.68
N CYS B 48 16.42 1.40 -6.78
CA CYS B 48 15.91 1.74 -8.11
C CYS B 48 14.69 0.87 -8.41
N ASN B 49 13.50 1.48 -8.37
CA ASN B 49 12.25 0.76 -8.52
C ASN B 49 11.70 1.01 -9.93
N THR B 50 11.65 -0.05 -10.74
CA THR B 50 11.08 0.02 -12.09
C THR B 50 9.62 -0.41 -12.13
N PHE B 51 8.91 -0.28 -11.01
CA PHE B 51 7.49 -0.63 -11.00
C PHE B 51 6.72 0.23 -12.01
N SER B 52 5.78 -0.39 -12.71
CA SER B 52 4.93 0.32 -13.64
C SER B 52 3.75 -0.57 -14.02
N GLU B 53 2.57 0.03 -14.06
CA GLU B 53 1.41 -0.67 -14.61
C GLU B 53 1.43 -0.70 -16.13
N LEU B 54 2.34 0.03 -16.76
CA LEU B 54 2.65 -0.15 -18.17
C LEU B 54 3.75 -1.19 -18.40
N THR B 55 4.43 -1.61 -17.34
CA THR B 55 5.36 -2.73 -17.39
C THR B 55 4.75 -3.88 -16.61
N PRO B 56 3.82 -4.64 -17.21
CA PRO B 56 3.07 -5.63 -16.44
C PRO B 56 3.94 -6.71 -15.81
N CYS B 57 5.18 -6.88 -16.28
CA CYS B 57 6.08 -7.87 -15.70
C CYS B 57 6.81 -7.34 -14.48
N ASN B 58 6.81 -6.03 -14.25
CA ASN B 58 7.34 -5.43 -13.04
C ASN B 58 6.25 -4.79 -12.20
N SER B 59 4.99 -5.15 -12.44
CA SER B 59 3.86 -4.55 -11.74
C SER B 59 3.77 -4.97 -10.28
N HIS B 60 4.57 -5.93 -9.85
CA HIS B 60 4.62 -6.36 -8.46
C HIS B 60 5.84 -5.81 -7.73
N PHE B 61 6.50 -4.80 -8.29
CA PHE B 61 7.76 -4.32 -7.73
C PHE B 61 7.58 -3.42 -6.53
N ARG B 62 6.37 -2.91 -6.29
N ARG B 62 6.38 -2.91 -6.28
CA ARG B 62 6.12 -2.20 -5.04
CA ARG B 62 6.14 -2.19 -5.03
C ARG B 62 6.21 -3.14 -3.85
C ARG B 62 6.21 -3.15 -3.83
N THR B 63 5.66 -4.35 -3.99
CA THR B 63 5.80 -5.39 -2.97
C THR B 63 7.25 -5.85 -2.84
N LEU B 64 7.96 -5.93 -3.98
CA LEU B 64 9.38 -6.25 -3.92
C LEU B 64 10.19 -5.14 -3.25
N ALA B 65 9.77 -3.88 -3.41
CA ALA B 65 10.53 -2.77 -2.86
C ALA B 65 10.46 -2.74 -1.34
N GLU B 66 9.26 -2.89 -0.79
N GLU B 66 9.26 -2.90 -0.78
CA GLU B 66 9.11 -2.96 0.66
CA GLU B 66 9.15 -2.93 0.68
C GLU B 66 9.87 -4.13 1.25
C GLU B 66 9.82 -4.16 1.28
N GLN B 67 10.08 -5.18 0.47
CA GLN B 67 10.83 -6.33 0.96
C GLN B 67 12.32 -6.00 1.06
N VAL B 68 12.87 -5.28 0.09
CA VAL B 68 14.26 -4.84 0.17
C VAL B 68 14.44 -3.88 1.34
N LYS B 69 13.46 -2.99 1.56
CA LYS B 69 13.57 -2.00 2.63
C LYS B 69 13.65 -2.66 4.00
N ILE B 70 13.12 -3.60 4.17
CA ILE B 70 13.17 -4.38 5.41
C ILE B 70 14.57 -4.93 5.64
N GLY B 71 14.99 -5.56 4.79
CA GLY B 71 16.35 -6.05 5.00
C GLY B 71 17.32 -4.93 5.32
N VAL B 72 17.16 -3.78 4.66
CA VAL B 72 18.03 -2.64 4.96
C VAL B 72 17.80 -2.15 6.38
N TRP B 73 16.53 -2.02 6.78
CA TRP B 73 16.21 -1.62 8.15
C TRP B 73 16.76 -2.62 9.17
N GLU B 74 16.78 -3.91 8.82
CA GLU B 74 17.32 -4.91 9.72
C GLU B 74 18.81 -4.70 9.97
N SER B 75 19.56 -4.44 8.90
CA SER B 75 21.01 -4.32 8.98
C SER B 75 21.46 -2.91 9.34
N GLY B 76 20.56 -2.07 9.83
CA GLY B 76 20.93 -0.73 10.25
C GLY B 76 21.21 0.24 9.13
N GLY B 77 20.47 0.15 8.03
CA GLY B 77 20.62 1.03 6.89
C GLY B 77 19.48 2.01 6.75
N PHE B 78 19.63 2.88 5.75
CA PHE B 78 18.66 3.94 5.43
C PHE B 78 18.16 3.71 4.01
N PRO B 79 17.03 3.01 3.85
CA PRO B 79 16.52 2.72 2.50
C PRO B 79 15.68 3.85 1.94
N LEU B 80 15.87 4.11 0.65
CA LEU B 80 15.12 5.13 -0.06
C LEU B 80 14.95 4.67 -1.51
N GLU B 81 13.70 4.50 -1.94
CA GLU B 81 13.44 4.09 -3.31
C GLU B 81 13.23 5.31 -4.20
N PHE B 82 13.62 5.16 -5.46
CA PHE B 82 13.47 6.21 -6.46
C PHE B 82 13.06 5.58 -7.77
N PRO B 83 12.33 6.31 -8.62
CA PRO B 83 11.89 5.74 -9.89
C PRO B 83 12.78 6.13 -11.05
N VAL B 84 12.74 5.31 -12.11
CA VAL B 84 13.31 5.64 -13.41
C VAL B 84 12.27 5.30 -14.47
N MET B 85 12.59 5.60 -15.72
CA MET B 85 11.72 5.20 -16.81
C MET B 85 11.67 3.68 -16.89
N SER B 86 10.46 3.12 -16.83
CA SER B 86 10.28 1.68 -16.92
C SER B 86 10.04 1.29 -18.37
N LEU B 87 10.41 0.05 -18.71
CA LEU B 87 10.41 -0.42 -20.08
C LEU B 87 9.59 -1.71 -20.19
N GLY B 88 8.29 -1.56 -20.41
CA GLY B 88 7.45 -2.70 -20.73
C GLY B 88 7.61 -3.10 -22.19
N GLU B 89 8.11 -4.32 -22.42
CA GLU B 89 8.47 -4.71 -23.78
C GLU B 89 7.25 -4.83 -24.68
N THR B 90 6.16 -5.42 -24.18
CA THR B 90 4.97 -5.59 -25.00
C THR B 90 4.26 -4.27 -25.29
N MET B 91 4.55 -3.22 -24.53
CA MET B 91 3.84 -1.95 -24.65
C MET B 91 4.60 -0.91 -25.45
N LEU B 92 5.91 -0.86 -25.33
CA LEU B 92 6.70 0.22 -25.92
C LEU B 92 6.89 -0.03 -27.42
N ARG B 93 6.37 0.88 -28.23
CA ARG B 93 6.56 0.90 -29.67
C ARG B 93 7.26 2.19 -30.08
N PRO B 94 8.12 2.16 -31.12
CA PRO B 94 8.49 1.09 -32.05
C PRO B 94 9.08 -0.17 -31.40
N THR B 95 9.79 0.00 -30.29
CA THR B 95 10.39 -1.11 -29.56
C THR B 95 10.96 -0.61 -28.24
N ALA B 96 10.99 -1.48 -27.23
CA ALA B 96 11.53 -1.08 -25.93
C ALA B 96 13.03 -0.82 -26.00
N MET B 97 13.73 -1.48 -26.92
CA MET B 97 15.17 -1.26 -27.07
C MET B 97 15.48 0.19 -27.43
N LEU B 98 14.56 0.86 -28.14
CA LEU B 98 14.77 2.26 -28.51
C LEU B 98 14.99 3.15 -27.29
N PHE B 99 14.45 2.76 -26.14
CA PHE B 99 14.49 3.58 -24.94
C PHE B 99 15.37 2.98 -23.85
N ARG B 100 16.09 1.90 -24.13
CA ARG B 100 16.97 1.30 -23.12
C ARG B 100 18.06 2.27 -22.70
N ASN B 101 18.66 2.98 -23.66
CA ASN B 101 19.73 3.92 -23.32
C ASN B 101 19.20 5.15 -22.61
N LEU B 102 17.96 5.57 -22.91
CA LEU B 102 17.37 6.70 -22.20
C LEU B 102 17.14 6.35 -20.74
N ALA B 103 16.72 5.12 -20.46
CA ALA B 103 16.51 4.71 -19.07
C ALA B 103 17.82 4.58 -18.33
N SER B 104 18.92 4.24 -19.03
CA SER B 104 20.22 4.15 -18.37
C SER B 104 20.67 5.50 -17.85
N MET B 105 20.34 6.58 -18.55
CA MET B 105 20.69 7.91 -18.06
C MET B 105 19.85 8.30 -16.85
N ASP B 106 18.59 7.85 -16.79
CA ASP B 106 17.80 8.01 -15.57
C ASP B 106 18.53 7.37 -14.39
N VAL B 107 19.01 6.15 -14.58
CA VAL B 107 19.63 5.40 -13.49
C VAL B 107 20.94 6.06 -13.08
N GLU B 108 21.83 6.32 -14.04
CA GLU B 108 23.15 6.85 -13.72
C GLU B 108 23.05 8.19 -13.00
N GLU B 109 22.23 9.11 -13.54
CA GLU B 109 22.16 10.44 -12.95
C GLU B 109 21.43 10.42 -11.61
N SER B 110 20.40 9.60 -11.46
CA SER B 110 19.70 9.50 -10.18
C SER B 110 20.62 8.92 -9.10
N ILE B 111 21.59 8.10 -9.49
CA ILE B 111 22.49 7.52 -8.51
C ILE B 111 23.59 8.50 -8.12
N ARG B 112 24.20 9.16 -9.12
CA ARG B 112 25.29 10.09 -8.82
C ARG B 112 24.77 11.36 -8.17
N GLY B 113 23.60 11.84 -8.58
CA GLY B 113 23.06 13.09 -8.08
C GLY B 113 22.47 13.04 -6.70
N ASN B 114 22.24 11.85 -6.15
CA ASN B 114 21.60 11.68 -4.85
C ASN B 114 22.58 11.10 -3.83
N PRO B 115 22.34 11.33 -2.53
CA PRO B 115 23.24 10.82 -1.48
C PRO B 115 23.09 9.32 -1.23
N LEU B 116 23.51 8.53 -2.20
CA LEU B 116 23.40 7.08 -2.12
C LEU B 116 24.79 6.48 -1.92
N ASP B 117 24.91 5.58 -0.94
CA ASP B 117 26.12 4.81 -0.72
C ASP B 117 26.09 3.46 -1.40
N GLY B 118 24.92 2.81 -1.45
CA GLY B 118 24.74 1.59 -2.19
C GLY B 118 23.49 1.66 -3.05
N VAL B 119 23.35 0.70 -3.95
CA VAL B 119 22.23 0.67 -4.89
C VAL B 119 21.65 -0.74 -4.92
N VAL B 120 20.32 -0.82 -4.94
CA VAL B 120 19.59 -2.06 -5.18
C VAL B 120 18.80 -1.88 -6.48
N LEU B 121 19.03 -2.77 -7.43
CA LEU B 121 18.40 -2.69 -8.74
C LEU B 121 17.24 -3.68 -8.81
N LEU B 122 16.04 -3.17 -9.08
CA LEU B 122 14.84 -3.99 -9.25
C LEU B 122 14.63 -4.19 -10.74
N MET B 123 14.98 -5.37 -11.24
CA MET B 123 14.97 -5.65 -12.66
C MET B 123 14.02 -6.81 -12.94
N GLY B 124 13.29 -6.71 -14.05
CA GLY B 124 12.36 -7.76 -14.44
C GLY B 124 12.20 -7.88 -15.93
N CYS B 125 11.17 -6.77 -16.53
CA CYS B 125 11.09 -7.11 -17.95
C CYS B 125 12.39 -6.80 -18.65
N ASP B 126 12.61 -7.45 -19.79
CA ASP B 126 13.89 -7.48 -20.50
C ASP B 126 14.72 -6.21 -20.38
N KCX B 127 14.29 -5.16 -21.07
CA KCX B 127 15.04 -3.92 -21.19
CB KCX B 127 14.25 -2.98 -22.11
CG KCX B 127 14.99 -2.65 -23.40
CD KCX B 127 15.66 -3.87 -24.01
CE KCX B 127 14.79 -4.56 -25.07
NZ KCX B 127 15.56 -5.59 -25.75
C KCX B 127 15.35 -3.22 -19.86
O KCX B 127 16.24 -2.44 -19.80
CX KCX B 127 15.34 -6.98 -25.43
OQ1 KCX B 127 16.28 -7.81 -25.53
OQ2 KCX B 127 14.21 -7.39 -25.05
N THR B 128 14.60 -3.54 -18.82
CA THR B 128 14.81 -2.92 -17.52
C THR B 128 16.08 -3.45 -16.84
N THR B 129 16.52 -4.66 -17.23
CA THR B 129 17.75 -5.21 -16.66
C THR B 129 18.98 -4.51 -17.21
N PRO B 130 19.22 -4.45 -18.53
CA PRO B 130 20.44 -3.76 -18.99
C PRO B 130 20.44 -2.27 -18.67
N SER B 131 19.29 -1.60 -18.79
CA SER B 131 19.25 -0.17 -18.53
C SER B 131 19.69 0.16 -17.11
N LEU B 132 19.24 -0.64 -16.13
CA LEU B 132 19.68 -0.42 -14.76
C LEU B 132 21.13 -0.84 -14.56
N MET B 133 21.51 -1.98 -15.14
CA MET B 133 22.89 -2.43 -15.04
C MET B 133 23.85 -1.46 -15.71
N MET B 134 23.46 -0.92 -16.88
CA MET B 134 24.30 0.05 -17.57
C MET B 134 24.46 1.33 -16.76
N GLY B 135 23.35 1.86 -16.24
CA GLY B 135 23.43 3.11 -15.51
C GLY B 135 24.23 2.99 -14.23
N ALA B 136 24.00 1.92 -13.47
CA ALA B 136 24.72 1.73 -12.22
C ALA B 136 26.21 1.49 -12.47
N ALA B 137 26.54 0.77 -13.54
CA ALA B 137 27.95 0.51 -13.85
C ALA B 137 28.72 1.79 -14.09
N SER B 138 28.08 2.82 -14.66
CA SER B 138 28.72 4.10 -14.88
C SER B 138 28.96 4.87 -13.59
N CYS B 139 28.49 4.37 -12.45
CA CYS B 139 28.75 4.98 -11.15
C CYS B 139 29.66 4.14 -10.28
N ASP B 140 29.58 2.81 -10.39
CA ASP B 140 30.46 1.88 -9.69
C ASP B 140 30.33 1.97 -8.18
N LEU B 141 29.12 2.23 -7.68
CA LEU B 141 28.85 2.10 -6.27
C LEU B 141 28.58 0.64 -5.93
N PRO B 142 28.67 0.27 -4.64
CA PRO B 142 28.25 -1.08 -4.25
C PRO B 142 26.80 -1.35 -4.66
N THR B 143 26.61 -2.28 -5.59
CA THR B 143 25.31 -2.50 -6.21
C THR B 143 24.96 -3.99 -6.17
N ILE B 144 23.70 -4.28 -5.89
CA ILE B 144 23.17 -5.64 -5.93
C ILE B 144 21.90 -5.62 -6.76
N GLY B 145 21.70 -6.68 -7.55
CA GLY B 145 20.55 -6.80 -8.43
C GLY B 145 19.55 -7.80 -7.89
N VAL B 146 18.28 -7.40 -7.91
CA VAL B 146 17.16 -8.26 -7.52
C VAL B 146 16.26 -8.40 -8.73
N SER B 147 16.06 -9.63 -9.18
CA SER B 147 15.21 -9.91 -10.32
C SER B 147 13.77 -10.11 -9.86
N GLY B 148 12.83 -9.79 -10.75
CA GLY B 148 11.42 -9.89 -10.42
C GLY B 148 10.88 -11.29 -10.38
N GLY B 149 11.48 -12.20 -11.15
CA GLY B 149 11.04 -13.58 -11.19
C GLY B 149 10.14 -13.85 -12.37
N PRO B 150 10.16 -15.08 -12.88
CA PRO B 150 9.28 -15.46 -13.98
C PRO B 150 7.85 -15.73 -13.50
N MET B 151 6.93 -15.64 -14.45
CA MET B 151 5.54 -15.93 -14.18
C MET B 151 5.31 -17.43 -14.05
N LEU B 152 4.17 -17.78 -13.47
CA LEU B 152 3.77 -19.18 -13.44
C LEU B 152 3.50 -19.68 -14.86
N SER B 153 3.64 -20.98 -15.05
CA SER B 153 3.36 -21.58 -16.35
C SER B 153 1.90 -21.37 -16.73
N GLY B 154 1.67 -20.97 -17.98
CA GLY B 154 0.31 -20.81 -18.46
C GLY B 154 -0.41 -22.15 -18.50
N LYS B 155 -1.67 -22.13 -18.12
CA LYS B 155 -2.52 -23.33 -18.05
C LYS B 155 -3.70 -23.13 -18.98
N PHE B 156 -3.74 -23.90 -20.06
CA PHE B 156 -4.75 -23.71 -21.10
C PHE B 156 -5.23 -25.08 -21.58
N ARG B 157 -6.50 -25.38 -21.33
CA ARG B 157 -7.16 -26.57 -21.86
C ARG B 157 -6.44 -27.85 -21.44
N GLY B 158 -5.92 -27.86 -20.22
CA GLY B 158 -5.25 -29.03 -19.69
C GLY B 158 -3.79 -29.19 -20.08
N ARG B 159 -3.24 -28.27 -20.88
CA ARG B 159 -1.83 -28.28 -21.23
C ARG B 159 -1.18 -27.00 -20.75
N GLU B 160 0.04 -26.74 -21.21
CA GLU B 160 0.80 -25.58 -20.75
C GLU B 160 1.14 -24.67 -21.92
N LEU B 161 1.23 -23.38 -21.63
CA LEU B 161 1.60 -22.37 -22.61
C LEU B 161 2.91 -21.70 -22.19
N GLY B 162 3.70 -21.32 -23.18
CA GLY B 162 4.99 -20.68 -22.98
C GLY B 162 4.95 -19.23 -23.41
N SER B 163 5.54 -18.37 -22.58
CA SER B 163 5.58 -16.94 -22.88
C SER B 163 6.35 -16.69 -24.17
N GLY B 164 5.66 -16.11 -25.15
CA GLY B 164 6.29 -15.73 -26.38
C GLY B 164 6.46 -16.89 -27.34
N THR B 165 7.09 -17.96 -26.88
CA THR B 165 7.33 -19.13 -27.74
C THR B 165 6.04 -19.66 -28.32
N ASP B 166 4.96 -19.68 -27.53
CA ASP B 166 3.67 -20.13 -28.04
C ASP B 166 2.89 -19.02 -28.75
N VAL B 167 3.32 -17.77 -28.64
CA VAL B 167 2.72 -16.73 -29.47
C VAL B 167 3.13 -16.92 -30.92
N TRP B 168 4.42 -17.13 -31.18
CA TRP B 168 4.86 -17.42 -32.54
C TRP B 168 4.31 -18.74 -33.05
N LYS B 169 4.26 -19.75 -32.18
CA LYS B 169 3.84 -21.08 -32.62
C LYS B 169 2.36 -21.11 -32.96
N MET B 170 1.51 -20.60 -32.07
CA MET B 170 0.07 -20.62 -32.32
C MET B 170 -0.31 -19.65 -33.44
N SER B 171 0.42 -18.54 -33.58
CA SER B 171 0.14 -17.61 -34.67
C SER B 171 0.38 -18.27 -36.03
N GLU B 172 1.55 -18.89 -36.19
CA GLU B 172 1.86 -19.57 -37.45
C GLU B 172 0.86 -20.67 -37.77
N GLU B 173 0.30 -21.31 -36.75
CA GLU B 173 -0.68 -22.37 -36.99
C GLU B 173 -2.02 -21.80 -37.43
N VAL B 174 -2.36 -20.58 -36.98
CA VAL B 174 -3.58 -19.93 -37.45
C VAL B 174 -3.45 -19.58 -38.93
N ARG B 175 -2.29 -19.06 -39.33
CA ARG B 175 -2.06 -18.71 -40.73
C ARG B 175 -1.89 -19.93 -41.62
N ALA B 176 -1.49 -21.07 -41.04
CA ALA B 176 -1.39 -22.33 -41.77
C ALA B 176 -2.72 -23.08 -41.84
N GLY B 177 -3.77 -22.55 -41.21
CA GLY B 177 -5.05 -23.24 -41.15
C GLY B 177 -5.10 -24.39 -40.19
N GLN B 178 -4.09 -24.57 -39.34
CA GLN B 178 -4.02 -25.69 -38.42
C GLN B 178 -4.57 -25.37 -37.04
N MET B 179 -4.83 -24.10 -36.73
CA MET B 179 -5.45 -23.71 -35.47
C MET B 179 -6.49 -22.64 -35.75
N SER B 180 -7.62 -22.72 -35.05
CA SER B 180 -8.66 -21.71 -35.17
C SER B 180 -8.15 -20.37 -34.68
N GLN B 181 -8.69 -19.29 -35.27
CA GLN B 181 -8.36 -17.95 -34.82
C GLN B 181 -9.07 -17.60 -33.52
N GLU B 182 -10.22 -18.23 -33.25
CA GLU B 182 -10.92 -18.02 -31.98
C GLU B 182 -10.15 -18.62 -30.83
N GLU B 183 -9.63 -19.84 -31.00
CA GLU B 183 -8.88 -20.51 -29.94
C GLU B 183 -7.62 -19.73 -29.59
N PHE B 184 -6.96 -19.14 -30.60
CA PHE B 184 -5.73 -18.41 -30.36
C PHE B 184 -5.95 -17.22 -29.42
N PHE B 185 -7.11 -16.57 -29.53
CA PHE B 185 -7.41 -15.40 -28.72
C PHE B 185 -7.99 -15.73 -27.35
N GLU B 186 -8.53 -16.95 -27.18
CA GLU B 186 -8.97 -17.38 -25.87
C GLU B 186 -7.82 -17.74 -24.94
N ALA B 187 -6.61 -17.88 -25.48
CA ALA B 187 -5.46 -18.34 -24.71
C ALA B 187 -4.69 -17.22 -24.03
N GLU B 188 -5.09 -15.96 -24.23
CA GLU B 188 -4.30 -14.86 -23.69
C GLU B 188 -4.60 -14.60 -22.22
N SER B 189 -5.81 -14.92 -21.76
CA SER B 189 -6.10 -14.87 -20.32
C SER B 189 -5.52 -16.06 -19.58
N CYS B 190 -5.16 -17.13 -20.30
CA CYS B 190 -4.66 -18.35 -19.69
C CYS B 190 -3.15 -18.49 -19.77
N MET B 191 -2.51 -17.93 -20.81
CA MET B 191 -1.05 -17.99 -20.88
C MET B 191 -0.41 -17.16 -19.77
N HIS B 192 -1.10 -16.12 -19.30
CA HIS B 192 -0.54 -15.18 -18.35
C HIS B 192 -1.51 -15.03 -17.18
N ARG B 193 -1.14 -15.61 -16.04
CA ARG B 193 -2.03 -15.74 -14.89
C ARG B 193 -1.33 -15.36 -13.59
N SER B 194 -0.17 -14.72 -13.66
CA SER B 194 0.63 -14.48 -12.47
C SER B 194 1.54 -13.28 -12.70
N HIS B 195 2.07 -12.76 -11.59
CA HIS B 195 3.08 -11.72 -11.68
C HIS B 195 4.40 -12.31 -12.16
N GLY B 196 5.25 -11.45 -12.68
CA GLY B 196 6.56 -11.85 -13.17
C GLY B 196 6.74 -11.51 -14.64
N HIS B 197 7.90 -11.92 -15.16
CA HIS B 197 8.29 -11.66 -16.53
C HIS B 197 8.02 -12.88 -17.41
N CYS B 198 8.36 -12.76 -18.68
CA CYS B 198 8.17 -13.87 -19.61
C CYS B 198 8.82 -15.14 -19.10
N MET B 199 8.01 -16.17 -18.99
CA MET B 199 8.41 -17.38 -18.28
C MET B 199 8.94 -18.46 -19.20
N THR B 200 9.41 -18.10 -20.40
CA THR B 200 10.27 -18.98 -21.18
C THR B 200 11.72 -18.54 -20.96
N MET B 201 12.65 -19.18 -21.66
CA MET B 201 14.05 -18.75 -21.63
C MET B 201 14.25 -17.57 -22.60
N GLY B 202 13.44 -16.54 -22.38
CA GLY B 202 13.53 -15.31 -23.14
C GLY B 202 14.56 -14.36 -22.55
N THR B 203 14.52 -13.12 -23.02
CA THR B 203 15.52 -12.14 -22.61
C THR B 203 15.50 -11.92 -21.10
N ALA B 204 14.32 -11.79 -20.51
CA ALA B 204 14.23 -11.53 -19.07
C ALA B 204 14.79 -12.69 -18.25
N SER B 205 14.50 -13.93 -18.66
CA SER B 205 14.99 -15.08 -17.92
C SER B 205 16.51 -15.20 -18.04
N THR B 206 17.05 -14.94 -19.24
CA THR B 206 18.49 -15.05 -19.43
C THR B 206 19.21 -13.90 -18.75
N MET B 207 18.71 -12.67 -18.91
CA MET B 207 19.33 -11.52 -18.24
C MET B 207 19.31 -11.71 -16.73
N ALA B 208 18.21 -12.26 -16.20
CA ALA B 208 18.20 -12.62 -14.78
C ALA B 208 19.23 -13.69 -14.48
N SER B 209 19.40 -14.65 -15.40
CA SER B 209 20.47 -15.63 -15.25
C SER B 209 21.84 -14.97 -15.43
N MET B 210 21.94 -14.01 -16.35
CA MET B 210 23.20 -13.29 -16.53
C MET B 210 23.57 -12.52 -15.27
N VAL B 211 22.59 -11.84 -14.66
CA VAL B 211 22.84 -11.12 -13.41
C VAL B 211 23.41 -12.06 -12.35
N GLU B 212 22.85 -13.27 -12.26
CA GLU B 212 23.32 -14.23 -11.27
C GLU B 212 24.70 -14.78 -11.66
N ALA B 213 24.87 -15.17 -12.92
CA ALA B 213 26.14 -15.74 -13.35
C ALA B 213 27.26 -14.71 -13.31
N LEU B 214 26.94 -13.42 -13.49
CA LEU B 214 27.94 -12.37 -13.35
C LEU B 214 28.34 -12.15 -11.90
N GLY B 215 27.60 -12.72 -10.95
CA GLY B 215 27.86 -12.52 -9.54
C GLY B 215 27.19 -11.30 -8.94
N MET B 216 26.30 -10.64 -9.68
CA MET B 216 25.67 -9.40 -9.24
C MET B 216 24.42 -9.63 -8.41
N SER B 217 24.15 -10.86 -8.00
CA SER B 217 22.97 -11.14 -7.19
C SER B 217 23.29 -12.30 -6.25
N LEU B 218 22.41 -12.51 -5.28
CA LEU B 218 22.52 -13.68 -4.43
C LEU B 218 22.17 -14.93 -5.23
N PRO B 219 22.71 -16.09 -4.85
CA PRO B 219 22.42 -17.32 -5.60
C PRO B 219 20.93 -17.65 -5.59
N GLY B 220 20.44 -18.07 -6.75
CA GLY B 220 19.04 -18.40 -6.93
C GLY B 220 18.15 -17.28 -7.43
N ASN B 221 18.73 -16.11 -7.70
CA ASN B 221 17.92 -14.92 -8.01
C ASN B 221 17.17 -15.07 -9.32
N ALA B 222 17.67 -15.87 -10.25
CA ALA B 222 17.13 -15.86 -11.61
C ALA B 222 15.80 -16.59 -11.72
N ALA B 223 15.72 -17.81 -11.17
CA ALA B 223 14.64 -18.72 -11.52
C ALA B 223 13.42 -18.63 -10.60
N ILE B 224 13.56 -18.07 -9.40
CA ILE B 224 12.47 -18.04 -8.43
C ILE B 224 11.25 -17.33 -9.01
N PRO B 225 10.10 -17.99 -9.09
CA PRO B 225 8.91 -17.32 -9.62
C PRO B 225 8.54 -16.10 -8.80
N ALA B 226 7.95 -15.12 -9.48
CA ALA B 226 7.62 -13.85 -8.83
C ALA B 226 6.65 -14.04 -7.68
N VAL B 227 5.66 -14.94 -7.86
CA VAL B 227 4.66 -15.18 -6.81
C VAL B 227 5.12 -16.20 -5.78
N ASP B 228 6.35 -16.69 -5.88
CA ASP B 228 6.90 -17.62 -4.90
C ASP B 228 7.50 -16.85 -3.74
N ALA B 229 7.28 -17.36 -2.52
CA ALA B 229 7.72 -16.66 -1.32
C ALA B 229 9.24 -16.47 -1.30
N ARG B 230 9.99 -17.40 -1.91
CA ARG B 230 11.44 -17.26 -1.94
C ARG B 230 11.89 -16.01 -2.68
N ARG B 231 11.05 -15.48 -3.57
CA ARG B 231 11.38 -14.22 -4.24
C ARG B 231 11.42 -13.07 -3.25
N ASN B 232 10.48 -13.05 -2.30
CA ASN B 232 10.52 -12.03 -1.25
C ASN B 232 11.75 -12.21 -0.36
N LEU B 233 12.04 -13.45 0.03
CA LEU B 233 13.21 -13.71 0.87
C LEU B 233 14.48 -13.18 0.21
N LEU B 234 14.64 -13.46 -1.08
CA LEU B 234 15.86 -13.03 -1.77
C LEU B 234 15.91 -11.51 -1.91
N ALA B 235 14.76 -10.89 -2.23
CA ALA B 235 14.70 -9.43 -2.25
C ALA B 235 15.04 -8.84 -0.89
N ARG B 236 14.55 -9.48 0.18
CA ARG B 236 14.84 -9.01 1.53
C ARG B 236 16.28 -9.31 1.93
N ALA B 237 16.75 -10.53 1.64
CA ALA B 237 18.16 -10.85 1.90
C ALA B 237 19.10 -9.95 1.12
N SER B 238 18.68 -9.51 -0.07
CA SER B 238 19.47 -8.53 -0.81
C SER B 238 19.48 -7.18 -0.10
N GLY B 239 18.40 -6.84 0.59
CA GLY B 239 18.39 -5.61 1.36
C GLY B 239 19.37 -5.66 2.53
N ARG B 240 19.45 -6.82 3.19
CA ARG B 240 20.44 -6.99 4.25
C ARG B 240 21.86 -6.91 3.70
N ARG B 241 22.11 -7.60 2.58
CA ARG B 241 23.47 -7.76 2.09
C ARG B 241 24.06 -6.43 1.62
N ILE B 242 23.26 -5.60 0.97
CA ILE B 242 23.79 -4.37 0.39
C ILE B 242 24.32 -3.44 1.47
N VAL B 243 23.76 -3.49 2.68
CA VAL B 243 24.27 -2.67 3.77
C VAL B 243 25.69 -3.08 4.13
N GLN B 244 25.94 -4.40 4.17
CA GLN B 244 27.29 -4.87 4.44
C GLN B 244 28.22 -4.61 3.25
N MET B 245 27.69 -4.65 2.03
CA MET B 245 28.50 -4.35 0.86
C MET B 245 29.00 -2.91 0.89
N VAL B 246 28.18 -1.99 1.40
CA VAL B 246 28.62 -0.60 1.53
C VAL B 246 29.76 -0.49 2.53
N LYS B 247 29.61 -1.14 3.69
CA LYS B 247 30.67 -1.12 4.69
C LYS B 247 31.95 -1.74 4.15
N ASP B 248 31.84 -2.81 3.37
CA ASP B 248 32.99 -3.44 2.75
C ASP B 248 33.41 -2.77 1.44
N ASP B 249 32.61 -1.83 0.96
CA ASP B 249 32.88 -1.13 -0.30
C ASP B 249 33.10 -2.13 -1.45
N LEU B 250 32.15 -3.06 -1.59
CA LEU B 250 32.19 -4.06 -2.65
C LEU B 250 31.50 -3.48 -3.88
N VAL B 251 32.27 -2.67 -4.61
CA VAL B 251 31.76 -1.95 -5.77
C VAL B 251 31.58 -2.90 -6.96
N MET B 252 30.86 -2.45 -7.99
CA MET B 252 30.53 -3.32 -9.11
C MET B 252 31.77 -3.82 -9.82
N SER B 253 32.76 -2.94 -10.03
CA SER B 253 33.98 -3.32 -10.75
C SER B 253 34.72 -4.45 -10.08
N LYS B 254 34.57 -4.64 -8.77
CA LYS B 254 35.15 -5.80 -8.11
C LYS B 254 34.40 -7.08 -8.44
N ILE B 255 33.16 -6.97 -8.91
CA ILE B 255 32.36 -8.11 -9.33
C ILE B 255 32.38 -8.27 -10.84
N LEU B 256 31.97 -7.24 -11.57
CA LEU B 256 31.98 -7.29 -13.03
C LEU B 256 33.40 -7.22 -13.57
N THR B 257 34.07 -8.37 -13.64
CA THR B 257 35.41 -8.48 -14.17
C THR B 257 35.38 -9.27 -15.48
N ARG B 258 36.55 -9.40 -16.10
CA ARG B 258 36.65 -10.18 -17.34
C ARG B 258 36.20 -11.62 -17.13
N GLN B 259 36.57 -12.23 -16.00
CA GLN B 259 36.18 -13.60 -15.73
C GLN B 259 34.68 -13.72 -15.50
N ALA B 260 34.07 -12.71 -14.86
CA ALA B 260 32.63 -12.75 -14.62
C ALA B 260 31.86 -12.77 -15.94
N PHE B 261 32.25 -11.90 -16.88
CA PHE B 261 31.62 -11.91 -18.19
C PHE B 261 31.87 -13.21 -18.93
N GLU B 262 33.06 -13.81 -18.73
CA GLU B 262 33.34 -15.11 -19.34
C GLU B 262 32.41 -16.18 -18.78
N ASN B 263 32.14 -16.14 -17.48
CA ASN B 263 31.21 -17.09 -16.89
C ASN B 263 29.79 -16.89 -17.42
N ALA B 264 29.36 -15.64 -17.58
CA ALA B 264 28.01 -15.36 -18.05
C ALA B 264 27.79 -15.89 -19.46
N ILE B 265 28.78 -15.75 -20.32
CA ILE B 265 28.66 -16.27 -21.69
C ILE B 265 28.62 -17.79 -21.67
N ARG B 266 29.42 -18.42 -20.81
CA ARG B 266 29.38 -19.86 -20.69
C ARG B 266 28.03 -20.35 -20.17
N VAL B 267 27.47 -19.64 -19.19
CA VAL B 267 26.16 -20.00 -18.66
C VAL B 267 25.08 -19.78 -19.71
N ASN B 268 25.19 -18.71 -20.49
CA ASN B 268 24.18 -18.41 -21.51
C ASN B 268 24.09 -19.54 -22.52
N ALA B 269 25.22 -20.16 -22.88
CA ALA B 269 25.18 -21.30 -23.78
C ALA B 269 24.55 -22.51 -23.12
N ALA B 270 24.83 -22.73 -21.83
CA ALA B 270 24.29 -23.89 -21.14
C ALA B 270 22.80 -23.79 -20.87
N ILE B 271 22.26 -22.57 -20.81
CA ILE B 271 20.84 -22.36 -20.52
C ILE B 271 20.01 -22.11 -21.77
N GLY B 272 20.63 -22.16 -22.95
CA GLY B 272 19.92 -21.85 -24.18
C GLY B 272 19.50 -20.40 -24.19
N GLY B 273 20.43 -19.51 -23.85
CA GLY B 273 20.11 -18.12 -23.61
C GLY B 273 19.73 -17.36 -24.86
N SER B 274 19.13 -16.20 -24.63
CA SER B 274 18.63 -15.35 -25.70
C SER B 274 19.77 -14.66 -26.44
N THR B 275 19.56 -14.40 -27.72
CA THR B 275 20.53 -13.66 -28.51
C THR B 275 20.67 -12.21 -28.06
N ASN B 276 19.63 -11.65 -27.43
CA ASN B 276 19.69 -10.27 -26.98
C ASN B 276 20.67 -10.07 -25.83
N ALA B 277 21.01 -11.13 -25.10
CA ALA B 277 22.03 -11.02 -24.07
C ALA B 277 23.38 -10.64 -24.65
N VAL B 278 23.62 -10.97 -25.94
CA VAL B 278 24.86 -10.59 -26.59
C VAL B 278 24.98 -9.07 -26.67
N ILE B 279 23.92 -8.41 -27.16
CA ILE B 279 23.95 -6.96 -27.27
C ILE B 279 24.00 -6.31 -25.90
N HIS B 280 23.26 -6.86 -24.94
CA HIS B 280 23.13 -6.21 -23.63
C HIS B 280 24.42 -6.31 -22.82
N LEU B 281 25.06 -7.48 -22.82
CA LEU B 281 26.29 -7.63 -22.04
C LEU B 281 27.44 -6.84 -22.64
N LEU B 282 27.47 -6.69 -23.96
CA LEU B 282 28.45 -5.80 -24.57
C LEU B 282 28.20 -4.36 -24.15
N ALA B 283 26.94 -3.96 -24.01
CA ALA B 283 26.62 -2.62 -23.53
C ALA B 283 27.04 -2.45 -22.07
N ILE B 284 26.81 -3.47 -21.24
CA ILE B 284 27.17 -3.38 -19.82
C ILE B 284 28.69 -3.34 -19.67
N ALA B 285 29.40 -4.19 -20.42
CA ALA B 285 30.86 -4.20 -20.35
C ALA B 285 31.45 -2.88 -20.81
N GLY B 286 30.76 -2.19 -21.74
CA GLY B 286 31.23 -0.90 -22.20
C GLY B 286 31.08 0.21 -21.18
N ARG B 287 30.28 0.00 -20.14
CA ARG B 287 30.10 0.98 -19.08
C ARG B 287 31.05 0.75 -17.92
N ILE B 288 31.12 -0.48 -17.43
CA ILE B 288 31.98 -0.79 -16.29
C ILE B 288 33.47 -0.79 -16.67
N GLY B 289 33.80 -1.03 -17.92
CA GLY B 289 35.19 -0.99 -18.35
C GLY B 289 35.85 -2.33 -18.62
N VAL B 290 35.07 -3.39 -18.79
CA VAL B 290 35.62 -4.70 -19.08
C VAL B 290 35.76 -4.85 -20.59
N ASP B 291 36.91 -5.34 -21.04
CA ASP B 291 37.11 -5.61 -22.45
C ASP B 291 36.25 -6.79 -22.88
N LEU B 292 35.33 -6.54 -23.80
CA LEU B 292 34.42 -7.59 -24.26
C LEU B 292 33.96 -7.23 -25.66
N THR B 293 34.27 -8.07 -26.64
CA THR B 293 33.90 -7.87 -28.02
C THR B 293 32.85 -8.89 -28.43
N LEU B 294 32.38 -8.78 -29.68
CA LEU B 294 31.46 -9.77 -30.21
C LEU B 294 32.16 -11.08 -30.55
N ALA B 295 33.44 -11.01 -30.96
CA ALA B 295 34.20 -12.22 -31.20
C ALA B 295 34.38 -13.04 -29.92
N ASP B 296 34.32 -12.39 -28.76
CA ASP B 296 34.39 -13.11 -27.49
C ASP B 296 33.25 -14.11 -27.36
N TRP B 297 32.04 -13.70 -27.74
CA TRP B 297 30.87 -14.57 -27.57
C TRP B 297 31.04 -15.88 -28.33
N ASP B 298 31.66 -15.84 -29.51
CA ASP B 298 31.88 -17.06 -30.26
C ASP B 298 33.02 -17.89 -29.70
N ALA B 299 34.04 -17.24 -29.14
CA ALA B 299 35.19 -17.97 -28.62
C ALA B 299 34.94 -18.55 -27.23
N LEU B 300 34.17 -17.83 -26.40
CA LEU B 300 33.92 -18.29 -25.03
C LEU B 300 32.86 -19.40 -25.00
N GLY B 301 31.73 -19.20 -25.66
CA GLY B 301 30.73 -20.24 -25.83
C GLY B 301 31.11 -21.33 -26.81
N HIS B 302 32.35 -21.34 -27.30
CA HIS B 302 32.78 -22.31 -28.31
C HIS B 302 32.65 -23.74 -27.79
N LYS B 303 31.97 -24.60 -28.56
CA LYS B 303 31.80 -26.03 -28.28
C LYS B 303 31.05 -26.30 -26.98
N LEU B 304 30.49 -25.28 -26.33
CA LEU B 304 29.78 -25.52 -25.08
C LEU B 304 28.37 -26.04 -25.36
N PRO B 305 27.89 -26.98 -24.55
CA PRO B 305 26.56 -27.56 -24.77
C PRO B 305 25.47 -26.79 -24.04
N CYS B 306 24.24 -27.00 -24.50
CA CYS B 306 23.06 -26.50 -23.82
C CYS B 306 22.54 -27.59 -22.88
N LEU B 307 22.45 -27.26 -21.60
CA LEU B 307 22.08 -28.22 -20.57
C LEU B 307 20.62 -28.11 -20.13
N VAL B 308 19.92 -27.06 -20.53
CA VAL B 308 18.58 -26.77 -20.02
C VAL B 308 17.57 -27.05 -21.13
N ASP B 309 16.67 -28.00 -20.87
CA ASP B 309 15.62 -28.38 -21.81
C ASP B 309 14.40 -27.50 -21.55
N LEU B 310 14.49 -26.25 -22.00
CA LEU B 310 13.42 -25.28 -21.82
C LEU B 310 13.09 -24.62 -23.15
N GLN B 311 11.84 -24.18 -23.27
CA GLN B 311 11.46 -23.41 -24.44
C GLN B 311 12.28 -22.11 -24.47
N PRO B 312 12.67 -21.63 -25.66
CA PRO B 312 12.32 -22.08 -27.01
C PRO B 312 13.12 -23.30 -27.50
N SER B 313 14.31 -23.52 -26.95
CA SER B 313 15.15 -24.62 -27.41
C SER B 313 14.60 -25.99 -27.03
N GLY B 314 13.80 -26.06 -25.97
CA GLY B 314 13.25 -27.32 -25.50
C GLY B 314 11.75 -27.20 -25.30
N THR B 315 11.26 -27.87 -24.25
CA THR B 315 9.83 -27.98 -24.01
C THR B 315 9.38 -27.54 -22.62
N HIS B 316 10.26 -27.51 -21.62
CA HIS B 316 9.85 -27.14 -20.28
C HIS B 316 9.89 -25.62 -20.10
N LEU B 317 9.45 -25.18 -18.93
CA LEU B 317 9.26 -23.77 -18.64
C LEU B 317 10.04 -23.38 -17.39
N MET B 318 10.06 -22.07 -17.12
CA MET B 318 10.85 -21.53 -16.02
C MET B 318 10.44 -22.14 -14.68
N GLU B 319 9.14 -22.39 -14.49
CA GLU B 319 8.68 -23.02 -13.26
C GLU B 319 9.37 -24.36 -13.06
N ASP B 320 9.49 -25.16 -14.12
CA ASP B 320 10.22 -26.42 -14.02
C ASP B 320 11.70 -26.18 -13.79
N PHE B 321 12.28 -25.17 -14.46
CA PHE B 321 13.70 -24.89 -14.31
C PHE B 321 14.04 -24.51 -12.87
N TYR B 322 13.12 -23.87 -12.16
CA TYR B 322 13.38 -23.50 -10.77
C TYR B 322 13.38 -24.74 -9.87
N TYR B 323 12.35 -25.58 -9.98
CA TYR B 323 12.27 -26.76 -9.12
C TYR B 323 13.39 -27.75 -9.40
N ALA B 324 14.03 -27.67 -10.56
CA ALA B 324 15.14 -28.55 -10.88
C ALA B 324 16.46 -28.09 -10.26
N GLY B 325 16.55 -26.84 -9.82
CA GLY B 325 17.77 -26.35 -9.22
C GLY B 325 18.11 -24.95 -9.71
N GLY B 326 17.53 -24.54 -10.83
CA GLY B 326 17.77 -23.21 -11.33
C GLY B 326 19.19 -23.01 -11.84
N VAL B 327 19.64 -21.76 -11.81
CA VAL B 327 20.97 -21.41 -12.32
C VAL B 327 22.08 -22.06 -11.47
N PRO B 328 22.01 -22.09 -10.14
CA PRO B 328 23.10 -22.75 -9.38
C PRO B 328 23.33 -24.18 -9.79
N ALA B 329 22.28 -24.92 -10.16
CA ALA B 329 22.47 -26.28 -10.63
C ALA B 329 23.09 -26.34 -12.02
N VAL B 330 22.95 -25.27 -12.80
CA VAL B 330 23.59 -25.22 -14.12
C VAL B 330 25.07 -24.87 -13.97
N ILE B 331 25.40 -23.93 -13.08
CA ILE B 331 26.79 -23.57 -12.84
C ILE B 331 27.55 -24.74 -12.23
N ARG B 332 26.86 -25.61 -11.48
CA ARG B 332 27.51 -26.80 -10.94
C ARG B 332 27.96 -27.74 -12.04
N GLU B 333 27.21 -27.84 -13.14
CA GLU B 333 27.62 -28.69 -14.25
C GLU B 333 28.81 -28.09 -15.00
N LEU B 334 28.99 -26.78 -14.94
CA LEU B 334 30.04 -26.07 -15.68
C LEU B 334 31.31 -25.91 -14.86
N GLY B 335 31.57 -26.81 -13.92
CA GLY B 335 32.65 -26.64 -12.96
C GLY B 335 34.03 -26.66 -13.57
N ASP B 336 34.20 -27.28 -14.73
CA ASP B 336 35.52 -27.36 -15.34
C ASP B 336 35.79 -26.29 -16.39
N VAL B 337 34.76 -25.58 -16.84
CA VAL B 337 34.93 -24.48 -17.78
C VAL B 337 34.76 -23.11 -17.13
N ILE B 338 34.24 -23.06 -15.90
CA ILE B 338 33.95 -21.80 -15.24
C ILE B 338 35.20 -21.28 -14.55
N ALA B 339 35.23 -19.97 -14.33
CA ALA B 339 36.23 -19.34 -13.46
C ALA B 339 35.71 -19.43 -12.04
N ARG B 340 36.18 -20.44 -11.30
CA ARG B 340 35.60 -20.75 -9.99
C ARG B 340 35.78 -19.60 -9.00
N ASP B 341 36.93 -18.93 -9.04
CA ASP B 341 37.27 -17.94 -8.03
C ASP B 341 36.58 -16.59 -8.24
N ALA B 342 35.74 -16.45 -9.26
CA ALA B 342 35.08 -15.17 -9.51
C ALA B 342 34.21 -14.77 -8.32
N LEU B 343 34.39 -13.54 -7.85
CA LEU B 343 33.70 -13.08 -6.65
C LEU B 343 32.27 -12.63 -6.96
N THR B 344 31.37 -12.95 -6.04
CA THR B 344 29.97 -12.54 -6.14
C THR B 344 29.64 -11.60 -4.99
N VAL B 345 28.45 -10.99 -5.06
CA VAL B 345 28.09 -9.92 -4.13
C VAL B 345 27.79 -10.41 -2.73
N ASN B 346 27.60 -11.71 -2.52
CA ASN B 346 27.33 -12.24 -1.18
C ASN B 346 28.60 -12.53 -0.40
N GLY B 347 29.77 -12.16 -0.94
CA GLY B 347 31.04 -12.41 -0.29
C GLY B 347 31.74 -13.67 -0.71
N GLN B 348 31.00 -14.65 -1.24
CA GLN B 348 31.57 -15.91 -1.67
C GLN B 348 31.89 -15.87 -3.16
N THR B 349 32.60 -16.91 -3.62
CA THR B 349 32.86 -17.06 -5.04
C THR B 349 31.65 -17.68 -5.74
N LEU B 350 31.67 -17.62 -7.07
CA LEU B 350 30.59 -18.24 -7.84
C LEU B 350 30.57 -19.75 -7.64
N TRP B 351 31.73 -20.36 -7.41
CA TRP B 351 31.79 -21.80 -7.19
C TRP B 351 31.41 -22.17 -5.77
N ASP B 352 31.76 -21.33 -4.78
CA ASP B 352 31.36 -21.61 -3.41
C ASP B 352 29.85 -21.58 -3.25
N ASN B 353 29.16 -20.83 -4.11
CA ASN B 353 27.71 -20.74 -4.04
C ASN B 353 27.00 -21.76 -4.91
N CYS B 354 27.73 -22.54 -5.70
CA CYS B 354 27.11 -23.48 -6.62
C CYS B 354 27.73 -24.88 -6.58
N LYS B 355 28.79 -25.09 -5.81
CA LYS B 355 29.44 -26.40 -5.77
C LYS B 355 28.53 -27.48 -5.20
N ASP B 356 27.63 -27.10 -4.29
CA ASP B 356 26.73 -28.06 -3.65
C ASP B 356 25.28 -27.88 -4.10
N ALA B 357 25.07 -27.25 -5.25
CA ALA B 357 23.72 -27.00 -5.74
C ALA B 357 23.05 -28.32 -6.10
N PRO B 358 21.87 -28.62 -5.54
CA PRO B 358 21.19 -29.86 -5.88
C PRO B 358 20.47 -29.77 -7.21
N ASN B 359 20.41 -30.92 -7.90
CA ASN B 359 19.68 -31.06 -9.14
C ASN B 359 18.55 -32.05 -8.91
N TRP B 360 17.31 -31.58 -9.02
CA TRP B 360 16.13 -32.39 -8.71
C TRP B 360 15.46 -32.97 -9.94
N ASN B 361 15.93 -32.65 -11.15
CA ASN B 361 15.27 -33.11 -12.36
C ASN B 361 16.31 -33.04 -13.50
N ARG B 362 16.88 -34.20 -13.85
CA ARG B 362 17.85 -34.25 -14.92
C ARG B 362 17.22 -34.17 -16.31
N GLU B 363 15.89 -34.23 -16.39
CA GLU B 363 15.20 -34.01 -17.66
C GLU B 363 15.05 -32.52 -17.97
N VAL B 364 15.32 -31.65 -16.99
CA VAL B 364 15.29 -30.21 -17.19
C VAL B 364 16.69 -29.63 -17.19
N ILE B 365 17.54 -30.05 -16.26
CA ILE B 365 18.92 -29.59 -16.16
C ILE B 365 19.80 -30.83 -16.31
N HIS B 366 20.40 -30.99 -17.48
CA HIS B 366 21.14 -32.19 -17.82
C HIS B 366 22.53 -32.20 -17.15
N ALA B 367 23.14 -33.37 -17.14
CA ALA B 367 24.55 -33.49 -16.80
C ALA B 367 25.40 -33.07 -17.98
N PHE B 368 26.56 -32.46 -17.69
CA PHE B 368 27.37 -31.83 -18.74
C PHE B 368 27.72 -32.82 -19.84
N ASN B 369 28.15 -34.03 -19.47
CA ASN B 369 28.65 -35.00 -20.43
C ASN B 369 27.54 -35.86 -21.05
N GLU B 370 26.27 -35.48 -20.84
CA GLU B 370 25.15 -36.04 -21.61
C GLU B 370 24.06 -34.98 -21.68
N PRO B 371 24.32 -33.89 -22.39
CA PRO B 371 23.49 -32.69 -22.26
C PRO B 371 22.22 -32.76 -23.11
N PHE B 372 21.47 -31.66 -23.08
CA PHE B 372 20.28 -31.54 -23.91
C PHE B 372 20.66 -31.41 -25.38
N LYS B 373 21.47 -30.40 -25.71
CA LYS B 373 21.98 -30.21 -27.06
C LYS B 373 23.46 -29.86 -26.99
N THR B 374 24.24 -30.40 -27.92
CA THR B 374 25.68 -30.22 -27.95
C THR B 374 26.07 -29.06 -28.87
N GLU B 375 27.12 -28.35 -28.47
CA GLU B 375 27.66 -27.23 -29.25
C GLU B 375 26.55 -26.25 -29.63
N ALA B 376 25.65 -25.99 -28.69
CA ALA B 376 24.46 -25.18 -28.94
C ALA B 376 24.61 -23.76 -28.41
N GLY B 377 25.83 -23.27 -28.25
CA GLY B 377 26.03 -21.89 -27.89
C GLY B 377 25.79 -20.95 -29.06
N ILE B 378 25.52 -19.69 -28.72
CA ILE B 378 25.32 -18.68 -29.75
C ILE B 378 26.58 -18.57 -30.60
N ALA B 379 26.41 -18.59 -31.92
CA ALA B 379 27.51 -18.57 -32.87
C ALA B 379 27.53 -17.23 -33.60
N VAL B 380 28.73 -16.70 -33.80
CA VAL B 380 28.92 -15.45 -34.55
C VAL B 380 29.44 -15.80 -35.93
N LEU B 381 28.83 -15.21 -36.96
CA LEU B 381 29.17 -15.48 -38.34
C LEU B 381 29.98 -14.33 -38.92
N ARG B 382 30.89 -14.67 -39.83
CA ARG B 382 31.68 -13.68 -40.54
CA ARG B 382 31.70 -13.70 -40.54
C ARG B 382 31.53 -13.88 -42.04
N GLY B 383 31.56 -12.77 -42.78
CA GLY B 383 31.43 -12.84 -44.22
C GLY B 383 31.27 -11.46 -44.81
N ASN B 384 31.19 -11.44 -46.15
CA ASN B 384 31.00 -10.18 -46.85
C ASN B 384 29.61 -9.57 -46.59
N LEU B 385 28.65 -10.39 -46.18
CA LEU B 385 27.30 -9.89 -45.89
C LEU B 385 27.23 -9.22 -44.53
N CYS B 386 28.01 -9.69 -43.56
CA CYS B 386 28.06 -9.11 -42.22
C CYS B 386 29.52 -8.84 -41.87
N PRO B 387 30.05 -7.69 -42.27
CA PRO B 387 31.46 -7.39 -41.94
C PRO B 387 31.73 -7.35 -40.46
N ASP B 388 30.94 -6.58 -39.70
CA ASP B 388 31.13 -6.46 -38.26
C ASP B 388 30.56 -7.65 -37.49
N GLY B 389 29.86 -8.56 -38.14
CA GLY B 389 29.42 -9.79 -37.52
C GLY B 389 27.91 -9.96 -37.58
N ALA B 390 27.49 -11.17 -37.21
CA ALA B 390 26.09 -11.54 -37.11
C ALA B 390 25.99 -12.75 -36.18
N VAL B 391 24.81 -12.96 -35.60
CA VAL B 391 24.61 -14.00 -34.62
C VAL B 391 23.50 -14.94 -35.07
N ILE B 392 23.54 -16.16 -34.52
CA ILE B 392 22.50 -17.15 -34.75
C ILE B 392 22.47 -18.05 -33.52
N LYS B 393 21.26 -18.52 -33.17
CA LYS B 393 21.03 -19.32 -31.98
C LYS B 393 20.73 -20.75 -32.39
N PRO B 394 21.73 -21.63 -32.50
CA PRO B 394 21.48 -22.99 -33.00
C PRO B 394 20.73 -23.90 -32.03
N SER B 395 20.59 -23.52 -30.76
CA SER B 395 19.87 -24.38 -29.82
C SER B 395 18.39 -24.45 -30.14
N ALA B 396 17.81 -23.36 -30.63
CA ALA B 396 16.42 -23.33 -31.07
C ALA B 396 16.29 -23.41 -32.59
N ALA B 397 17.34 -23.86 -33.27
CA ALA B 397 17.34 -23.97 -34.72
C ALA B 397 17.06 -25.41 -35.14
N THR B 398 16.95 -25.62 -36.45
CA THR B 398 16.80 -26.96 -37.01
C THR B 398 18.12 -27.39 -37.63
N PRO B 399 18.56 -28.63 -37.38
CA PRO B 399 19.93 -29.01 -37.78
C PRO B 399 20.22 -28.88 -39.26
N ALA B 400 19.36 -29.42 -40.12
CA ALA B 400 19.65 -29.49 -41.55
C ALA B 400 19.73 -28.12 -42.22
N LEU B 401 19.37 -27.04 -41.52
CA LEU B 401 19.44 -25.71 -42.10
C LEU B 401 20.67 -24.92 -41.66
N LEU B 402 21.35 -25.35 -40.60
CA LEU B 402 22.58 -24.69 -40.18
C LEU B 402 23.64 -24.70 -41.26
N LYS B 403 23.54 -25.62 -42.22
CA LYS B 403 24.38 -25.66 -43.42
C LYS B 403 23.43 -25.63 -44.60
N HIS B 404 23.25 -24.47 -45.21
CA HIS B 404 22.24 -24.30 -46.25
C HIS B 404 22.61 -23.15 -47.17
N LYS B 405 22.18 -23.26 -48.42
CA LYS B 405 22.36 -22.22 -49.42
C LYS B 405 21.15 -22.20 -50.33
N GLY B 406 20.63 -21.00 -50.61
CA GLY B 406 19.43 -20.92 -51.42
C GLY B 406 19.22 -19.53 -52.00
N ARG B 407 18.12 -19.39 -52.71
CA ARG B 407 17.73 -18.12 -53.34
C ARG B 407 17.23 -17.13 -52.31
N ALA B 408 17.56 -15.86 -52.51
CA ALA B 408 17.20 -14.79 -51.58
C ALA B 408 15.89 -14.13 -52.00
N VAL B 409 14.93 -14.11 -51.07
CA VAL B 409 13.74 -13.29 -51.19
C VAL B 409 13.91 -12.10 -50.27
N VAL B 410 13.81 -10.89 -50.82
CA VAL B 410 14.26 -9.68 -50.15
C VAL B 410 13.07 -8.80 -49.79
N PHE B 411 13.08 -8.27 -48.57
CA PHE B 411 12.10 -7.29 -48.11
C PHE B 411 12.85 -6.04 -47.66
N GLU B 412 12.40 -4.87 -48.15
CA GLU B 412 13.12 -3.64 -47.84
C GLU B 412 12.90 -3.19 -46.40
N ASN B 413 11.77 -3.53 -45.81
CA ASN B 413 11.44 -3.13 -44.45
C ASN B 413 10.29 -4.02 -43.96
N SER B 414 9.73 -3.67 -42.80
CA SER B 414 8.65 -4.47 -42.22
C SER B 414 7.33 -4.27 -42.97
N GLU B 415 7.03 -3.04 -43.39
CA GLU B 415 5.82 -2.82 -44.17
C GLU B 415 5.90 -3.51 -45.53
N HIS B 416 7.10 -3.51 -46.14
CA HIS B 416 7.29 -4.23 -47.39
C HIS B 416 7.21 -5.73 -47.19
N MET B 417 7.51 -6.21 -45.98
CA MET B 417 7.54 -7.65 -45.73
C MET B 417 6.14 -8.20 -45.46
N HIS B 418 5.42 -7.60 -44.50
CA HIS B 418 4.08 -8.06 -44.18
C HIS B 418 3.17 -8.04 -45.41
N GLU B 419 3.46 -7.18 -46.37
CA GLU B 419 2.68 -7.13 -47.61
C GLU B 419 2.98 -8.35 -48.48
N ARG B 420 4.26 -8.68 -48.66
CA ARG B 420 4.65 -9.69 -49.62
C ARG B 420 4.66 -11.11 -49.07
N MET B 421 4.83 -11.27 -47.75
CA MET B 421 4.88 -12.61 -47.18
C MET B 421 3.57 -13.36 -47.40
N ASP B 422 2.44 -12.66 -47.31
CA ASP B 422 1.13 -13.26 -47.49
C ASP B 422 0.69 -13.29 -48.96
N ASP B 423 1.58 -12.99 -49.89
CA ASP B 423 1.24 -12.96 -51.31
C ASP B 423 1.38 -14.37 -51.88
N GLU B 424 0.31 -14.87 -52.50
CA GLU B 424 0.38 -16.17 -53.16
C GLU B 424 1.23 -16.10 -54.43
N ASN B 425 1.28 -14.94 -55.07
CA ASN B 425 2.10 -14.75 -56.26
C ASN B 425 3.59 -14.62 -55.93
N LEU B 426 3.95 -14.64 -54.66
CA LEU B 426 5.35 -14.54 -54.26
C LEU B 426 6.11 -15.78 -54.72
N ASP B 427 7.18 -15.57 -55.48
CA ASP B 427 8.04 -16.67 -55.92
C ASP B 427 8.95 -17.03 -54.76
N VAL B 428 8.49 -17.95 -53.92
CA VAL B 428 9.24 -18.39 -52.75
C VAL B 428 9.12 -19.91 -52.63
N ASP B 429 10.16 -20.52 -52.09
CA ASP B 429 10.20 -21.97 -51.90
C ASP B 429 10.43 -22.28 -50.43
N GLU B 430 10.83 -23.51 -50.13
CA GLU B 430 11.26 -23.86 -48.77
C GLU B 430 12.76 -23.73 -48.58
N ASN B 431 13.54 -23.79 -49.66
CA ASN B 431 14.98 -23.62 -49.61
C ASN B 431 15.40 -22.20 -49.99
N CYS B 432 14.51 -21.23 -49.85
CA CYS B 432 14.82 -19.84 -50.15
C CYS B 432 15.27 -19.10 -48.89
N VAL B 433 16.00 -18.02 -49.10
CA VAL B 433 16.53 -17.21 -48.01
C VAL B 433 15.72 -15.93 -47.92
N LEU B 434 15.00 -15.75 -46.81
CA LEU B 434 14.24 -14.53 -46.59
C LEU B 434 15.16 -13.48 -45.97
N VAL B 435 15.21 -12.30 -46.60
CA VAL B 435 16.10 -11.22 -46.19
C VAL B 435 15.26 -10.01 -45.81
N LEU B 436 15.55 -9.42 -44.65
CA LEU B 436 14.86 -8.25 -44.14
C LEU B 436 15.87 -7.16 -43.83
N LYS B 437 15.59 -5.94 -44.29
CA LYS B 437 16.52 -4.83 -44.14
C LYS B 437 15.89 -3.69 -43.34
N ASN B 438 16.74 -2.74 -42.97
CA ASN B 438 16.31 -1.46 -42.39
C ASN B 438 15.49 -1.66 -41.11
N CYS B 439 15.92 -2.60 -40.28
CA CYS B 439 15.29 -2.84 -38.99
C CYS B 439 16.33 -2.84 -37.87
N GLY B 440 17.44 -2.15 -38.07
CA GLY B 440 18.49 -2.06 -37.09
C GLY B 440 18.31 -0.85 -36.18
N PRO B 441 19.37 -0.49 -35.46
CA PRO B 441 19.27 0.66 -34.53
C PRO B 441 18.78 1.94 -35.19
N ARG B 442 19.35 2.32 -36.34
CA ARG B 442 18.86 3.50 -37.05
C ARG B 442 17.66 3.19 -37.93
N GLY B 443 17.59 1.99 -38.49
CA GLY B 443 16.59 1.65 -39.48
C GLY B 443 15.16 1.67 -38.97
N TYR B 444 14.87 0.95 -37.89
CA TYR B 444 13.48 0.77 -37.47
C TYR B 444 12.84 2.07 -37.02
N PRO B 445 13.44 2.87 -36.10
CA PRO B 445 14.69 2.73 -35.36
C PRO B 445 14.50 2.00 -34.03
N GLY B 446 15.59 1.58 -33.41
CA GLY B 446 15.55 0.88 -32.15
C GLY B 446 15.77 -0.62 -32.24
N MET B 447 16.06 -1.14 -33.43
CA MET B 447 16.35 -2.56 -33.64
C MET B 447 15.29 -3.44 -33.00
N ALA B 448 14.12 -3.45 -33.65
CA ALA B 448 12.98 -4.19 -33.12
C ALA B 448 13.19 -5.69 -33.26
N GLU B 449 12.40 -6.44 -32.49
CA GLU B 449 12.46 -7.91 -32.51
C GLU B 449 11.58 -8.43 -33.65
N ALA B 450 12.08 -8.24 -34.87
CA ALA B 450 11.40 -8.70 -36.08
C ALA B 450 12.20 -9.73 -36.85
N GLY B 451 13.25 -10.30 -36.24
CA GLY B 451 14.08 -11.26 -36.96
C GLY B 451 13.36 -12.56 -37.26
N ASN B 452 12.56 -13.05 -36.31
CA ASN B 452 11.82 -14.29 -36.49
C ASN B 452 10.55 -14.05 -37.30
N MET B 453 10.76 -13.57 -38.53
CA MET B 453 9.64 -13.20 -39.37
C MET B 453 8.81 -14.43 -39.74
N PRO B 454 7.49 -14.29 -39.86
CA PRO B 454 6.65 -15.45 -40.22
C PRO B 454 6.93 -15.93 -41.63
N LEU B 455 6.64 -17.21 -41.86
CA LEU B 455 6.87 -17.84 -43.14
C LEU B 455 5.71 -17.60 -44.09
N PRO B 456 5.94 -17.71 -45.39
CA PRO B 456 4.82 -17.59 -46.34
C PRO B 456 3.74 -18.62 -46.05
N PRO B 457 2.47 -18.22 -46.11
CA PRO B 457 1.39 -19.16 -45.78
C PRO B 457 1.42 -20.46 -46.57
N LYS B 458 1.78 -20.42 -47.85
CA LYS B 458 1.81 -21.66 -48.64
C LYS B 458 2.94 -22.59 -48.20
N ILE B 459 3.96 -22.08 -47.53
CA ILE B 459 5.00 -22.94 -47.00
C ILE B 459 4.54 -23.60 -45.70
N LEU B 460 3.84 -22.84 -44.85
CA LEU B 460 3.37 -23.38 -43.57
C LEU B 460 2.35 -24.50 -43.78
N ARG B 461 1.59 -24.45 -44.88
CA ARG B 461 0.57 -25.45 -45.14
C ARG B 461 1.15 -26.81 -45.54
N LYS B 462 2.46 -26.91 -45.74
CA LYS B 462 3.11 -28.16 -46.11
C LYS B 462 3.79 -28.85 -44.95
N GLY B 463 3.66 -28.32 -43.74
CA GLY B 463 4.36 -28.84 -42.59
C GLY B 463 5.71 -28.22 -42.31
N ILE B 464 6.17 -27.31 -43.18
CA ILE B 464 7.43 -26.62 -42.97
C ILE B 464 7.21 -25.49 -41.98
N THR B 465 7.98 -25.48 -40.90
CA THR B 465 7.86 -24.45 -39.87
C THR B 465 9.14 -23.64 -39.71
N ASP B 466 10.12 -23.81 -40.59
CA ASP B 466 11.39 -23.12 -40.41
C ASP B 466 12.15 -23.06 -41.73
N MET B 467 12.72 -21.90 -42.03
CA MET B 467 13.61 -21.72 -43.16
C MET B 467 14.57 -20.58 -42.84
N VAL B 468 15.67 -20.51 -43.59
CA VAL B 468 16.74 -19.58 -43.26
C VAL B 468 16.27 -18.14 -43.43
N ARG B 469 16.73 -17.27 -42.54
CA ARG B 469 16.30 -15.86 -42.54
C ARG B 469 17.44 -15.00 -42.03
N VAL B 470 17.75 -13.94 -42.77
CA VAL B 470 18.81 -13.01 -42.44
C VAL B 470 18.22 -11.61 -42.32
N SER B 471 18.69 -10.84 -41.34
CA SER B 471 18.19 -9.50 -41.12
C SER B 471 19.14 -8.76 -40.19
N ASP B 472 19.03 -7.43 -40.20
CA ASP B 472 19.75 -6.57 -39.27
C ASP B 472 18.94 -6.25 -38.02
N ALA B 473 17.91 -7.04 -37.73
CA ALA B 473 17.04 -6.83 -36.59
C ALA B 473 17.32 -7.87 -35.51
N ARG B 474 16.77 -7.61 -34.33
CA ARG B 474 16.79 -8.59 -33.25
C ARG B 474 15.59 -9.52 -33.41
N MET B 475 15.54 -10.52 -32.54
CA MET B 475 14.34 -11.33 -32.38
C MET B 475 14.14 -11.59 -30.89
N SER B 476 12.90 -11.91 -30.53
CA SER B 476 12.61 -12.22 -29.14
C SER B 476 13.46 -13.38 -28.66
N GLY B 477 13.92 -13.30 -27.40
CA GLY B 477 14.59 -14.43 -26.80
C GLY B 477 13.71 -15.66 -26.73
N THR B 478 12.40 -15.49 -26.81
CA THR B 478 11.44 -16.59 -26.84
C THR B 478 11.26 -17.17 -28.24
N ALA B 479 11.91 -16.61 -29.25
CA ALA B 479 11.73 -17.05 -30.63
C ALA B 479 12.65 -18.22 -30.94
N TYR B 480 12.45 -18.80 -32.12
CA TYR B 480 13.17 -19.99 -32.55
C TYR B 480 13.43 -19.88 -34.06
N GLY B 481 13.93 -20.97 -34.64
CA GLY B 481 14.24 -21.01 -36.06
C GLY B 481 15.68 -20.59 -36.35
N THR B 482 16.17 -21.06 -37.50
CA THR B 482 17.52 -20.71 -37.96
C THR B 482 17.49 -19.29 -38.49
N VAL B 483 17.63 -18.33 -37.60
CA VAL B 483 17.55 -16.91 -37.94
C VAL B 483 18.89 -16.25 -37.66
N VAL B 484 19.43 -15.59 -38.67
CA VAL B 484 20.64 -14.79 -38.52
C VAL B 484 20.24 -13.39 -38.06
N LEU B 485 20.83 -12.93 -36.97
CA LEU B 485 20.41 -11.70 -36.31
C LEU B 485 21.58 -10.75 -36.17
N HIS B 486 21.24 -9.47 -35.97
CA HIS B 486 22.21 -8.41 -35.66
C HIS B 486 23.24 -8.25 -36.77
N VAL B 487 22.83 -8.44 -38.02
CA VAL B 487 23.73 -8.26 -39.15
C VAL B 487 24.25 -6.83 -39.14
N ALA B 488 25.56 -6.68 -38.99
CA ALA B 488 26.19 -5.37 -38.82
C ALA B 488 27.29 -5.18 -39.86
N PRO B 489 27.41 -3.97 -40.43
CA PRO B 489 26.54 -2.82 -40.17
C PRO B 489 25.15 -2.99 -40.77
N GLU B 490 24.15 -2.36 -40.15
CA GLU B 490 22.78 -2.47 -40.63
C GLU B 490 22.65 -1.83 -42.01
N ALA B 491 21.54 -2.16 -42.68
CA ALA B 491 21.29 -1.65 -44.02
C ALA B 491 21.13 -0.13 -44.02
N ALA B 492 20.55 0.42 -42.96
CA ALA B 492 20.35 1.87 -42.88
C ALA B 492 21.65 2.63 -42.69
N ALA B 493 22.73 1.94 -42.28
CA ALA B 493 24.02 2.57 -42.08
C ALA B 493 24.97 2.36 -43.25
N GLY B 494 24.51 1.74 -44.34
CA GLY B 494 25.34 1.49 -45.48
C GLY B 494 25.99 0.12 -45.52
N GLY B 495 25.43 -0.87 -44.84
CA GLY B 495 25.99 -2.19 -44.83
C GLY B 495 25.68 -2.96 -46.11
N PRO B 496 26.56 -3.89 -46.47
CA PRO B 496 26.31 -4.71 -47.69
C PRO B 496 24.97 -5.45 -47.66
N LEU B 497 24.34 -5.61 -46.50
CA LEU B 497 23.00 -6.16 -46.45
C LEU B 497 22.01 -5.31 -47.25
N ALA B 498 22.22 -3.99 -47.29
CA ALA B 498 21.34 -3.10 -48.03
C ALA B 498 21.34 -3.37 -49.53
N LEU B 499 22.29 -4.14 -50.03
CA LEU B 499 22.44 -4.38 -51.46
C LEU B 499 21.90 -5.72 -51.91
N VAL B 500 21.45 -6.56 -50.98
CA VAL B 500 20.91 -7.87 -51.35
C VAL B 500 19.67 -7.67 -52.19
N GLN B 501 19.56 -8.44 -53.28
CA GLN B 501 18.45 -8.35 -54.20
C GLN B 501 17.88 -9.74 -54.44
N ASP B 502 16.65 -9.77 -54.96
CA ASP B 502 15.98 -11.05 -55.21
C ASP B 502 16.79 -11.89 -56.18
N GLY B 503 16.89 -13.18 -55.87
CA GLY B 503 17.62 -14.12 -56.68
C GLY B 503 19.06 -14.31 -56.27
N ASP B 504 19.61 -13.41 -55.46
CA ASP B 504 20.98 -13.57 -54.99
C ASP B 504 21.09 -14.82 -54.12
N ILE B 505 22.29 -15.38 -54.10
CA ILE B 505 22.54 -16.64 -53.40
C ILE B 505 23.19 -16.33 -52.06
N ILE B 506 22.59 -16.85 -50.99
CA ILE B 506 23.09 -16.69 -49.62
C ILE B 506 23.63 -18.03 -49.17
N GLU B 507 24.83 -18.03 -48.59
CA GLU B 507 25.45 -19.25 -48.08
C GLU B 507 25.55 -19.17 -46.56
N LEU B 508 24.91 -20.12 -45.88
CA LEU B 508 24.87 -20.18 -44.43
C LEU B 508 25.63 -21.41 -43.97
N ASP B 509 26.59 -21.22 -43.06
CA ASP B 509 27.42 -22.34 -42.59
C ASP B 509 27.82 -22.04 -41.14
N VAL B 510 26.92 -22.37 -40.21
CA VAL B 510 27.18 -22.12 -38.80
C VAL B 510 28.39 -22.90 -38.32
N ALA B 511 28.62 -24.09 -38.89
CA ALA B 511 29.81 -24.85 -38.53
C ALA B 511 31.08 -24.13 -38.96
N ALA B 512 31.08 -23.56 -40.16
CA ALA B 512 32.21 -22.80 -40.67
C ALA B 512 32.17 -21.33 -40.27
N ARG B 513 31.19 -20.92 -39.48
CA ARG B 513 31.05 -19.53 -39.06
C ARG B 513 30.95 -18.60 -40.27
N LYS B 514 30.24 -19.05 -41.30
CA LYS B 514 30.24 -18.41 -42.60
C LYS B 514 28.84 -17.90 -42.96
N LEU B 515 28.80 -16.69 -43.52
CA LEU B 515 27.56 -16.11 -44.06
C LEU B 515 27.99 -15.29 -45.28
N HIS B 516 27.97 -15.91 -46.45
CA HIS B 516 28.51 -15.32 -47.66
C HIS B 516 27.41 -14.97 -48.65
N LEU B 517 27.61 -13.84 -49.34
CA LEU B 517 26.67 -13.33 -50.34
C LEU B 517 27.34 -13.50 -51.70
N HIS B 518 26.89 -14.51 -52.46
CA HIS B 518 27.52 -14.86 -53.73
C HIS B 518 27.28 -13.85 -54.84
N VAL B 519 27.77 -12.62 -54.68
CA VAL B 519 27.80 -11.66 -55.78
C VAL B 519 29.13 -10.93 -55.75
N SER B 520 29.62 -10.57 -56.94
CA SER B 520 30.95 -9.99 -57.08
C SER B 520 31.06 -8.67 -56.32
N ASP B 521 32.27 -8.35 -55.88
CA ASP B 521 32.52 -7.04 -55.28
C ASP B 521 32.27 -5.92 -56.28
N GLU B 522 32.52 -6.18 -57.57
CA GLU B 522 32.22 -5.17 -58.59
C GLU B 522 30.72 -4.94 -58.70
N GLU B 523 29.93 -6.01 -58.69
CA GLU B 523 28.47 -5.87 -58.74
C GLU B 523 27.95 -5.12 -57.53
N LEU B 524 28.42 -5.50 -56.33
CA LEU B 524 28.05 -4.78 -55.12
C LEU B 524 28.43 -3.31 -55.23
N ALA B 525 29.65 -3.04 -55.71
CA ALA B 525 30.16 -1.67 -55.75
C ALA B 525 29.24 -0.75 -56.56
N ARG B 526 28.71 -1.25 -57.68
CA ARG B 526 27.81 -0.42 -58.48
C ARG B 526 26.40 -0.40 -57.91
N ARG B 527 25.99 -1.46 -57.19
CA ARG B 527 24.75 -1.40 -56.44
C ARG B 527 24.80 -0.29 -55.39
N ARG B 528 25.99 -0.02 -54.85
CA ARG B 528 26.17 1.03 -53.85
C ARG B 528 25.97 2.43 -54.43
N GLU B 529 26.08 2.59 -55.74
CA GLU B 529 25.88 3.92 -56.33
C GLU B 529 24.46 4.42 -56.15
N ALA B 530 23.50 3.52 -56.02
CA ALA B 530 22.10 3.90 -55.86
C ALA B 530 21.71 4.14 -54.41
N TRP B 531 22.31 3.40 -53.46
CA TRP B 531 21.91 3.46 -52.07
C TRP B 531 21.98 4.87 -51.50
N GLN B 532 20.82 5.45 -51.23
CA GLN B 532 20.71 6.71 -50.51
C GLN B 532 20.23 6.42 -49.10
N ALA B 533 20.84 7.08 -48.13
CA ALA B 533 20.55 6.77 -46.73
C ALA B 533 19.09 7.11 -46.41
N PRO B 534 18.43 6.34 -45.56
CA PRO B 534 17.04 6.65 -45.24
C PRO B 534 16.94 7.97 -44.55
N PRO B 535 15.81 8.67 -44.69
CA PRO B 535 15.66 9.99 -44.08
C PRO B 535 15.55 9.88 -42.56
N ALA B 536 15.65 11.04 -41.92
CA ALA B 536 15.54 11.10 -40.47
C ALA B 536 14.16 10.64 -40.03
N PRO B 537 14.05 9.66 -39.14
CA PRO B 537 12.72 9.28 -38.63
C PRO B 537 12.01 10.44 -37.95
N MET B 538 12.73 11.22 -37.16
CA MET B 538 12.20 12.42 -36.52
C MET B 538 13.26 13.50 -36.55
N ALA B 539 12.83 14.74 -36.77
CA ALA B 539 13.72 15.89 -36.79
C ALA B 539 13.88 16.52 -35.41
N ARG B 540 13.54 15.78 -34.36
CA ARG B 540 13.45 16.36 -33.02
C ARG B 540 13.31 15.22 -32.01
N GLY B 541 13.65 15.53 -30.76
CA GLY B 541 13.38 14.64 -29.65
C GLY B 541 14.43 13.58 -29.44
N TRP B 542 14.12 12.68 -28.51
CA TRP B 542 15.04 11.62 -28.13
C TRP B 542 15.43 10.75 -29.32
N VAL B 543 14.47 10.49 -30.21
CA VAL B 543 14.73 9.60 -31.35
C VAL B 543 15.78 10.23 -32.27
N LYS B 544 15.70 11.55 -32.48
CA LYS B 544 16.72 12.22 -33.28
C LYS B 544 18.10 12.07 -32.66
N LEU B 545 18.19 12.22 -31.34
CA LEU B 545 19.46 12.01 -30.65
C LEU B 545 19.90 10.56 -30.76
N TYR B 546 18.97 9.63 -30.58
CA TYR B 546 19.30 8.20 -30.62
C TYR B 546 19.90 7.81 -31.96
N VAL B 547 19.19 8.10 -33.05
CA VAL B 547 19.62 7.68 -34.38
C VAL B 547 21.01 8.23 -34.70
N GLU B 548 21.24 9.50 -34.38
CA GLU B 548 22.51 10.15 -34.69
C GLU B 548 23.66 9.72 -33.78
N HIS B 549 23.37 9.04 -32.66
CA HIS B 549 24.41 8.68 -31.71
C HIS B 549 24.45 7.20 -31.36
N VAL B 550 23.51 6.39 -31.84
CA VAL B 550 23.50 4.98 -31.47
C VAL B 550 24.60 4.24 -32.20
N GLN B 551 25.26 3.33 -31.51
CA GLN B 551 26.27 2.48 -32.12
C GLN B 551 25.62 1.22 -32.67
N GLN B 552 26.37 0.51 -33.50
CA GLN B 552 25.85 -0.69 -34.15
C GLN B 552 25.71 -1.82 -33.14
N ALA B 553 24.97 -2.85 -33.55
CA ALA B 553 24.64 -3.94 -32.63
C ALA B 553 25.88 -4.71 -32.18
N ASN B 554 26.94 -4.73 -33.00
CA ASN B 554 28.15 -5.46 -32.64
C ASN B 554 28.93 -4.79 -31.51
N LEU B 555 28.56 -3.58 -31.10
CA LEU B 555 29.18 -2.91 -29.97
C LEU B 555 28.28 -2.83 -28.75
N GLY B 556 27.00 -3.19 -28.87
CA GLY B 556 26.07 -3.14 -27.76
C GLY B 556 24.89 -2.20 -27.93
N ALA B 557 24.80 -1.49 -29.07
CA ALA B 557 23.71 -0.56 -29.36
C ALA B 557 23.59 0.56 -28.34
N ASP B 558 24.67 0.86 -27.63
CA ASP B 558 24.69 1.99 -26.72
C ASP B 558 24.96 3.28 -27.50
N LEU B 559 24.58 4.41 -26.89
CA LEU B 559 24.96 5.69 -27.46
C LEU B 559 26.45 5.92 -27.22
N ASP B 560 27.09 6.57 -28.20
CA ASP B 560 28.55 6.71 -28.16
C ASP B 560 29.01 7.58 -26.99
N PHE B 561 28.27 8.65 -26.68
CA PHE B 561 28.68 9.55 -25.61
C PHE B 561 28.33 9.02 -24.22
N LEU B 562 27.66 7.87 -24.13
CA LEU B 562 27.36 7.25 -22.83
C LEU B 562 28.32 6.14 -22.47
N ARG B 563 29.13 5.66 -23.42
CA ARG B 563 30.08 4.59 -23.14
C ARG B 563 31.07 4.99 -22.06
N GLY B 564 31.30 4.08 -21.12
CA GLY B 564 32.27 4.29 -20.06
C GLY B 564 31.60 4.55 -18.73
N LYS B 565 32.40 5.07 -17.80
CA LYS B 565 31.93 5.35 -16.45
C LYS B 565 32.59 6.62 -15.94
N SER B 566 31.90 7.30 -15.02
CA SER B 566 32.39 8.53 -14.40
C SER B 566 32.46 8.43 -12.89
N GLY B 567 32.31 7.23 -12.33
CA GLY B 567 32.41 7.06 -10.89
C GLY B 567 31.22 7.68 -10.16
N ALA B 568 31.43 7.86 -8.86
CA ALA B 568 30.41 8.44 -7.98
C ALA B 568 31.03 9.47 -7.06
N GLY B 569 31.82 10.38 -7.64
CA GLY B 569 32.37 11.48 -6.89
C GLY B 569 31.28 12.41 -6.37
N ILE B 570 31.68 13.26 -5.43
CA ILE B 570 30.75 14.19 -4.78
C ILE B 570 30.69 15.46 -5.62
N PRO B 571 29.56 15.78 -6.24
CA PRO B 571 29.49 16.99 -7.07
C PRO B 571 29.36 18.26 -6.24
N LYS B 572 29.16 19.39 -6.92
CA LYS B 572 28.97 20.66 -6.23
C LYS B 572 27.68 20.64 -5.41
N ASP B 573 27.58 21.58 -4.48
CA ASP B 573 26.34 21.80 -3.77
C ASP B 573 25.32 22.49 -4.68
N ASN B 574 24.06 22.42 -4.29
CA ASN B 574 22.98 22.95 -5.12
C ASN B 574 22.61 24.39 -4.79
N HIS B 575 23.29 25.02 -3.83
CA HIS B 575 23.03 26.41 -3.51
C HIS B 575 24.33 27.12 -3.10
N VAL C 8 -35.29 3.30 -1.29
CA VAL C 8 -34.76 3.70 0.00
C VAL C 8 -33.99 2.54 0.63
N ARG C 9 -32.76 2.81 1.06
CA ARG C 9 -31.88 1.81 1.65
C ARG C 9 -31.49 2.23 3.07
N ARG C 10 -30.75 1.33 3.73
CA ARG C 10 -30.26 1.64 5.08
C ARG C 10 -29.33 2.85 5.07
N SER C 11 -28.53 2.98 4.01
CA SER C 11 -27.50 4.02 3.98
C SER C 11 -28.10 5.41 4.15
N GLN C 12 -29.21 5.69 3.46
CA GLN C 12 -29.79 7.02 3.51
C GLN C 12 -30.34 7.36 4.89
N ALA C 13 -30.56 6.36 5.75
CA ALA C 13 -30.87 6.65 7.15
C ALA C 13 -29.66 7.22 7.89
N TRP C 14 -28.46 7.11 7.31
CA TRP C 14 -27.28 7.81 7.78
C TRP C 14 -26.97 9.02 6.91
N PHE C 15 -26.63 8.75 5.64
CA PHE C 15 -26.11 9.78 4.75
C PHE C 15 -27.19 10.70 4.19
N GLY C 16 -28.42 10.21 4.06
CA GLY C 16 -29.50 11.04 3.55
C GLY C 16 -30.14 11.95 4.57
N ARG C 17 -29.80 11.81 5.84
CA ARG C 17 -30.37 12.67 6.87
C ARG C 17 -29.98 14.13 6.63
N LEU C 18 -30.97 15.00 6.67
CA LEU C 18 -30.79 16.42 6.38
C LEU C 18 -30.84 17.28 7.64
N ASP C 19 -30.37 16.74 8.77
CA ASP C 19 -30.41 17.47 10.03
C ASP C 19 -29.08 17.35 10.75
N ARG C 20 -29.10 17.54 12.07
CA ARG C 20 -27.87 17.52 12.85
C ARG C 20 -27.17 16.17 12.73
N ASP C 21 -27.94 15.08 12.65
CA ASP C 21 -27.34 13.76 12.55
C ASP C 21 -26.70 13.53 11.18
N GLY C 22 -27.31 14.09 10.12
CA GLY C 22 -26.71 13.97 8.81
C GLY C 22 -25.38 14.69 8.70
N PHE C 23 -25.24 15.80 9.41
CA PHE C 23 -23.93 16.45 9.53
C PHE C 23 -22.94 15.54 10.24
N ILE C 24 -23.41 14.83 11.28
CA ILE C 24 -22.53 13.98 12.07
C ILE C 24 -22.07 12.77 11.25
N TYR C 25 -22.92 12.30 10.33
CA TYR C 25 -22.63 11.07 9.60
C TYR C 25 -21.85 11.29 8.32
N ARG C 26 -21.85 12.50 7.76
CA ARG C 26 -21.11 12.80 6.54
C ARG C 26 -19.80 13.54 6.81
N SER C 27 -19.80 14.48 7.75
CA SER C 27 -18.65 15.38 7.92
C SER C 27 -17.39 14.62 8.28
N TRP C 28 -17.50 13.68 9.23
CA TRP C 28 -16.32 12.90 9.62
C TRP C 28 -15.86 11.99 8.49
N MET C 29 -16.80 11.44 7.72
CA MET C 29 -16.42 10.57 6.61
C MET C 29 -15.66 11.34 5.52
N LYS C 30 -15.90 12.64 5.41
CA LYS C 30 -15.23 13.47 4.41
C LYS C 30 -13.87 13.95 4.86
N ASN C 31 -13.31 13.41 5.95
CA ASN C 31 -12.05 13.90 6.48
C ASN C 31 -10.84 13.46 5.65
N ARG C 32 -10.99 12.43 4.82
CA ARG C 32 -9.90 11.95 3.98
C ARG C 32 -10.12 12.25 2.50
N GLY C 33 -11.17 12.97 2.16
CA GLY C 33 -11.42 13.33 0.78
C GLY C 33 -12.33 12.36 0.05
N ILE C 34 -13.58 12.31 0.47
CA ILE C 34 -14.61 11.51 -0.19
C ILE C 34 -15.64 12.47 -0.78
N PRO C 35 -15.86 12.45 -2.09
CA PRO C 35 -16.75 13.46 -2.70
C PRO C 35 -18.18 13.31 -2.22
N HIS C 36 -18.92 14.43 -2.31
CA HIS C 36 -20.27 14.47 -1.76
C HIS C 36 -21.20 13.49 -2.43
N ASP C 37 -20.97 13.20 -3.72
CA ASP C 37 -21.88 12.32 -4.46
C ASP C 37 -21.79 10.87 -4.03
N GLN C 38 -20.85 10.52 -3.16
CA GLN C 38 -20.81 9.15 -2.63
C GLN C 38 -21.86 8.91 -1.57
N PHE C 39 -22.49 9.97 -1.04
CA PHE C 39 -23.55 9.86 -0.06
C PHE C 39 -24.94 10.06 -0.67
N ASP C 40 -25.03 10.09 -2.00
CA ASP C 40 -26.28 10.44 -2.67
C ASP C 40 -27.32 9.33 -2.62
N GLY C 41 -26.96 8.12 -2.20
CA GLY C 41 -27.92 7.03 -2.16
C GLY C 41 -27.44 5.79 -2.88
N ARG C 42 -26.30 5.90 -3.55
CA ARG C 42 -25.71 4.75 -4.20
C ARG C 42 -25.36 3.69 -3.15
N PRO C 43 -25.35 2.41 -3.54
CA PRO C 43 -25.13 1.35 -2.55
C PRO C 43 -23.79 1.50 -1.84
N VAL C 44 -23.85 1.59 -0.51
CA VAL C 44 -22.66 1.56 0.32
C VAL C 44 -22.31 0.10 0.60
N ILE C 45 -21.14 -0.32 0.16
CA ILE C 45 -20.74 -1.73 0.17
C ILE C 45 -19.69 -1.91 1.25
N GLY C 46 -20.05 -2.62 2.31
CA GLY C 46 -19.10 -2.96 3.35
C GLY C 46 -18.26 -4.16 2.94
N ILE C 47 -16.95 -4.04 3.07
CA ILE C 47 -16.01 -5.10 2.71
C ILE C 47 -15.42 -5.62 4.01
N CYS C 48 -15.91 -6.78 4.46
CA CYS C 48 -15.39 -7.40 5.67
C CYS C 48 -14.02 -8.00 5.38
N ASN C 49 -12.96 -7.37 5.89
CA ASN C 49 -11.59 -7.73 5.58
C ASN C 49 -10.98 -8.49 6.76
N THR C 50 -10.73 -9.78 6.57
CA THR C 50 -10.06 -10.60 7.56
C THR C 50 -8.55 -10.65 7.37
N PHE C 51 -7.97 -9.65 6.71
CA PHE C 51 -6.52 -9.59 6.55
C PHE C 51 -5.83 -9.60 7.92
N SER C 52 -4.73 -10.34 8.00
CA SER C 52 -3.96 -10.39 9.23
C SER C 52 -2.61 -11.03 8.93
N GLU C 53 -1.56 -10.48 9.53
CA GLU C 53 -0.27 -11.14 9.51
C GLU C 53 -0.19 -12.27 10.52
N LEU C 54 -1.14 -12.35 11.45
CA LEU C 54 -1.32 -13.52 12.29
C LEU C 54 -2.24 -14.56 11.66
N THR C 55 -2.83 -14.25 10.50
CA THR C 55 -3.61 -15.18 9.71
C THR C 55 -2.89 -15.31 8.36
N PRO C 56 -1.80 -16.07 8.32
CA PRO C 56 -0.95 -16.07 7.11
C PRO C 56 -1.66 -16.52 5.85
N CYS C 57 -2.78 -17.25 5.97
CA CYS C 57 -3.57 -17.62 4.81
C CYS C 57 -4.43 -16.48 4.29
N ASN C 58 -4.62 -15.43 5.08
CA ASN C 58 -5.34 -14.23 4.66
C ASN C 58 -4.43 -13.02 4.52
N SER C 59 -3.11 -13.23 4.55
CA SER C 59 -2.16 -12.12 4.56
C SER C 59 -2.08 -11.38 3.22
N HIS C 60 -2.76 -11.87 2.18
CA HIS C 60 -2.81 -11.18 0.89
C HIS C 60 -4.14 -10.45 0.69
N PHE C 61 -4.90 -10.22 1.76
CA PHE C 61 -6.27 -9.74 1.60
C PHE C 61 -6.36 -8.23 1.40
N ARG C 62 -5.29 -7.47 1.72
CA ARG C 62 -5.27 -6.05 1.35
C ARG C 62 -5.35 -5.91 -0.17
N THR C 63 -4.68 -6.81 -0.90
CA THR C 63 -4.79 -6.82 -2.35
C THR C 63 -6.19 -7.20 -2.80
N LEU C 64 -6.78 -8.22 -2.17
CA LEU C 64 -8.14 -8.63 -2.51
C LEU C 64 -9.16 -7.54 -2.19
N ALA C 65 -8.96 -6.83 -1.09
CA ALA C 65 -9.87 -5.74 -0.74
C ALA C 65 -9.81 -4.61 -1.77
N GLU C 66 -8.61 -4.23 -2.18
N GLU C 66 -8.61 -4.25 -2.23
CA GLU C 66 -8.43 -3.25 -3.25
CA GLU C 66 -8.50 -3.20 -3.23
C GLU C 66 -9.23 -3.63 -4.48
C GLU C 66 -9.16 -3.59 -4.54
N GLN C 67 -9.15 -4.90 -4.88
CA GLN C 67 -9.79 -5.34 -6.12
C GLN C 67 -11.31 -5.24 -6.04
N VAL C 68 -11.88 -5.56 -4.87
CA VAL C 68 -13.32 -5.42 -4.70
C VAL C 68 -13.72 -3.96 -4.78
N LYS C 69 -12.90 -3.07 -4.22
CA LYS C 69 -13.20 -1.65 -4.29
C LYS C 69 -13.25 -1.15 -5.73
N ILE C 70 -12.66 -1.57 -6.41
CA ILE C 70 -12.69 -1.26 -7.83
C ILE C 70 -13.96 -1.80 -8.46
N GLY C 71 -14.15 -2.91 -8.31
CA GLY C 71 -15.41 -3.37 -8.87
C GLY C 71 -16.59 -2.55 -8.42
N VAL C 72 -16.56 -2.08 -7.17
CA VAL C 72 -17.65 -1.26 -6.65
C VAL C 72 -17.60 0.13 -7.27
N TRP C 73 -16.41 0.72 -7.37
CA TRP C 73 -16.27 2.03 -7.99
C TRP C 73 -16.70 1.99 -9.46
N GLU C 74 -16.41 0.89 -10.16
CA GLU C 74 -16.84 0.74 -11.54
C GLU C 74 -18.34 0.82 -11.67
N SER C 75 -19.06 0.24 -10.71
CA SER C 75 -20.51 0.07 -10.80
C SER C 75 -21.30 1.20 -10.15
N GLY C 76 -20.63 2.20 -9.59
CA GLY C 76 -21.32 3.32 -8.99
C GLY C 76 -21.69 3.12 -7.54
N GLY C 77 -20.95 2.30 -6.80
CA GLY C 77 -21.19 2.11 -5.38
C GLY C 77 -20.14 2.83 -4.53
N PHE C 78 -20.36 2.75 -3.22
CA PHE C 78 -19.48 3.38 -2.23
C PHE C 78 -18.84 2.29 -1.37
N PRO C 79 -17.63 1.85 -1.70
CA PRO C 79 -17.01 0.77 -0.93
C PRO C 79 -16.39 1.29 0.36
N LEU C 80 -16.52 0.49 1.42
CA LEU C 80 -15.95 0.82 2.73
C LEU C 80 -15.54 -0.48 3.40
N GLU C 81 -14.24 -0.68 3.56
CA GLU C 81 -13.75 -1.89 4.22
C GLU C 81 -13.68 -1.69 5.72
N PHE C 82 -13.85 -2.79 6.45
CA PHE C 82 -13.86 -2.77 7.91
C PHE C 82 -13.29 -4.09 8.42
N PRO C 83 -12.59 -4.08 9.54
CA PRO C 83 -11.97 -5.31 10.05
C PRO C 83 -12.85 -6.01 11.09
N VAL C 84 -12.56 -7.29 11.28
CA VAL C 84 -13.09 -8.10 12.35
C VAL C 84 -11.94 -8.92 12.93
N MET C 85 -12.22 -9.68 13.98
CA MET C 85 -11.21 -10.58 14.52
C MET C 85 -10.89 -11.65 13.50
N SER C 86 -9.63 -11.75 13.12
CA SER C 86 -9.18 -12.75 12.17
C SER C 86 -8.74 -14.01 12.89
N LEU C 87 -8.94 -15.14 12.25
CA LEU C 87 -8.73 -16.45 12.87
C LEU C 87 -7.69 -17.23 12.09
N GLY C 88 -6.45 -17.22 12.58
CA GLY C 88 -5.40 -18.02 11.99
C GLY C 88 -5.38 -19.41 12.59
N GLU C 89 -5.63 -20.42 11.75
CA GLU C 89 -5.75 -21.79 12.24
C GLU C 89 -4.50 -22.23 12.99
N THR C 90 -3.33 -22.12 12.33
CA THR C 90 -2.09 -22.61 12.92
C THR C 90 -1.60 -21.75 14.08
N MET C 91 -2.11 -20.52 14.21
CA MET C 91 -1.62 -19.58 15.22
C MET C 91 -2.45 -19.58 16.49
N LEU C 92 -3.78 -19.56 16.36
CA LEU C 92 -4.64 -19.42 17.52
C LEU C 92 -4.65 -20.69 18.36
N ARG C 93 -4.56 -20.51 19.67
CA ARG C 93 -4.59 -21.59 20.65
C ARG C 93 -5.48 -21.17 21.80
N PRO C 94 -6.16 -22.13 22.47
CA PRO C 94 -6.09 -23.59 22.30
C PRO C 94 -6.58 -24.14 20.95
N THR C 95 -7.40 -23.37 20.24
CA THR C 95 -7.89 -23.76 18.92
C THR C 95 -8.67 -22.59 18.34
N ALA C 96 -8.68 -22.52 17.01
CA ALA C 96 -9.35 -21.43 16.33
C ALA C 96 -10.87 -21.53 16.44
N MET C 97 -11.39 -22.75 16.59
CA MET C 97 -12.83 -22.92 16.75
C MET C 97 -13.33 -22.23 18.00
N LEU C 98 -12.46 -22.08 19.02
CA LEU C 98 -12.88 -21.41 20.25
C LEU C 98 -13.27 -19.96 20.00
N PHE C 99 -12.74 -19.33 18.94
CA PHE C 99 -12.98 -17.93 18.66
C PHE C 99 -13.79 -17.72 17.39
N ARG C 100 -14.44 -18.77 16.87
CA ARG C 100 -15.25 -18.60 15.67
C ARG C 100 -16.52 -17.82 15.97
N ASN C 101 -17.19 -18.12 17.09
CA ASN C 101 -18.41 -17.42 17.46
C ASN C 101 -18.15 -16.01 17.96
N LEU C 102 -16.95 -15.73 18.48
CA LEU C 102 -16.61 -14.36 18.83
C LEU C 102 -16.46 -13.49 17.59
N ALA C 103 -15.73 -13.99 16.60
CA ALA C 103 -15.58 -13.25 15.35
C ALA C 103 -16.91 -13.06 14.64
N SER C 104 -17.83 -14.02 14.81
CA SER C 104 -19.16 -13.88 14.20
C SER C 104 -19.93 -12.71 14.81
N MET C 105 -19.69 -12.40 16.08
CA MET C 105 -20.33 -11.24 16.69
C MET C 105 -19.74 -9.94 16.15
N ASP C 106 -18.45 -9.92 15.87
CA ASP C 106 -17.85 -8.75 15.22
C ASP C 106 -18.50 -8.51 13.85
N VAL C 107 -18.63 -9.58 13.06
CA VAL C 107 -19.22 -9.46 11.73
C VAL C 107 -20.67 -8.97 11.83
N GLU C 108 -21.47 -9.62 12.66
CA GLU C 108 -22.90 -9.30 12.73
C GLU C 108 -23.11 -7.86 13.19
N GLU C 109 -22.42 -7.44 14.24
CA GLU C 109 -22.65 -6.12 14.80
C GLU C 109 -22.09 -5.02 13.89
N SER C 110 -20.95 -5.28 13.25
CA SER C 110 -20.37 -4.27 12.36
C SER C 110 -21.27 -4.02 11.15
N ILE C 111 -21.92 -5.07 10.66
CA ILE C 111 -22.79 -4.91 9.49
C ILE C 111 -24.03 -4.10 9.86
N ARG C 112 -24.63 -4.40 11.01
CA ARG C 112 -25.87 -3.72 11.40
C ARG C 112 -25.61 -2.33 11.95
N GLY C 113 -24.51 -2.15 12.69
CA GLY C 113 -24.23 -0.86 13.31
C GLY C 113 -23.81 0.23 12.34
N ASN C 114 -23.30 -0.15 11.18
CA ASN C 114 -22.80 0.78 10.18
C ASN C 114 -23.76 0.87 8.99
N PRO C 115 -23.67 1.94 8.19
CA PRO C 115 -24.63 2.13 7.07
C PRO C 115 -24.28 1.34 5.82
N LEU C 116 -24.44 0.03 5.88
CA LEU C 116 -24.16 -0.84 4.76
C LEU C 116 -25.46 -1.27 4.09
N ASP C 117 -25.44 -1.27 2.75
CA ASP C 117 -26.54 -1.81 1.96
C ASP C 117 -26.24 -3.21 1.44
N GLY C 118 -24.97 -3.48 1.10
CA GLY C 118 -24.54 -4.82 0.76
C GLY C 118 -23.21 -5.12 1.43
N VAL C 119 -22.85 -6.40 1.44
CA VAL C 119 -21.65 -6.86 2.12
C VAL C 119 -20.85 -7.78 1.19
N VAL C 120 -19.53 -7.64 1.23
CA VAL C 120 -18.61 -8.56 0.57
C VAL C 120 -17.78 -9.22 1.66
N LEU C 121 -17.72 -10.55 1.66
CA LEU C 121 -17.04 -11.32 2.69
C LEU C 121 -15.72 -11.84 2.13
N LEU C 122 -14.62 -11.36 2.70
CA LEU C 122 -13.29 -11.85 2.35
C LEU C 122 -12.93 -12.98 3.30
N MET C 123 -12.93 -14.21 2.79
CA MET C 123 -12.75 -15.41 3.61
C MET C 123 -11.63 -16.25 3.04
N GLY C 124 -10.83 -16.83 3.94
CA GLY C 124 -9.73 -17.68 3.52
C GLY C 124 -9.42 -18.78 4.50
N CYS C 125 -8.68 -18.44 5.56
CA CYS C 125 -8.28 -19.42 6.56
C CYS C 125 -9.52 -20.10 7.16
N ASP C 126 -9.36 -21.39 7.49
CA ASP C 126 -10.42 -22.29 7.95
C ASP C 126 -11.64 -21.63 8.60
N KCX C 127 -11.42 -20.97 9.74
CA KCX C 127 -12.52 -20.48 10.56
CB KCX C 127 -12.06 -20.37 12.01
CG KCX C 127 -12.67 -21.49 12.87
CD KCX C 127 -11.91 -22.79 12.71
CE KCX C 127 -12.78 -24.03 12.97
NZ KCX C 127 -12.80 -24.90 11.81
C KCX C 127 -13.07 -19.12 10.10
O KCX C 127 -14.08 -18.72 10.57
CX KCX C 127 -11.63 -25.68 11.44
OQ1 KCX C 127 -11.70 -26.54 10.53
OQ2 KCX C 127 -10.54 -25.48 12.03
N THR C 128 -12.36 -18.43 9.21
CA THR C 128 -12.83 -17.11 8.77
C THR C 128 -14.02 -17.23 7.83
N THR C 129 -14.15 -18.40 7.17
CA THR C 129 -15.30 -18.59 6.28
C THR C 129 -16.60 -18.71 7.06
N PRO C 130 -16.76 -19.64 8.01
CA PRO C 130 -18.06 -19.71 8.69
C PRO C 130 -18.32 -18.53 9.60
N SER C 131 -17.29 -18.00 10.26
CA SER C 131 -17.50 -16.87 11.17
C SER C 131 -18.03 -15.64 10.44
N LEU C 132 -17.65 -15.46 9.17
CA LEU C 132 -18.20 -14.35 8.40
C LEU C 132 -19.57 -14.72 7.82
N MET C 133 -19.75 -15.97 7.38
CA MET C 133 -21.06 -16.41 6.90
C MET C 133 -22.10 -16.35 8.01
N MET C 134 -21.73 -16.79 9.21
CA MET C 134 -22.67 -16.77 10.33
C MET C 134 -23.10 -15.35 10.66
N GLY C 135 -22.12 -14.46 10.87
CA GLY C 135 -22.45 -13.09 11.24
C GLY C 135 -23.24 -12.36 10.17
N ALA C 136 -22.93 -12.62 8.90
CA ALA C 136 -23.67 -11.98 7.82
C ALA C 136 -25.07 -12.54 7.70
N ALA C 137 -25.24 -13.85 7.91
CA ALA C 137 -26.56 -14.46 7.81
C ALA C 137 -27.51 -13.93 8.86
N SER C 138 -26.99 -13.49 10.00
CA SER C 138 -27.83 -12.92 11.06
C SER C 138 -28.29 -11.50 10.73
N CYS C 139 -27.74 -10.87 9.68
CA CYS C 139 -28.21 -9.59 9.21
C CYS C 139 -29.03 -9.69 7.93
N ASP C 140 -28.71 -10.64 7.06
CA ASP C 140 -29.50 -10.94 5.86
C ASP C 140 -29.57 -9.73 4.92
N LEU C 141 -28.41 -9.15 4.66
CA LEU C 141 -28.29 -8.15 3.61
C LEU C 141 -27.85 -8.82 2.31
N PRO C 142 -27.99 -8.14 1.17
CA PRO C 142 -27.37 -8.66 -0.05
C PRO C 142 -25.88 -8.87 0.14
N THR C 143 -25.46 -10.13 0.21
CA THR C 143 -24.10 -10.48 0.59
C THR C 143 -23.48 -11.39 -0.47
N ILE C 144 -22.20 -11.19 -0.72
CA ILE C 144 -21.43 -12.04 -1.62
C ILE C 144 -20.13 -12.43 -0.92
N GLY C 145 -19.66 -13.64 -1.20
CA GLY C 145 -18.47 -14.19 -0.58
C GLY C 145 -17.34 -14.29 -1.59
N VAL C 146 -16.14 -13.89 -1.16
CA VAL C 146 -14.93 -13.97 -1.97
C VAL C 146 -13.91 -14.79 -1.20
N SER C 147 -13.54 -15.94 -1.75
CA SER C 147 -12.53 -16.78 -1.13
C SER C 147 -11.13 -16.28 -1.48
N GLY C 148 -10.19 -16.50 -0.55
CA GLY C 148 -8.83 -16.03 -0.76
C GLY C 148 -8.04 -16.86 -1.74
N GLY C 149 -8.38 -18.14 -1.87
CA GLY C 149 -7.66 -19.02 -2.77
C GLY C 149 -6.62 -19.84 -2.04
N PRO C 150 -6.32 -21.03 -2.55
CA PRO C 150 -5.31 -21.88 -1.93
C PRO C 150 -3.90 -21.50 -2.36
N MET C 151 -2.94 -21.93 -1.55
CA MET C 151 -1.53 -21.75 -1.89
C MET C 151 -1.17 -22.61 -3.10
N LEU C 152 -0.06 -22.26 -3.72
CA LEU C 152 0.51 -23.12 -4.74
C LEU C 152 0.98 -24.43 -4.10
N SER C 153 1.14 -25.45 -4.94
CA SER C 153 1.57 -26.75 -4.44
C SER C 153 3.01 -26.67 -3.93
N GLY C 154 3.25 -27.24 -2.76
CA GLY C 154 4.58 -27.26 -2.22
C GLY C 154 5.52 -28.09 -3.07
N LYS C 155 6.75 -27.61 -3.22
CA LYS C 155 7.77 -28.28 -4.03
C LYS C 155 8.96 -28.58 -3.13
N PHE C 156 9.26 -29.86 -2.96
CA PHE C 156 10.29 -30.29 -2.01
C PHE C 156 11.05 -31.48 -2.60
N ARG C 157 12.31 -31.24 -2.97
CA ARG C 157 13.23 -32.29 -3.39
C ARG C 157 12.68 -33.07 -4.59
N GLY C 158 12.16 -32.34 -5.58
CA GLY C 158 11.69 -32.93 -6.81
C GLY C 158 10.24 -33.39 -6.81
N ARG C 159 9.62 -33.51 -5.64
CA ARG C 159 8.24 -33.94 -5.53
C ARG C 159 7.41 -32.84 -4.86
N GLU C 160 6.17 -33.16 -4.52
CA GLU C 160 5.23 -32.18 -4.02
C GLU C 160 4.85 -32.49 -2.57
N LEU C 161 4.49 -31.43 -1.84
CA LEU C 161 4.00 -31.52 -0.48
C LEU C 161 2.59 -30.94 -0.40
N GLY C 162 1.81 -31.49 0.51
CA GLY C 162 0.42 -31.08 0.71
C GLY C 162 0.24 -30.47 2.09
N SER C 163 -0.59 -29.42 2.15
CA SER C 163 -0.84 -28.74 3.41
C SER C 163 -1.51 -29.67 4.40
N GLY C 164 -0.99 -29.70 5.62
CA GLY C 164 -1.58 -30.48 6.69
C GLY C 164 -1.43 -31.98 6.53
N THR C 165 -1.91 -32.52 5.39
CA THR C 165 -1.89 -33.97 5.18
C THR C 165 -0.47 -34.52 5.29
N ASP C 166 0.48 -33.86 4.63
CA ASP C 166 1.87 -34.28 4.72
C ASP C 166 2.52 -33.90 6.04
N VAL C 167 1.90 -33.02 6.82
CA VAL C 167 2.38 -32.79 8.18
C VAL C 167 2.07 -33.99 9.06
N TRP C 168 0.89 -34.57 8.91
CA TRP C 168 0.56 -35.77 9.69
C TRP C 168 1.37 -36.97 9.20
N LYS C 169 1.55 -37.09 7.88
CA LYS C 169 2.26 -38.24 7.33
C LYS C 169 3.74 -38.21 7.72
N MET C 170 4.42 -37.11 7.43
CA MET C 170 5.84 -37.02 7.76
C MET C 170 6.08 -37.15 9.26
N SER C 171 5.15 -36.63 10.07
CA SER C 171 5.29 -36.75 11.52
C SER C 171 5.20 -38.22 11.96
N GLU C 172 4.19 -38.94 11.47
CA GLU C 172 4.04 -40.35 11.84
C GLU C 172 5.22 -41.18 11.36
N GLU C 173 5.86 -40.78 10.26
CA GLU C 173 7.03 -41.50 9.77
C GLU C 173 8.28 -41.14 10.56
N VAL C 174 8.33 -39.93 11.11
CA VAL C 174 9.42 -39.58 12.03
C VAL C 174 9.31 -40.39 13.31
N ARG C 175 8.09 -40.52 13.85
CA ARG C 175 7.90 -41.31 15.06
C ARG C 175 8.14 -42.78 14.81
N ALA C 176 7.85 -43.27 13.61
CA ALA C 176 8.11 -44.68 13.27
C ALA C 176 9.57 -44.94 12.92
N GLY C 177 10.40 -43.90 12.84
CA GLY C 177 11.79 -44.10 12.51
C GLY C 177 12.08 -44.24 11.04
N GLN C 178 11.17 -43.81 10.16
CA GLN C 178 11.35 -43.93 8.73
C GLN C 178 11.81 -42.64 8.08
N MET C 179 11.59 -41.49 8.72
CA MET C 179 12.04 -40.20 8.23
C MET C 179 12.83 -39.50 9.33
N SER C 180 14.00 -38.98 8.98
CA SER C 180 14.82 -38.27 9.96
C SER C 180 14.11 -37.01 10.44
N GLN C 181 14.49 -36.56 11.63
CA GLN C 181 13.88 -35.37 12.19
C GLN C 181 14.32 -34.11 11.44
N GLU C 182 15.54 -34.10 10.91
CA GLU C 182 16.03 -32.92 10.20
C GLU C 182 15.31 -32.73 8.87
N GLU C 183 15.06 -33.82 8.14
CA GLU C 183 14.35 -33.72 6.86
C GLU C 183 12.96 -33.14 7.06
N PHE C 184 12.27 -33.55 8.14
CA PHE C 184 10.92 -33.07 8.39
C PHE C 184 10.88 -31.57 8.61
N PHE C 185 11.93 -30.99 9.20
CA PHE C 185 11.96 -29.56 9.44
C PHE C 185 12.52 -28.78 8.28
N GLU C 186 13.35 -29.39 7.43
CA GLU C 186 13.80 -28.74 6.21
C GLU C 186 12.68 -28.60 5.19
N ALA C 187 11.51 -29.16 5.45
CA ALA C 187 10.39 -29.13 4.52
C ALA C 187 9.32 -28.12 4.91
N GLU C 188 9.51 -27.37 6.00
CA GLU C 188 8.51 -26.37 6.38
C GLU C 188 8.66 -25.09 5.57
N SER C 189 9.87 -24.79 5.10
CA SER C 189 10.04 -23.68 4.18
C SER C 189 9.61 -24.03 2.76
N CYS C 190 9.56 -25.33 2.43
CA CYS C 190 9.24 -25.78 1.08
C CYS C 190 7.81 -26.25 0.92
N MET C 191 7.06 -26.42 2.01
CA MET C 191 5.65 -26.81 1.86
C MET C 191 4.80 -25.63 1.44
N HIS C 192 4.84 -24.55 2.20
CA HIS C 192 4.03 -23.36 1.93
C HIS C 192 4.94 -22.26 1.39
N ARG C 193 4.82 -21.98 0.08
CA ARG C 193 5.72 -21.07 -0.60
C ARG C 193 5.00 -20.00 -1.40
N SER C 194 3.74 -19.71 -1.05
CA SER C 194 3.00 -18.63 -1.70
C SER C 194 1.83 -18.23 -0.80
N HIS C 195 1.22 -17.11 -1.13
CA HIS C 195 0.00 -16.69 -0.44
C HIS C 195 -1.12 -17.69 -0.71
N GLY C 196 -2.07 -17.75 0.22
CA GLY C 196 -3.25 -18.59 0.09
C GLY C 196 -3.47 -19.44 1.31
N HIS C 197 -4.53 -20.24 1.25
CA HIS C 197 -4.88 -21.15 2.32
C HIS C 197 -4.41 -22.56 1.98
N CYS C 198 -4.82 -23.54 2.79
CA CYS C 198 -4.31 -24.90 2.68
C CYS C 198 -4.55 -25.46 1.28
N MET C 199 -3.49 -26.05 0.72
CA MET C 199 -3.46 -26.50 -0.67
C MET C 199 -4.03 -27.89 -0.88
N THR C 200 -4.51 -28.54 0.18
CA THR C 200 -5.22 -29.81 0.04
C THR C 200 -6.72 -29.56 0.24
N MET C 201 -7.49 -30.64 0.19
CA MET C 201 -8.93 -30.56 0.45
C MET C 201 -9.18 -30.53 1.97
N GLY C 202 -8.61 -29.51 2.60
CA GLY C 202 -8.82 -29.25 4.01
C GLY C 202 -10.11 -28.49 4.23
N THR C 203 -10.21 -27.85 5.39
CA THR C 203 -11.42 -27.09 5.70
C THR C 203 -11.55 -25.85 4.82
N ALA C 204 -10.44 -25.15 4.57
CA ALA C 204 -10.48 -23.93 3.78
C ALA C 204 -10.93 -24.22 2.35
N SER C 205 -10.28 -25.20 1.70
CA SER C 205 -10.70 -25.58 0.35
C SER C 205 -12.14 -26.07 0.35
N THR C 206 -12.51 -26.87 1.35
CA THR C 206 -13.88 -27.34 1.44
C THR C 206 -14.86 -26.18 1.62
N MET C 207 -14.53 -25.25 2.52
CA MET C 207 -15.42 -24.13 2.80
C MET C 207 -15.57 -23.22 1.58
N ALA C 208 -14.48 -23.01 0.84
CA ALA C 208 -14.57 -22.26 -0.41
C ALA C 208 -15.47 -22.98 -1.42
N SER C 209 -15.38 -24.31 -1.44
CA SER C 209 -16.27 -25.09 -2.30
C SER C 209 -17.71 -25.04 -1.81
N MET C 210 -17.91 -24.95 -0.49
CA MET C 210 -19.27 -24.82 0.03
C MET C 210 -19.87 -23.47 -0.32
N VAL C 211 -19.08 -22.40 -0.24
CA VAL C 211 -19.56 -21.07 -0.60
C VAL C 211 -20.02 -21.05 -2.05
N GLU C 212 -19.28 -21.71 -2.95
CA GLU C 212 -19.71 -21.79 -4.33
C GLU C 212 -20.90 -22.73 -4.50
N ALA C 213 -20.89 -23.86 -3.77
CA ALA C 213 -22.01 -24.79 -3.85
C ALA C 213 -23.28 -24.18 -3.26
N LEU C 214 -23.14 -23.38 -2.20
CA LEU C 214 -24.29 -22.69 -1.64
C LEU C 214 -24.81 -21.59 -2.55
N GLY C 215 -24.03 -21.16 -3.53
CA GLY C 215 -24.42 -20.08 -4.41
C GLY C 215 -24.04 -18.70 -3.93
N MET C 216 -23.29 -18.59 -2.84
CA MET C 216 -22.92 -17.30 -2.26
C MET C 216 -21.72 -16.65 -2.93
N SER C 217 -21.19 -17.26 -4.00
CA SER C 217 -20.04 -16.70 -4.70
C SER C 217 -20.29 -16.75 -6.20
N LEU C 218 -19.46 -16.03 -6.94
CA LEU C 218 -19.44 -16.16 -8.39
C LEU C 218 -18.88 -17.53 -8.77
N PRO C 219 -19.23 -18.05 -9.95
CA PRO C 219 -18.74 -19.37 -10.34
C PRO C 219 -17.22 -19.39 -10.44
N GLY C 220 -16.64 -20.51 -9.98
CA GLY C 220 -15.20 -20.70 -9.99
C GLY C 220 -14.46 -20.14 -8.80
N ASN C 221 -15.17 -19.64 -7.78
CA ASN C 221 -14.53 -18.94 -6.68
C ASN C 221 -13.67 -19.87 -5.82
N ALA C 222 -14.01 -21.16 -5.77
CA ALA C 222 -13.39 -22.05 -4.80
C ALA C 222 -11.93 -22.34 -5.14
N ALA C 223 -11.67 -22.78 -6.38
CA ALA C 223 -10.40 -23.43 -6.70
C ALA C 223 -9.29 -22.48 -7.13
N ILE C 224 -9.60 -21.26 -7.56
CA ILE C 224 -8.60 -20.34 -8.11
C ILE C 224 -7.48 -20.13 -7.09
N PRO C 225 -6.23 -20.45 -7.42
CA PRO C 225 -5.13 -20.17 -6.50
C PRO C 225 -5.03 -18.69 -6.18
N ALA C 226 -4.55 -18.41 -4.97
CA ALA C 226 -4.54 -17.02 -4.48
C ALA C 226 -3.65 -16.13 -5.34
N VAL C 227 -2.53 -16.66 -5.84
CA VAL C 227 -1.56 -15.86 -6.57
C VAL C 227 -1.84 -15.92 -8.07
N ASP C 228 -2.99 -16.48 -8.45
CA ASP C 228 -3.38 -16.53 -9.84
C ASP C 228 -4.20 -15.30 -10.20
N ALA C 229 -3.97 -14.78 -11.41
CA ALA C 229 -4.60 -13.53 -11.83
C ALA C 229 -6.12 -13.61 -11.77
N ARG C 230 -6.69 -14.79 -11.99
CA ARG C 230 -8.14 -14.94 -11.96
C ARG C 230 -8.73 -14.71 -10.57
N ARG C 231 -7.91 -14.84 -9.52
CA ARG C 231 -8.40 -14.55 -8.18
C ARG C 231 -8.73 -13.07 -8.02
N ASN C 232 -7.83 -12.19 -8.50
CA ASN C 232 -8.14 -10.77 -8.49
C ASN C 232 -9.30 -10.45 -9.41
N LEU C 233 -9.41 -11.17 -10.53
CA LEU C 233 -10.51 -10.95 -11.46
C LEU C 233 -11.85 -11.23 -10.79
N LEU C 234 -11.95 -12.35 -10.07
CA LEU C 234 -13.20 -12.72 -9.42
C LEU C 234 -13.54 -11.76 -8.28
N ALA C 235 -12.53 -11.34 -7.52
CA ALA C 235 -12.78 -10.38 -6.44
C ALA C 235 -13.25 -9.05 -6.99
N ARG C 236 -12.68 -8.61 -8.11
CA ARG C 236 -13.13 -7.37 -8.74
C ARG C 236 -14.49 -7.57 -9.40
N ALA C 237 -14.71 -8.73 -10.02
CA ALA C 237 -16.03 -9.03 -10.58
C ALA C 237 -17.08 -9.11 -9.47
N SER C 238 -16.69 -9.55 -8.27
CA SER C 238 -17.62 -9.56 -7.15
C SER C 238 -17.95 -8.14 -6.68
N GLY C 239 -16.97 -7.23 -6.74
CA GLY C 239 -17.25 -5.85 -6.41
C GLY C 239 -18.26 -5.21 -7.35
N ARG C 240 -18.18 -5.58 -8.64
CA ARG C 240 -19.20 -5.13 -9.59
C ARG C 240 -20.56 -5.74 -9.26
N ARG C 241 -20.58 -7.04 -8.97
CA ARG C 241 -21.84 -7.76 -8.84
C ARG C 241 -22.62 -7.34 -7.60
N ILE C 242 -21.92 -7.07 -6.50
CA ILE C 242 -22.60 -6.78 -5.24
C ILE C 242 -23.43 -5.51 -5.33
N VAL C 243 -23.01 -4.55 -6.15
CA VAL C 243 -23.78 -3.32 -6.31
C VAL C 243 -25.11 -3.61 -6.98
N GLN C 244 -25.12 -4.45 -8.01
CA GLN C 244 -26.37 -4.83 -8.65
C GLN C 244 -27.23 -5.67 -7.72
N MET C 245 -26.61 -6.45 -6.83
CA MET C 245 -27.38 -7.25 -5.88
C MET C 245 -28.14 -6.36 -4.89
N VAL C 246 -27.54 -5.24 -4.50
CA VAL C 246 -28.22 -4.30 -3.61
C VAL C 246 -29.44 -3.71 -4.30
N LYS C 247 -29.30 -3.36 -5.58
CA LYS C 247 -30.43 -2.79 -6.32
C LYS C 247 -31.57 -3.79 -6.44
N ASP C 248 -31.25 -5.07 -6.69
CA ASP C 248 -32.27 -6.10 -6.78
C ASP C 248 -32.69 -6.64 -5.42
N ASP C 249 -32.02 -6.23 -4.34
CA ASP C 249 -32.31 -6.68 -2.98
C ASP C 249 -32.21 -8.21 -2.88
N LEU C 250 -31.13 -8.75 -3.44
CA LEU C 250 -30.89 -10.20 -3.43
C LEU C 250 -30.18 -10.56 -2.12
N VAL C 251 -30.98 -10.65 -1.06
CA VAL C 251 -30.47 -10.89 0.28
C VAL C 251 -30.02 -12.34 0.42
N MET C 252 -29.36 -12.66 1.55
CA MET C 252 -28.79 -13.99 1.73
C MET C 252 -29.86 -15.07 1.76
N SER C 253 -30.97 -14.81 2.46
CA SER C 253 -32.02 -15.82 2.61
C SER C 253 -32.60 -16.25 1.28
N LYS C 254 -32.49 -15.43 0.24
CA LYS C 254 -32.90 -15.85 -1.09
C LYS C 254 -31.90 -16.79 -1.73
N ILE C 255 -30.66 -16.81 -1.26
CA ILE C 255 -29.63 -17.74 -1.73
C ILE C 255 -29.55 -18.97 -0.84
N LEU C 256 -29.42 -18.76 0.48
CA LEU C 256 -29.27 -19.86 1.43
C LEU C 256 -30.61 -20.50 1.77
N THR C 257 -31.22 -21.10 0.75
CA THR C 257 -32.44 -21.87 0.94
C THR C 257 -32.09 -23.29 1.34
N ARG C 258 -33.12 -24.12 1.56
CA ARG C 258 -32.88 -25.52 1.90
C ARG C 258 -32.17 -26.25 0.77
N GLN C 259 -32.59 -26.01 -0.48
CA GLN C 259 -31.96 -26.66 -1.62
C GLN C 259 -30.49 -26.26 -1.75
N ALA C 260 -30.14 -25.05 -1.32
CA ALA C 260 -28.75 -24.63 -1.38
C ALA C 260 -27.89 -25.45 -0.43
N PHE C 261 -28.31 -25.59 0.83
CA PHE C 261 -27.58 -26.42 1.77
C PHE C 261 -27.54 -27.88 1.31
N GLU C 262 -28.64 -28.36 0.72
CA GLU C 262 -28.64 -29.71 0.20
C GLU C 262 -27.65 -29.86 -0.96
N ASN C 263 -27.56 -28.84 -1.81
CA ASN C 263 -26.57 -28.88 -2.90
C ASN C 263 -25.15 -28.86 -2.35
N ALA C 264 -24.92 -28.08 -1.29
CA ALA C 264 -23.58 -28.02 -0.70
C ALA C 264 -23.17 -29.36 -0.11
N ILE C 265 -24.09 -30.03 0.59
CA ILE C 265 -23.81 -31.33 1.17
C ILE C 265 -23.46 -32.36 0.09
N ARG C 266 -24.11 -32.24 -1.08
CA ARG C 266 -23.81 -33.18 -2.17
C ARG C 266 -22.43 -32.90 -2.76
N VAL C 267 -22.09 -31.63 -2.98
CA VAL C 267 -20.77 -31.30 -3.50
C VAL C 267 -19.69 -31.74 -2.53
N ASN C 268 -19.95 -31.60 -1.22
CA ASN C 268 -18.96 -31.98 -0.22
C ASN C 268 -18.58 -33.45 -0.33
N ALA C 269 -19.52 -34.30 -0.76
CA ALA C 269 -19.19 -35.71 -0.93
C ALA C 269 -18.34 -35.94 -2.18
N ALA C 270 -18.67 -35.26 -3.28
CA ALA C 270 -17.95 -35.48 -4.53
C ALA C 270 -16.53 -34.94 -4.49
N ILE C 271 -16.25 -33.96 -3.63
CA ILE C 271 -14.92 -33.39 -3.53
C ILE C 271 -14.10 -34.02 -2.41
N GLY C 272 -14.69 -34.92 -1.63
CA GLY C 272 -13.99 -35.49 -0.50
C GLY C 272 -13.73 -34.43 0.56
N GLY C 273 -14.75 -33.64 0.87
CA GLY C 273 -14.57 -32.49 1.73
C GLY C 273 -14.33 -32.85 3.17
N SER C 274 -14.01 -31.83 3.95
CA SER C 274 -13.63 -31.97 5.34
C SER C 274 -14.84 -32.26 6.23
N THR C 275 -14.59 -32.94 7.35
CA THR C 275 -15.64 -33.15 8.34
C THR C 275 -15.99 -31.87 9.09
N ASN C 276 -15.08 -30.91 9.14
CA ASN C 276 -15.40 -29.61 9.72
C ASN C 276 -16.48 -28.89 8.93
N ALA C 277 -16.68 -29.25 7.67
CA ALA C 277 -17.78 -28.69 6.89
C ALA C 277 -19.12 -29.00 7.52
N VAL C 278 -19.24 -30.16 8.17
CA VAL C 278 -20.53 -30.57 8.74
C VAL C 278 -20.95 -29.59 9.83
N ILE C 279 -20.03 -29.25 10.73
CA ILE C 279 -20.37 -28.37 11.85
C ILE C 279 -20.68 -26.97 11.36
N HIS C 280 -19.88 -26.45 10.42
CA HIS C 280 -20.03 -25.06 9.99
C HIS C 280 -21.33 -24.85 9.22
N LEU C 281 -21.65 -25.75 8.29
CA LEU C 281 -22.89 -25.61 7.53
C LEU C 281 -24.11 -25.69 8.42
N LEU C 282 -24.02 -26.46 9.52
CA LEU C 282 -25.12 -26.49 10.48
C LEU C 282 -25.23 -25.17 11.23
N ALA C 283 -24.10 -24.57 11.61
CA ALA C 283 -24.12 -23.28 12.28
C ALA C 283 -24.62 -22.19 11.34
N ILE C 284 -24.21 -22.25 10.07
CA ILE C 284 -24.69 -21.26 9.10
C ILE C 284 -26.18 -21.38 8.89
N ALA C 285 -26.69 -22.61 8.84
CA ALA C 285 -28.13 -22.82 8.71
C ALA C 285 -28.86 -22.33 9.95
N GLY C 286 -28.26 -22.53 11.13
CA GLY C 286 -28.86 -22.06 12.37
C GLY C 286 -28.99 -20.55 12.47
N ARG C 287 -28.32 -19.80 11.60
CA ARG C 287 -28.42 -18.34 11.55
C ARG C 287 -29.43 -17.87 10.52
N ILE C 288 -29.36 -18.40 9.29
CA ILE C 288 -30.26 -17.97 8.22
C ILE C 288 -31.67 -18.51 8.37
N GLY C 289 -31.88 -19.49 9.25
CA GLY C 289 -33.21 -20.00 9.50
C GLY C 289 -33.64 -21.13 8.58
N VAL C 290 -32.73 -22.06 8.32
CA VAL C 290 -33.02 -23.26 7.53
C VAL C 290 -32.79 -24.46 8.43
N ASP C 291 -33.82 -25.30 8.56
CA ASP C 291 -33.71 -26.51 9.36
C ASP C 291 -32.75 -27.48 8.68
N LEU C 292 -31.64 -27.77 9.35
CA LEU C 292 -30.66 -28.73 8.87
C LEU C 292 -30.12 -29.51 10.07
N THR C 293 -29.89 -30.81 9.86
CA THR C 293 -29.47 -31.68 10.95
C THR C 293 -28.37 -32.62 10.44
N LEU C 294 -27.79 -33.37 11.38
CA LEU C 294 -26.85 -34.42 10.99
C LEU C 294 -27.53 -35.48 10.12
N ALA C 295 -28.80 -35.80 10.42
CA ALA C 295 -29.53 -36.77 9.63
C ALA C 295 -29.65 -36.32 8.18
N ASP C 296 -29.81 -35.02 7.95
CA ASP C 296 -29.81 -34.50 6.59
C ASP C 296 -28.45 -34.73 5.93
N TRP C 297 -27.36 -34.52 6.68
CA TRP C 297 -26.03 -34.79 6.14
C TRP C 297 -25.88 -36.25 5.74
N ASP C 298 -26.35 -37.17 6.59
CA ASP C 298 -26.22 -38.59 6.28
C ASP C 298 -27.10 -38.99 5.10
N ALA C 299 -28.35 -38.53 5.09
CA ALA C 299 -29.27 -38.93 4.03
C ALA C 299 -28.84 -38.37 2.68
N LEU C 300 -28.41 -37.11 2.64
CA LEU C 300 -28.07 -36.48 1.37
C LEU C 300 -26.77 -37.02 0.80
N GLY C 301 -25.77 -37.25 1.66
CA GLY C 301 -24.52 -37.81 1.20
C GLY C 301 -24.51 -39.32 1.08
N HIS C 302 -25.58 -39.98 1.50
CA HIS C 302 -25.69 -41.44 1.47
C HIS C 302 -25.45 -42.00 0.07
N LYS C 303 -24.35 -42.74 -0.07
CA LYS C 303 -23.95 -43.46 -1.28
C LYS C 303 -23.62 -42.54 -2.46
N LEU C 304 -23.50 -41.24 -2.24
CA LEU C 304 -22.93 -40.38 -3.27
C LEU C 304 -21.43 -40.62 -3.36
N PRO C 305 -20.86 -40.60 -4.56
CA PRO C 305 -19.43 -40.90 -4.72
C PRO C 305 -18.55 -39.68 -4.58
N CYS C 306 -17.27 -39.95 -4.33
CA CYS C 306 -16.24 -38.92 -4.36
C CYS C 306 -15.61 -38.92 -5.75
N LEU C 307 -15.57 -37.73 -6.36
CA LEU C 307 -15.11 -37.58 -7.73
C LEU C 307 -13.77 -36.88 -7.84
N VAL C 308 -13.21 -36.37 -6.74
CA VAL C 308 -12.05 -35.51 -6.77
C VAL C 308 -10.89 -36.24 -6.10
N ASP C 309 -9.88 -36.58 -6.88
CA ASP C 309 -8.71 -37.33 -6.41
C ASP C 309 -7.67 -36.36 -5.85
N LEU C 310 -7.98 -35.81 -4.68
CA LEU C 310 -7.09 -34.92 -3.97
C LEU C 310 -6.83 -35.46 -2.56
N GLN C 311 -5.69 -35.08 -2.00
CA GLN C 311 -5.41 -35.36 -0.61
C GLN C 311 -6.40 -34.61 0.29
N PRO C 312 -6.73 -35.16 1.46
CA PRO C 312 -6.23 -36.40 2.06
C PRO C 312 -6.88 -37.67 1.51
N SER C 313 -7.96 -37.52 0.75
CA SER C 313 -8.61 -38.69 0.18
C SER C 313 -7.80 -39.30 -0.95
N GLY C 314 -7.12 -38.46 -1.73
CA GLY C 314 -6.38 -38.91 -2.90
C GLY C 314 -4.93 -38.46 -2.85
N THR C 315 -4.43 -38.03 -4.02
CA THR C 315 -3.01 -37.79 -4.18
C THR C 315 -2.67 -36.39 -4.70
N HIS C 316 -3.57 -35.79 -5.47
CA HIS C 316 -3.28 -34.51 -6.12
C HIS C 316 -3.54 -33.36 -5.14
N LEU C 317 -3.42 -32.12 -5.64
CA LEU C 317 -3.53 -30.93 -4.81
C LEU C 317 -4.45 -29.91 -5.49
N MET C 318 -4.72 -28.80 -4.78
CA MET C 318 -5.69 -27.82 -5.25
C MET C 318 -5.32 -27.23 -6.59
N GLU C 319 -4.02 -27.08 -6.88
CA GLU C 319 -3.61 -26.60 -8.19
C GLU C 319 -4.15 -27.49 -9.29
N ASP C 320 -3.97 -28.81 -9.15
CA ASP C 320 -4.52 -29.75 -10.11
C ASP C 320 -6.04 -29.67 -10.18
N PHE C 321 -6.69 -29.38 -9.04
CA PHE C 321 -8.15 -29.29 -9.03
C PHE C 321 -8.64 -28.09 -9.84
N TYR C 322 -7.95 -26.96 -9.75
CA TYR C 322 -8.35 -25.78 -10.52
C TYR C 322 -8.10 -25.98 -12.00
N TYR C 323 -6.91 -26.49 -12.36
CA TYR C 323 -6.58 -26.70 -13.77
C TYR C 323 -7.44 -27.77 -14.42
N ALA C 324 -8.16 -28.57 -13.64
CA ALA C 324 -9.03 -29.61 -14.18
C ALA C 324 -10.46 -29.13 -14.40
N GLY C 325 -10.86 -28.02 -13.78
CA GLY C 325 -12.21 -27.53 -13.92
C GLY C 325 -12.80 -26.99 -12.64
N GLY C 326 -12.21 -27.39 -11.51
CA GLY C 326 -12.67 -26.89 -10.22
C GLY C 326 -14.07 -27.38 -9.87
N VAL C 327 -14.71 -26.61 -8.99
CA VAL C 327 -16.06 -26.96 -8.53
C VAL C 327 -17.07 -26.98 -9.67
N PRO C 328 -17.08 -26.03 -10.62
CA PRO C 328 -18.06 -26.13 -11.72
C PRO C 328 -18.04 -27.46 -12.45
N ALA C 329 -16.86 -28.04 -12.68
CA ALA C 329 -16.79 -29.36 -13.31
C ALA C 329 -17.36 -30.44 -12.41
N VAL C 330 -17.20 -30.30 -11.10
CA VAL C 330 -17.76 -31.29 -10.18
C VAL C 330 -19.28 -31.19 -10.15
N ILE C 331 -19.81 -29.97 -10.11
CA ILE C 331 -21.27 -29.79 -10.06
C ILE C 331 -21.91 -30.31 -11.33
N ARG C 332 -21.23 -30.16 -12.48
CA ARG C 332 -21.79 -30.69 -13.72
C ARG C 332 -21.92 -32.21 -13.67
N GLU C 333 -20.99 -32.88 -12.99
CA GLU C 333 -21.12 -34.32 -12.79
C GLU C 333 -22.30 -34.66 -11.90
N LEU C 334 -22.69 -33.74 -11.01
CA LEU C 334 -23.81 -33.95 -10.10
C LEU C 334 -25.13 -33.43 -10.66
N GLY C 335 -25.22 -33.25 -11.98
CA GLY C 335 -26.41 -32.68 -12.58
C GLY C 335 -27.67 -33.51 -12.37
N ASP C 336 -27.52 -34.80 -12.08
CA ASP C 336 -28.67 -35.69 -11.90
C ASP C 336 -29.15 -35.76 -10.47
N VAL C 337 -28.44 -35.13 -9.52
CA VAL C 337 -28.84 -35.15 -8.12
C VAL C 337 -29.05 -33.77 -7.54
N ILE C 338 -28.42 -32.72 -8.09
CA ILE C 338 -28.53 -31.39 -7.49
C ILE C 338 -29.90 -30.80 -7.76
N ALA C 339 -30.23 -29.77 -6.97
CA ALA C 339 -31.38 -28.92 -7.25
C ALA C 339 -30.91 -27.85 -8.23
N ARG C 340 -31.16 -28.09 -9.52
CA ARG C 340 -30.56 -27.26 -10.56
C ARG C 340 -31.01 -25.81 -10.47
N ASP C 341 -32.28 -25.59 -10.15
CA ASP C 341 -32.87 -24.25 -10.18
C ASP C 341 -32.52 -23.40 -8.95
N ALA C 342 -31.52 -23.80 -8.17
CA ALA C 342 -31.13 -23.02 -7.00
C ALA C 342 -30.45 -21.73 -7.43
N LEU C 343 -30.98 -20.59 -6.98
CA LEU C 343 -30.46 -19.30 -7.39
C LEU C 343 -29.13 -19.01 -6.71
N THR C 344 -28.22 -18.38 -7.46
CA THR C 344 -26.93 -17.95 -6.94
C THR C 344 -26.83 -16.43 -6.99
N VAL C 345 -25.77 -15.89 -6.38
CA VAL C 345 -25.64 -14.45 -6.25
C VAL C 345 -25.46 -13.75 -7.59
N ASN C 346 -24.98 -14.45 -8.62
CA ASN C 346 -24.79 -13.83 -9.93
C ASN C 346 -26.08 -13.74 -10.74
N GLY C 347 -27.23 -14.09 -10.14
CA GLY C 347 -28.50 -14.03 -10.83
C GLY C 347 -28.88 -15.28 -11.58
N GLN C 348 -27.94 -16.19 -11.81
CA GLN C 348 -28.20 -17.43 -12.53
C GLN C 348 -28.36 -18.58 -11.54
N THR C 349 -28.99 -19.66 -12.00
CA THR C 349 -29.09 -20.86 -11.20
C THR C 349 -27.73 -21.55 -11.13
N LEU C 350 -27.61 -22.49 -10.19
CA LEU C 350 -26.37 -23.25 -10.06
C LEU C 350 -26.09 -24.05 -11.33
N TRP C 351 -27.15 -24.59 -11.95
CA TRP C 351 -26.97 -25.37 -13.17
C TRP C 351 -26.58 -24.47 -14.34
N ASP C 352 -27.13 -23.25 -14.39
CA ASP C 352 -26.73 -22.31 -15.44
C ASP C 352 -25.24 -22.03 -15.40
N ASN C 353 -24.67 -21.88 -14.20
CA ASN C 353 -23.26 -21.57 -14.06
C ASN C 353 -22.35 -22.78 -14.26
N CYS C 354 -22.91 -23.99 -14.33
CA CYS C 354 -22.09 -25.20 -14.38
C CYS C 354 -22.41 -26.16 -15.51
N LYS C 355 -23.54 -25.99 -16.21
CA LYS C 355 -23.98 -27.00 -17.18
C LYS C 355 -22.97 -27.17 -18.31
N ASP C 356 -22.20 -26.14 -18.63
CA ASP C 356 -21.23 -26.18 -19.70
C ASP C 356 -19.80 -26.06 -19.20
N ALA C 357 -19.56 -26.49 -17.96
CA ALA C 357 -18.23 -26.40 -17.38
C ALA C 357 -17.32 -27.46 -17.98
N PRO C 358 -16.14 -27.08 -18.46
CA PRO C 358 -15.23 -28.08 -19.04
C PRO C 358 -14.51 -28.88 -17.98
N ASN C 359 -13.96 -30.02 -18.41
CA ASN C 359 -13.20 -30.93 -17.55
C ASN C 359 -11.92 -31.28 -18.28
N TRP C 360 -10.80 -30.75 -17.80
CA TRP C 360 -9.51 -30.88 -18.48
C TRP C 360 -8.67 -32.04 -17.95
N ASN C 361 -9.13 -32.74 -16.92
CA ASN C 361 -8.33 -33.82 -16.34
C ASN C 361 -9.29 -34.77 -15.62
N ARG C 362 -9.61 -35.89 -16.27
CA ARG C 362 -10.48 -36.89 -15.66
C ARG C 362 -9.80 -37.63 -14.52
N GLU C 363 -8.47 -37.57 -14.44
CA GLU C 363 -7.76 -38.22 -13.35
C GLU C 363 -7.87 -37.45 -12.04
N VAL C 364 -8.19 -36.16 -12.11
CA VAL C 364 -8.45 -35.37 -10.90
C VAL C 364 -9.95 -35.33 -10.62
N ILE C 365 -10.74 -34.97 -11.61
CA ILE C 365 -12.20 -34.88 -11.49
C ILE C 365 -12.78 -36.02 -12.30
N HIS C 366 -13.20 -37.08 -11.61
CA HIS C 366 -13.73 -38.27 -12.28
C HIS C 366 -15.16 -38.04 -12.75
N ALA C 367 -15.54 -38.76 -13.79
CA ALA C 367 -16.94 -38.80 -14.20
C ALA C 367 -17.79 -39.44 -13.10
N PHE C 368 -19.09 -39.13 -13.12
CA PHE C 368 -19.96 -39.59 -12.04
C PHE C 368 -20.05 -41.11 -11.99
N ASN C 369 -20.19 -41.75 -13.15
CA ASN C 369 -20.35 -43.21 -13.21
C ASN C 369 -19.03 -43.96 -13.10
N GLU C 370 -17.89 -43.29 -13.28
CA GLU C 370 -16.58 -43.88 -13.03
C GLU C 370 -15.88 -43.02 -11.96
N PRO C 371 -16.36 -43.10 -10.72
CA PRO C 371 -15.89 -42.17 -9.69
C PRO C 371 -14.51 -42.56 -9.14
N PHE C 372 -13.95 -41.65 -8.37
CA PHE C 372 -12.68 -41.91 -7.69
C PHE C 372 -12.86 -42.90 -6.54
N LYS C 373 -13.93 -42.74 -5.76
CA LYS C 373 -14.29 -43.68 -4.71
C LYS C 373 -15.80 -43.75 -4.62
N THR C 374 -16.33 -44.94 -4.36
CA THR C 374 -17.76 -45.15 -4.28
C THR C 374 -18.23 -45.02 -2.84
N GLU C 375 -19.44 -44.46 -2.68
CA GLU C 375 -20.09 -44.34 -1.38
C GLU C 375 -19.18 -43.70 -0.34
N ALA C 376 -18.52 -42.61 -0.76
CA ALA C 376 -17.49 -41.96 0.05
C ALA C 376 -18.01 -40.75 0.81
N GLY C 377 -19.32 -40.53 0.82
CA GLY C 377 -19.86 -39.42 1.58
C GLY C 377 -19.65 -39.59 3.07
N ILE C 378 -19.65 -38.45 3.77
CA ILE C 378 -19.50 -38.47 5.21
C ILE C 378 -20.68 -39.20 5.84
N ALA C 379 -20.38 -40.12 6.76
CA ALA C 379 -21.38 -40.97 7.38
C ALA C 379 -21.63 -40.53 8.81
N VAL C 380 -22.90 -40.55 9.21
CA VAL C 380 -23.31 -40.20 10.56
C VAL C 380 -23.63 -41.49 11.31
N LEU C 381 -22.99 -41.69 12.45
CA LEU C 381 -23.16 -42.89 13.26
C LEU C 381 -24.07 -42.60 14.44
N ARG C 382 -24.94 -43.56 14.76
CA ARG C 382 -25.81 -43.48 15.91
C ARG C 382 -25.61 -44.71 16.79
N GLY C 383 -25.97 -44.56 18.06
CA GLY C 383 -25.77 -45.62 19.03
C GLY C 383 -25.65 -45.05 20.41
N ASN C 384 -25.59 -45.96 21.39
CA ASN C 384 -25.54 -45.55 22.79
C ASN C 384 -24.29 -44.74 23.12
N LEU C 385 -23.21 -44.92 22.36
CA LEU C 385 -21.99 -44.17 22.60
C LEU C 385 -22.08 -42.72 22.11
N CYS C 386 -22.98 -42.44 21.17
CA CYS C 386 -23.18 -41.08 20.66
C CYS C 386 -24.67 -40.87 20.40
N PRO C 387 -25.46 -40.66 21.45
CA PRO C 387 -26.91 -40.49 21.24
C PRO C 387 -27.26 -39.32 20.33
N ASP C 388 -26.45 -38.28 20.28
CA ASP C 388 -26.70 -37.13 19.44
C ASP C 388 -25.85 -37.12 18.17
N GLY C 389 -25.23 -38.24 17.83
CA GLY C 389 -24.60 -38.39 16.53
C GLY C 389 -23.08 -38.38 16.62
N ALA C 390 -22.46 -38.85 15.54
CA ALA C 390 -21.02 -38.85 15.37
C ALA C 390 -20.73 -39.09 13.89
N VAL C 391 -19.69 -38.44 13.37
CA VAL C 391 -19.40 -38.49 11.95
C VAL C 391 -18.07 -39.19 11.70
N ILE C 392 -17.92 -39.68 10.47
CA ILE C 392 -16.67 -40.28 10.01
C ILE C 392 -16.52 -39.95 8.54
N LYS C 393 -15.27 -39.82 8.11
CA LYS C 393 -14.96 -39.49 6.71
C LYS C 393 -14.31 -40.70 6.03
N PRO C 394 -15.09 -41.65 5.54
CA PRO C 394 -14.50 -42.86 4.94
C PRO C 394 -13.80 -42.61 3.61
N SER C 395 -13.85 -41.39 3.08
CA SER C 395 -13.11 -41.08 1.86
C SER C 395 -11.61 -41.17 2.09
N ALA C 396 -11.16 -40.97 3.34
CA ALA C 396 -9.75 -41.05 3.68
C ALA C 396 -9.49 -42.08 4.77
N ALA C 397 -10.39 -43.05 4.94
CA ALA C 397 -10.26 -44.08 5.95
C ALA C 397 -9.80 -45.39 5.32
N THR C 398 -9.66 -46.42 6.16
CA THR C 398 -9.29 -47.76 5.69
C THR C 398 -10.54 -48.61 5.52
N PRO C 399 -10.76 -49.21 4.35
CA PRO C 399 -11.99 -49.99 4.16
C PRO C 399 -12.15 -51.14 5.12
N ALA C 400 -11.05 -51.81 5.49
CA ALA C 400 -11.15 -52.97 6.36
C ALA C 400 -11.55 -52.60 7.79
N LEU C 401 -11.31 -51.35 8.20
CA LEU C 401 -11.58 -50.93 9.57
C LEU C 401 -12.98 -50.34 9.76
N LEU C 402 -13.69 -50.04 8.68
CA LEU C 402 -15.02 -49.45 8.80
C LEU C 402 -15.99 -50.36 9.53
N LYS C 403 -15.73 -51.67 9.53
CA LYS C 403 -16.48 -52.64 10.33
C LYS C 403 -15.48 -53.30 11.26
N HIS C 404 -15.45 -52.86 12.53
CA HIS C 404 -14.40 -53.30 13.43
C HIS C 404 -14.93 -53.40 14.86
N LYS C 405 -14.46 -54.41 15.58
CA LYS C 405 -14.73 -54.60 17.00
C LYS C 405 -13.40 -54.67 17.72
N GLY C 406 -13.20 -53.81 18.72
CA GLY C 406 -11.90 -53.71 19.37
C GLY C 406 -12.02 -53.39 20.84
N ARG C 407 -11.00 -53.79 21.59
CA ARG C 407 -10.90 -53.45 23.00
C ARG C 407 -10.50 -51.99 23.16
N ALA C 408 -11.21 -51.29 24.04
CA ALA C 408 -11.02 -49.84 24.19
C ALA C 408 -9.76 -49.53 24.98
N VAL C 409 -8.90 -48.69 24.41
CA VAL C 409 -7.77 -48.09 25.11
C VAL C 409 -8.10 -46.61 25.27
N VAL C 410 -8.28 -46.17 26.52
CA VAL C 410 -8.92 -44.91 26.83
C VAL C 410 -7.88 -43.89 27.28
N PHE C 411 -8.06 -42.64 26.85
CA PHE C 411 -7.28 -41.50 27.31
C PHE C 411 -8.24 -40.43 27.82
N GLU C 412 -8.05 -40.01 29.07
CA GLU C 412 -9.00 -39.12 29.72
C GLU C 412 -8.99 -37.71 29.14
N ASN C 413 -7.89 -37.29 28.51
CA ASN C 413 -7.79 -35.96 27.93
C ASN C 413 -6.62 -35.95 26.96
N SER C 414 -6.40 -34.80 26.33
CA SER C 414 -5.28 -34.66 25.41
C SER C 414 -3.95 -34.77 26.14
N GLU C 415 -3.85 -34.13 27.32
CA GLU C 415 -2.64 -34.24 28.11
C GLU C 415 -2.35 -35.69 28.47
N HIS C 416 -3.38 -36.42 28.92
CA HIS C 416 -3.20 -37.83 29.25
C HIS C 416 -2.87 -38.66 28.02
N MET C 417 -3.37 -38.26 26.84
CA MET C 417 -3.07 -39.00 25.63
C MET C 417 -1.63 -38.77 25.17
N HIS C 418 -1.12 -37.55 25.35
CA HIS C 418 0.27 -37.28 25.01
C HIS C 418 1.23 -38.12 25.84
N GLU C 419 0.84 -38.46 27.08
CA GLU C 419 1.73 -39.22 27.94
C GLU C 419 1.69 -40.71 27.64
N ARG C 420 0.48 -41.28 27.53
CA ARG C 420 0.35 -42.73 27.44
CA ARG C 420 0.34 -42.73 27.45
C ARG C 420 0.70 -43.26 26.08
N MET C 421 0.42 -42.50 25.02
CA MET C 421 0.55 -43.03 23.65
C MET C 421 1.97 -43.52 23.37
N ASP C 422 2.98 -42.71 23.72
CA ASP C 422 4.37 -43.08 23.48
C ASP C 422 4.96 -43.93 24.60
N ASP C 423 4.14 -44.42 25.52
CA ASP C 423 4.60 -45.33 26.57
C ASP C 423 4.68 -46.75 25.99
N GLU C 424 5.87 -47.35 26.04
CA GLU C 424 6.04 -48.70 25.51
C GLU C 424 5.38 -49.77 26.38
N ASN C 425 4.93 -49.42 27.59
CA ASN C 425 4.20 -50.35 28.43
C ASN C 425 2.72 -50.44 28.08
N LEU C 426 2.25 -49.61 27.14
CA LEU C 426 0.83 -49.56 26.82
C LEU C 426 0.40 -50.85 26.14
N ASP C 427 -0.61 -51.50 26.71
CA ASP C 427 -1.16 -52.75 26.15
C ASP C 427 -2.14 -52.38 25.04
N VAL C 428 -1.67 -52.44 23.80
CA VAL C 428 -2.49 -52.05 22.65
C VAL C 428 -1.92 -52.74 21.41
N ASP C 429 -2.82 -53.24 20.57
CA ASP C 429 -2.46 -53.80 19.27
C ASP C 429 -3.17 -53.02 18.17
N GLU C 430 -2.97 -53.46 16.93
CA GLU C 430 -3.57 -52.76 15.79
C GLU C 430 -5.09 -52.88 15.77
N ASN C 431 -5.67 -53.86 16.46
CA ASN C 431 -7.11 -54.07 16.47
C ASN C 431 -7.78 -53.52 17.72
N CYS C 432 -7.16 -52.57 18.40
CA CYS C 432 -7.78 -51.86 19.50
C CYS C 432 -8.50 -50.62 18.99
N VAL C 433 -9.32 -50.03 19.85
CA VAL C 433 -10.07 -48.83 19.53
C VAL C 433 -9.59 -47.72 20.46
N LEU C 434 -8.89 -46.74 19.89
CA LEU C 434 -8.40 -45.60 20.68
C LEU C 434 -9.55 -44.65 20.99
N VAL C 435 -9.67 -44.28 22.26
CA VAL C 435 -10.75 -43.43 22.74
C VAL C 435 -10.14 -42.22 23.43
N LEU C 436 -10.53 -41.03 22.98
CA LEU C 436 -10.06 -39.78 23.55
C LEU C 436 -11.25 -39.00 24.11
N LYS C 437 -11.15 -38.58 25.36
CA LYS C 437 -12.22 -37.90 26.05
C LYS C 437 -11.87 -36.42 26.26
N ASN C 438 -12.92 -35.63 26.51
CA ASN C 438 -12.79 -34.25 26.97
C ASN C 438 -12.01 -33.39 25.99
N CYS C 439 -12.43 -33.42 24.74
CA CYS C 439 -11.83 -32.55 23.72
C CYS C 439 -12.88 -31.90 22.83
N GLY C 440 -14.12 -31.80 23.30
CA GLY C 440 -15.18 -31.15 22.56
C GLY C 440 -15.28 -29.67 22.92
N PRO C 441 -16.44 -29.07 22.62
CA PRO C 441 -16.60 -27.63 22.88
C PRO C 441 -16.32 -27.23 24.31
N ARG C 442 -16.88 -27.94 25.28
CA ARG C 442 -16.61 -27.61 26.67
C ARG C 442 -15.29 -28.19 27.18
N GLY C 443 -14.87 -29.33 26.62
CA GLY C 443 -13.80 -30.11 27.22
C GLY C 443 -12.42 -29.50 27.05
N TYR C 444 -12.15 -28.96 25.89
CA TYR C 444 -10.78 -28.61 25.56
C TYR C 444 -10.34 -27.32 26.25
N PRO C 445 -11.09 -26.20 26.17
CA PRO C 445 -12.34 -25.89 25.46
C PRO C 445 -12.11 -25.44 24.01
N GLY C 446 -13.18 -25.46 23.22
CA GLY C 446 -13.12 -25.04 21.84
C GLY C 446 -13.12 -26.17 20.83
N MET C 447 -13.15 -27.42 21.28
CA MET C 447 -13.15 -28.59 20.39
C MET C 447 -12.01 -28.53 19.38
N ALA C 448 -10.82 -28.94 19.80
CA ALA C 448 -9.64 -28.83 18.94
C ALA C 448 -9.60 -29.96 17.92
N GLU C 449 -8.68 -29.82 16.97
CA GLU C 449 -8.46 -30.83 15.94
C GLU C 449 -7.48 -31.88 16.46
N ALA C 450 -7.95 -32.65 17.45
CA ALA C 450 -7.14 -33.68 18.08
C ALA C 450 -7.65 -35.09 17.79
N GLY C 451 -8.65 -35.24 16.91
CA GLY C 451 -9.23 -36.54 16.68
C GLY C 451 -8.30 -37.51 15.97
N ASN C 452 -7.47 -37.01 15.07
CA ASN C 452 -6.53 -37.86 14.33
C ASN C 452 -5.32 -38.16 15.23
N MET C 453 -5.55 -39.03 16.20
CA MET C 453 -4.54 -39.33 17.20
C MET C 453 -3.34 -40.02 16.55
N PRO C 454 -2.11 -39.61 16.87
CA PRO C 454 -0.94 -40.36 16.41
C PRO C 454 -0.93 -41.75 17.04
N LEU C 455 -0.61 -42.75 16.23
CA LEU C 455 -0.65 -44.13 16.66
C LEU C 455 0.53 -44.46 17.56
N PRO C 456 0.39 -45.49 18.40
CA PRO C 456 1.53 -45.93 19.23
C PRO C 456 2.70 -46.32 18.36
N PRO C 457 3.92 -45.91 18.74
CA PRO C 457 5.09 -46.21 17.89
C PRO C 457 5.33 -47.71 17.69
N LYS C 458 5.04 -48.53 18.70
CA LYS C 458 5.21 -49.97 18.56
C LYS C 458 4.32 -50.55 17.47
N ILE C 459 3.25 -49.83 17.10
CA ILE C 459 2.40 -50.25 15.99
C ILE C 459 2.82 -49.56 14.69
N LEU C 460 3.27 -48.32 14.77
CA LEU C 460 3.79 -47.64 13.59
C LEU C 460 5.01 -48.37 13.02
N ARG C 461 5.88 -48.86 13.90
CA ARG C 461 7.04 -49.61 13.44
C ARG C 461 6.66 -50.94 12.79
N LYS C 462 5.46 -51.44 13.05
CA LYS C 462 4.97 -52.63 12.37
C LYS C 462 4.43 -52.35 10.98
N GLY C 463 4.40 -51.08 10.56
CA GLY C 463 3.92 -50.71 9.25
C GLY C 463 2.46 -50.30 9.18
N ILE C 464 1.80 -50.12 10.32
CA ILE C 464 0.38 -49.79 10.37
C ILE C 464 0.25 -48.30 10.65
N THR C 465 -0.44 -47.59 9.76
CA THR C 465 -0.64 -46.16 9.88
C THR C 465 -2.08 -45.78 10.21
N ASP C 466 -2.97 -46.75 10.40
CA ASP C 466 -4.37 -46.45 10.67
C ASP C 466 -4.91 -47.43 11.72
N MET C 467 -5.53 -46.87 12.75
CA MET C 467 -6.32 -47.62 13.72
C MET C 467 -7.67 -46.94 13.86
N VAL C 468 -8.62 -47.66 14.46
CA VAL C 468 -9.92 -47.07 14.76
C VAL C 468 -9.75 -46.09 15.92
N ARG C 469 -10.34 -44.90 15.79
CA ARG C 469 -10.19 -43.85 16.78
C ARG C 469 -11.52 -43.17 17.00
N VAL C 470 -11.89 -42.97 18.27
CA VAL C 470 -13.15 -42.36 18.65
C VAL C 470 -12.86 -41.21 19.62
N SER C 471 -13.55 -40.09 19.42
CA SER C 471 -13.36 -38.94 20.29
C SER C 471 -14.50 -37.96 20.08
N ASP C 472 -14.65 -37.06 21.06
CA ASP C 472 -15.54 -35.91 20.95
C ASP C 472 -14.86 -34.71 20.31
N ALA C 473 -13.64 -34.89 19.82
CA ALA C 473 -12.88 -33.80 19.21
C ALA C 473 -13.16 -33.71 17.72
N ARG C 474 -12.63 -32.67 17.10
CA ARG C 474 -12.67 -32.52 15.66
C ARG C 474 -11.40 -33.10 15.03
N MET C 475 -11.40 -33.14 13.70
CA MET C 475 -10.23 -33.50 12.93
C MET C 475 -9.90 -32.35 11.99
N SER C 476 -8.63 -32.27 11.60
CA SER C 476 -8.26 -31.34 10.55
C SER C 476 -8.83 -31.82 9.22
N GLY C 477 -9.24 -30.88 8.38
CA GLY C 477 -9.70 -31.24 7.05
C GLY C 477 -8.65 -31.95 6.22
N THR C 478 -7.38 -31.74 6.54
CA THR C 478 -6.28 -32.39 5.87
C THR C 478 -5.93 -33.75 6.47
N ALA C 479 -6.66 -34.19 7.50
CA ALA C 479 -6.36 -35.43 8.16
C ALA C 479 -7.08 -36.60 7.50
N TYR C 480 -6.83 -37.80 8.00
CA TYR C 480 -7.22 -39.03 7.32
C TYR C 480 -7.30 -40.15 8.35
N GLY C 481 -7.70 -41.34 7.89
CA GLY C 481 -7.80 -42.51 8.73
C GLY C 481 -9.23 -42.80 9.16
N THR C 482 -9.39 -43.95 9.82
CA THR C 482 -10.69 -44.40 10.31
C THR C 482 -10.93 -43.74 11.68
N VAL C 483 -11.37 -42.49 11.63
CA VAL C 483 -11.48 -41.65 12.82
C VAL C 483 -12.95 -41.25 12.99
N VAL C 484 -13.57 -41.71 14.07
CA VAL C 484 -14.90 -41.26 14.44
C VAL C 484 -14.78 -39.94 15.20
N LEU C 485 -15.58 -38.95 14.82
CA LEU C 485 -15.43 -37.59 15.32
C LEU C 485 -16.77 -37.02 15.72
N HIS C 486 -16.71 -35.90 16.45
CA HIS C 486 -17.88 -35.10 16.82
C HIS C 486 -18.87 -35.92 17.64
N VAL C 487 -18.36 -36.82 18.48
CA VAL C 487 -19.23 -37.62 19.33
C VAL C 487 -19.99 -36.71 20.28
N ALA C 488 -21.31 -36.71 20.17
CA ALA C 488 -22.15 -35.82 20.95
C ALA C 488 -23.19 -36.62 21.74
N PRO C 489 -23.49 -36.22 22.98
CA PRO C 489 -22.85 -35.11 23.69
C PRO C 489 -21.42 -35.42 24.12
N GLU C 490 -20.58 -34.40 24.17
CA GLU C 490 -19.17 -34.60 24.52
C GLU C 490 -19.04 -35.14 25.93
N ALA C 491 -17.86 -35.69 26.23
CA ALA C 491 -17.63 -36.30 27.52
C ALA C 491 -17.79 -35.28 28.65
N ALA C 492 -17.28 -34.06 28.46
CA ALA C 492 -17.38 -33.04 29.49
C ALA C 492 -18.80 -32.56 29.71
N ALA C 493 -19.74 -32.92 28.84
CA ALA C 493 -21.15 -32.58 29.01
C ALA C 493 -21.97 -33.75 29.55
N GLY C 494 -21.31 -34.77 30.07
CA GLY C 494 -22.00 -35.93 30.62
C GLY C 494 -22.32 -37.01 29.61
N GLY C 495 -21.95 -36.84 28.34
CA GLY C 495 -22.21 -37.82 27.32
C GLY C 495 -21.62 -39.18 27.66
N PRO C 496 -22.21 -40.25 27.13
CA PRO C 496 -21.76 -41.60 27.49
C PRO C 496 -20.30 -41.86 27.16
N LEU C 497 -19.68 -41.03 26.32
CA LEU C 497 -18.26 -41.19 26.04
C LEU C 497 -17.41 -41.04 27.30
N ALA C 498 -17.87 -40.22 28.25
CA ALA C 498 -17.11 -40.00 29.48
C ALA C 498 -16.99 -41.25 30.33
N LEU C 499 -17.81 -42.27 30.07
CA LEU C 499 -17.86 -43.46 30.92
C LEU C 499 -17.13 -44.65 30.31
N VAL C 500 -16.46 -44.47 29.18
CA VAL C 500 -15.74 -45.57 28.56
C VAL C 500 -14.51 -45.91 29.40
N GLN C 501 -14.33 -47.20 29.69
CA GLN C 501 -13.21 -47.67 30.49
C GLN C 501 -12.33 -48.60 29.68
N ASP C 502 -11.07 -48.70 30.09
CA ASP C 502 -10.14 -49.60 29.42
C ASP C 502 -10.65 -51.03 29.47
N GLY C 503 -10.73 -51.66 28.31
CA GLY C 503 -11.19 -53.03 28.19
C GLY C 503 -12.56 -53.18 27.57
N ASP C 504 -13.36 -52.12 27.55
CA ASP C 504 -14.69 -52.18 26.96
C ASP C 504 -14.61 -52.47 25.46
N ILE C 505 -15.59 -53.20 24.96
CA ILE C 505 -15.68 -53.54 23.55
C ILE C 505 -16.51 -52.48 22.84
N ILE C 506 -15.94 -51.88 21.80
CA ILE C 506 -16.62 -50.86 21.02
C ILE C 506 -16.80 -51.39 19.60
N GLU C 507 -18.02 -51.29 19.09
CA GLU C 507 -18.39 -51.80 17.78
C GLU C 507 -18.56 -50.65 16.80
N LEU C 508 -17.82 -50.71 15.68
CA LEU C 508 -17.95 -49.75 14.61
C LEU C 508 -18.48 -50.44 13.37
N ASP C 509 -19.46 -49.80 12.71
CA ASP C 509 -20.06 -50.35 11.49
C ASP C 509 -20.59 -49.17 10.68
N VAL C 510 -19.73 -48.61 9.84
CA VAL C 510 -20.08 -47.42 9.07
C VAL C 510 -21.25 -47.71 8.14
N ALA C 511 -21.27 -48.90 7.53
CA ALA C 511 -22.37 -49.26 6.64
C ALA C 511 -23.70 -49.25 7.37
N ALA C 512 -23.75 -49.85 8.55
CA ALA C 512 -24.96 -49.88 9.37
C ALA C 512 -25.18 -48.58 10.14
N ARG C 513 -24.26 -47.62 10.02
CA ARG C 513 -24.34 -46.35 10.75
C ARG C 513 -24.48 -46.59 12.25
N LYS C 514 -23.58 -47.43 12.78
CA LYS C 514 -23.66 -47.90 14.16
C LYS C 514 -22.33 -47.68 14.87
N LEU C 515 -22.38 -47.02 16.02
CA LEU C 515 -21.28 -46.94 16.97
C LEU C 515 -21.82 -47.36 18.32
N HIS C 516 -21.46 -48.55 18.77
CA HIS C 516 -22.05 -49.14 19.96
C HIS C 516 -20.97 -49.42 21.01
N LEU C 517 -21.29 -49.13 22.27
CA LEU C 517 -20.45 -49.46 23.40
C LEU C 517 -21.06 -50.67 24.11
N HIS C 518 -20.31 -51.76 24.17
CA HIS C 518 -20.82 -53.02 24.71
C HIS C 518 -20.81 -52.98 26.25
N VAL C 519 -21.59 -52.05 26.78
CA VAL C 519 -21.83 -51.93 28.22
C VAL C 519 -23.32 -51.70 28.43
N SER C 520 -23.91 -52.42 29.38
CA SER C 520 -25.34 -52.35 29.61
C SER C 520 -25.73 -50.99 30.19
N ASP C 521 -27.02 -50.65 30.03
CA ASP C 521 -27.53 -49.42 30.62
C ASP C 521 -27.45 -49.45 32.14
N GLU C 522 -27.64 -50.63 32.74
CA GLU C 522 -27.55 -50.73 34.20
C GLU C 522 -26.13 -50.42 34.67
N GLU C 523 -25.12 -50.91 33.95
CA GLU C 523 -23.74 -50.64 34.34
C GLU C 523 -23.35 -49.20 34.01
N LEU C 524 -23.84 -48.67 32.89
CA LEU C 524 -23.61 -47.27 32.57
C LEU C 524 -24.20 -46.35 33.63
N ALA C 525 -25.31 -46.76 34.25
CA ALA C 525 -25.94 -45.95 35.28
C ALA C 525 -25.05 -45.85 36.52
N ARG C 526 -24.36 -46.95 36.87
CA ARG C 526 -23.46 -46.91 38.02
C ARG C 526 -22.23 -46.07 37.72
N ARG C 527 -21.71 -46.15 36.50
CA ARG C 527 -20.56 -45.33 36.12
C ARG C 527 -20.94 -43.84 36.08
N ARG C 528 -22.20 -43.53 35.76
CA ARG C 528 -22.62 -42.14 35.65
C ARG C 528 -22.67 -41.45 37.00
N GLU C 529 -22.85 -42.20 38.09
CA GLU C 529 -22.89 -41.59 39.42
C GLU C 529 -21.53 -40.96 39.76
N ALA C 530 -20.45 -41.71 39.59
CA ALA C 530 -19.13 -41.23 39.92
C ALA C 530 -18.63 -40.14 38.96
N TRP C 531 -19.32 -39.91 37.84
CA TRP C 531 -18.90 -38.90 36.90
C TRP C 531 -19.16 -37.51 37.47
N GLN C 532 -18.15 -36.63 37.34
CA GLN C 532 -18.27 -35.24 37.72
C GLN C 532 -17.90 -34.38 36.52
N ALA C 533 -18.58 -33.24 36.37
CA ALA C 533 -18.22 -32.30 35.33
C ALA C 533 -16.83 -31.74 35.60
N PRO C 534 -16.01 -31.53 34.57
CA PRO C 534 -14.67 -31.01 34.79
C PRO C 534 -14.73 -29.58 35.30
N PRO C 535 -13.71 -29.14 36.06
CA PRO C 535 -13.67 -27.74 36.50
C PRO C 535 -13.81 -26.75 35.36
N ALA C 536 -14.29 -25.55 35.67
CA ALA C 536 -14.41 -24.53 34.65
C ALA C 536 -13.03 -24.19 34.09
N PRO C 537 -12.85 -24.18 32.76
CA PRO C 537 -11.53 -23.82 32.21
C PRO C 537 -11.02 -22.48 32.70
N MET C 538 -11.87 -21.45 32.69
CA MET C 538 -11.53 -20.15 33.24
C MET C 538 -12.73 -19.58 33.97
N ALA C 539 -12.46 -18.65 34.88
CA ALA C 539 -13.49 -18.05 35.72
C ALA C 539 -13.99 -16.71 35.20
N ARG C 540 -13.47 -16.24 34.07
CA ARG C 540 -13.89 -14.97 33.50
C ARG C 540 -13.53 -14.98 32.01
N GLY C 541 -13.87 -13.90 31.33
CA GLY C 541 -13.46 -13.72 29.96
C GLY C 541 -14.34 -14.46 28.96
N TRP C 542 -13.84 -14.49 27.72
CA TRP C 542 -14.62 -15.03 26.61
C TRP C 542 -14.88 -16.53 26.78
N VAL C 543 -13.90 -17.27 27.30
CA VAL C 543 -14.06 -18.72 27.36
C VAL C 543 -14.96 -19.16 28.50
N LYS C 544 -15.14 -18.33 29.53
CA LYS C 544 -16.18 -18.62 30.52
C LYS C 544 -17.55 -18.51 29.87
N LEU C 545 -17.76 -17.48 29.06
CA LEU C 545 -19.02 -17.35 28.32
C LEU C 545 -19.18 -18.47 27.30
N TYR C 546 -18.10 -18.81 26.61
CA TYR C 546 -18.17 -19.86 25.60
C TYR C 546 -18.59 -21.19 26.21
N VAL C 547 -17.86 -21.64 27.23
CA VAL C 547 -18.13 -22.93 27.85
C VAL C 547 -19.56 -22.97 28.40
N GLU C 548 -20.02 -21.86 29.00
CA GLU C 548 -21.33 -21.80 29.60
C GLU C 548 -22.46 -21.59 28.60
N HIS C 549 -22.15 -21.45 27.30
CA HIS C 549 -23.18 -21.21 26.31
C HIS C 549 -23.03 -21.98 25.01
N VAL C 550 -21.88 -22.61 24.74
CA VAL C 550 -21.69 -23.29 23.47
C VAL C 550 -22.57 -24.54 23.42
N GLN C 551 -23.17 -24.79 22.25
CA GLN C 551 -23.97 -25.97 22.04
C GLN C 551 -23.08 -27.12 21.57
N GLN C 552 -23.68 -28.29 21.37
CA GLN C 552 -22.91 -29.45 20.98
C GLN C 552 -22.63 -29.45 19.48
N ALA C 553 -21.67 -30.29 19.08
CA ALA C 553 -21.22 -30.30 17.70
C ALA C 553 -22.31 -30.74 16.73
N ASN C 554 -23.32 -31.46 17.20
CA ASN C 554 -24.40 -31.90 16.32
C ASN C 554 -25.33 -30.77 15.92
N LEU C 555 -25.19 -29.59 16.52
CA LEU C 555 -26.00 -28.44 16.19
C LEU C 555 -25.23 -27.32 15.50
N GLY C 556 -23.90 -27.41 15.45
CA GLY C 556 -23.08 -26.38 14.85
C GLY C 556 -22.08 -25.73 15.80
N ALA C 557 -22.05 -26.12 17.07
CA ALA C 557 -21.12 -25.57 18.06
C ALA C 557 -21.24 -24.04 18.17
N ASP C 558 -22.43 -23.52 17.90
CA ASP C 558 -22.70 -22.10 18.05
C ASP C 558 -23.07 -21.80 19.50
N LEU C 559 -23.03 -20.52 19.85
CA LEU C 559 -23.53 -20.09 21.14
C LEU C 559 -25.06 -20.05 21.11
N ASP C 560 -25.67 -20.49 22.22
CA ASP C 560 -27.12 -20.67 22.23
C ASP C 560 -27.87 -19.37 21.95
N PHE C 561 -27.38 -18.25 22.47
CA PHE C 561 -28.06 -16.97 22.28
C PHE C 561 -27.70 -16.29 20.96
N LEU C 562 -26.74 -16.81 20.21
CA LEU C 562 -26.46 -16.32 18.86
C LEU C 562 -27.26 -17.05 17.79
N ARG C 563 -27.89 -18.16 18.14
CA ARG C 563 -28.73 -18.89 17.18
C ARG C 563 -29.87 -18.01 16.69
N GLY C 564 -30.01 -17.92 15.38
CA GLY C 564 -31.07 -17.17 14.74
C GLY C 564 -30.53 -15.95 14.02
N LYS C 565 -31.46 -15.06 13.69
CA LYS C 565 -31.13 -13.84 12.95
C LYS C 565 -31.95 -12.68 13.51
N SER C 566 -31.50 -11.46 13.19
CA SER C 566 -32.23 -10.28 13.60
C SER C 566 -32.38 -9.25 12.48
N GLY C 567 -32.10 -9.62 11.23
CA GLY C 567 -32.23 -8.69 10.13
C GLY C 567 -31.23 -7.56 10.21
N ALA C 568 -31.51 -6.51 9.43
CA ALA C 568 -30.67 -5.33 9.37
C ALA C 568 -31.54 -4.09 9.38
N GLY C 569 -32.31 -3.92 10.46
CA GLY C 569 -33.12 -2.74 10.64
C GLY C 569 -32.27 -1.51 10.85
N ILE C 570 -32.95 -0.36 10.92
CA ILE C 570 -32.30 0.92 11.13
C ILE C 570 -32.27 1.19 12.63
N PRO C 571 -31.10 1.10 13.28
CA PRO C 571 -31.05 1.38 14.73
C PRO C 571 -31.25 2.85 15.03
N LYS C 572 -31.19 3.21 16.30
CA LYS C 572 -31.42 4.58 16.71
C LYS C 572 -30.20 5.45 16.39
N ASP C 573 -30.33 6.75 16.64
CA ASP C 573 -29.23 7.67 16.42
C ASP C 573 -28.24 7.61 17.58
N ASN C 574 -26.95 7.71 17.25
CA ASN C 574 -25.91 7.69 18.28
C ASN C 574 -25.85 8.98 19.08
N HIS C 575 -26.60 10.01 18.69
CA HIS C 575 -26.64 11.26 19.42
C HIS C 575 -28.06 11.82 19.46
N VAL D 8 13.65 -16.48 27.74
CA VAL D 8 12.52 -17.24 27.23
C VAL D 8 11.21 -16.50 27.50
N ARG D 9 10.52 -16.15 26.41
CA ARG D 9 9.19 -15.55 26.49
C ARG D 9 8.17 -16.49 25.85
N ARG D 10 6.90 -16.12 25.97
CA ARG D 10 5.82 -17.03 25.60
C ARG D 10 5.79 -17.34 24.11
N SER D 11 6.38 -16.51 23.26
CA SER D 11 6.30 -16.76 21.81
C SER D 11 7.02 -18.03 21.43
N GLN D 12 8.08 -18.41 22.16
CA GLN D 12 8.81 -19.62 21.83
C GLN D 12 8.01 -20.87 22.11
N ALA D 13 6.91 -20.76 22.85
CA ALA D 13 6.01 -21.89 22.99
C ALA D 13 5.34 -22.24 21.67
N TRP D 14 5.36 -21.32 20.71
CA TRP D 14 4.97 -21.59 19.33
C TRP D 14 6.21 -21.84 18.47
N PHE D 15 6.97 -20.77 18.23
CA PHE D 15 8.01 -20.78 17.20
C PHE D 15 9.25 -21.57 17.62
N GLY D 16 9.43 -21.84 18.91
CA GLY D 16 10.60 -22.55 19.36
C GLY D 16 10.45 -24.05 19.47
N ARG D 17 9.28 -24.59 19.14
CA ARG D 17 9.03 -26.02 19.29
C ARG D 17 9.80 -26.81 18.24
N LEU D 18 10.40 -27.92 18.66
CA LEU D 18 11.17 -28.79 17.79
C LEU D 18 10.47 -30.12 17.53
N ASP D 19 9.14 -30.09 17.45
CA ASP D 19 8.35 -31.30 17.24
C ASP D 19 7.41 -31.06 16.06
N ARG D 20 6.33 -31.84 15.99
CA ARG D 20 5.33 -31.66 14.95
C ARG D 20 4.67 -30.29 15.06
N ASP D 21 4.39 -29.85 16.27
CA ASP D 21 3.75 -28.56 16.48
C ASP D 21 4.64 -27.41 16.01
N GLY D 22 5.96 -27.56 16.13
CA GLY D 22 6.86 -26.53 15.61
C GLY D 22 6.73 -26.35 14.12
N PHE D 23 6.55 -27.45 13.38
CA PHE D 23 6.26 -27.35 11.96
C PHE D 23 4.97 -26.57 11.71
N ILE D 24 3.92 -26.87 12.48
CA ILE D 24 2.63 -26.25 12.25
C ILE D 24 2.68 -24.75 12.56
N TYR D 25 3.48 -24.34 13.55
CA TYR D 25 3.50 -22.96 13.97
C TYR D 25 4.38 -22.07 13.10
N ARG D 26 5.31 -22.65 12.34
CA ARG D 26 6.24 -21.88 11.51
C ARG D 26 5.97 -22.01 10.03
N SER D 27 5.58 -23.19 9.55
CA SER D 27 5.48 -23.43 8.11
C SER D 27 4.46 -22.51 7.46
N TRP D 28 3.25 -22.43 8.03
CA TRP D 28 2.23 -21.57 7.45
C TRP D 28 2.62 -20.10 7.49
N MET D 29 3.38 -19.69 8.52
CA MET D 29 3.83 -18.30 8.59
C MET D 29 4.79 -17.97 7.47
N LYS D 30 5.66 -18.91 7.10
CA LYS D 30 6.64 -18.72 6.04
C LYS D 30 6.04 -18.73 4.65
N ASN D 31 4.72 -18.69 4.48
CA ASN D 31 4.14 -18.82 3.15
C ASN D 31 4.33 -17.56 2.31
N ARG D 32 4.64 -16.42 2.92
CA ARG D 32 4.78 -15.17 2.19
C ARG D 32 6.22 -14.67 2.15
N GLY D 33 7.18 -15.45 2.63
CA GLY D 33 8.57 -15.07 2.56
C GLY D 33 9.08 -14.42 3.83
N ILE D 34 9.00 -15.12 4.95
CA ILE D 34 9.51 -14.65 6.24
C ILE D 34 10.76 -15.45 6.56
N PRO D 35 11.88 -14.81 6.85
CA PRO D 35 13.11 -15.56 7.13
C PRO D 35 12.98 -16.39 8.40
N HIS D 36 13.73 -17.49 8.44
CA HIS D 36 13.77 -18.30 9.65
C HIS D 36 14.32 -17.51 10.83
N ASP D 37 15.03 -16.41 10.55
CA ASP D 37 15.54 -15.54 11.62
C ASP D 37 14.43 -15.11 12.56
N GLN D 38 13.25 -14.78 12.02
CA GLN D 38 12.23 -14.13 12.81
C GLN D 38 11.59 -15.05 13.83
N PHE D 39 11.78 -16.37 13.69
CA PHE D 39 11.29 -17.33 14.67
C PHE D 39 12.35 -17.75 15.67
N ASP D 40 13.48 -17.03 15.74
CA ASP D 40 14.62 -17.48 16.53
C ASP D 40 14.47 -17.21 18.02
N GLY D 41 13.37 -16.60 18.45
CA GLY D 41 13.20 -16.21 19.84
C GLY D 41 13.23 -14.71 20.07
N ARG D 42 13.45 -13.91 19.03
CA ARG D 42 13.39 -12.47 19.15
C ARG D 42 11.97 -12.05 19.53
N PRO D 43 11.82 -10.85 20.10
CA PRO D 43 10.47 -10.40 20.52
C PRO D 43 9.52 -10.36 19.33
N VAL D 44 8.43 -11.11 19.46
CA VAL D 44 7.33 -11.08 18.50
C VAL D 44 6.33 -10.04 18.98
N ILE D 45 6.20 -8.95 18.22
CA ILE D 45 5.36 -7.83 18.61
C ILE D 45 4.06 -7.90 17.82
N GLY D 46 2.94 -7.73 18.53
CA GLY D 46 1.64 -7.67 17.89
C GLY D 46 1.18 -6.23 17.79
N ILE D 47 0.68 -5.87 16.61
CA ILE D 47 0.22 -4.52 16.33
C ILE D 47 -1.29 -4.60 16.14
N CYS D 48 -2.04 -4.23 17.18
CA CYS D 48 -3.50 -4.22 17.12
C CYS D 48 -3.92 -3.03 16.26
N ASN D 49 -4.31 -3.31 15.01
CA ASN D 49 -4.62 -2.27 14.05
C ASN D 49 -6.13 -2.09 13.98
N THR D 50 -6.62 -0.98 14.52
CA THR D 50 -8.04 -0.62 14.43
C THR D 50 -8.36 0.15 13.16
N PHE D 51 -7.55 0.03 12.12
CA PHE D 51 -7.83 0.72 10.86
C PHE D 51 -9.20 0.29 10.34
N SER D 52 -9.94 1.25 9.79
CA SER D 52 -11.23 0.98 9.19
C SER D 52 -11.66 2.19 8.38
N GLU D 53 -12.21 1.94 7.19
CA GLU D 53 -12.81 3.01 6.42
C GLU D 53 -14.19 3.37 6.92
N LEU D 54 -14.76 2.59 7.83
CA LEU D 54 -15.94 2.95 8.59
C LEU D 54 -15.60 3.65 9.90
N THR D 55 -14.31 3.74 10.22
CA THR D 55 -13.80 4.53 11.33
C THR D 55 -12.96 5.65 10.73
N PRO D 56 -13.59 6.73 10.25
CA PRO D 56 -12.83 7.76 9.52
C PRO D 56 -11.71 8.39 10.33
N CYS D 57 -11.79 8.37 11.65
CA CYS D 57 -10.74 8.91 12.49
C CYS D 57 -9.56 7.95 12.65
N ASN D 58 -9.69 6.71 12.18
CA ASN D 58 -8.60 5.74 12.19
C ASN D 58 -8.23 5.29 10.79
N SER D 59 -8.67 6.00 9.75
CA SER D 59 -8.48 5.57 8.37
C SER D 59 -7.02 5.67 7.91
N HIS D 60 -6.15 6.32 8.67
CA HIS D 60 -4.75 6.43 8.33
C HIS D 60 -3.89 5.42 9.07
N PHE D 61 -4.49 4.41 9.70
CA PHE D 61 -3.74 3.52 10.57
C PHE D 61 -2.92 2.49 9.81
N ARG D 62 -3.18 2.28 8.51
CA ARG D 62 -2.25 1.53 7.68
C ARG D 62 -0.88 2.18 7.70
N THR D 63 -0.85 3.50 7.46
CA THR D 63 0.42 4.24 7.51
C THR D 63 1.03 4.17 8.90
N LEU D 64 0.22 4.30 9.94
CA LEU D 64 0.72 4.23 11.30
C LEU D 64 1.27 2.84 11.61
N ALA D 65 0.50 1.80 11.28
CA ALA D 65 0.94 0.43 11.57
C ALA D 65 2.26 0.12 10.89
N GLU D 66 2.46 0.61 9.67
N GLU D 66 2.46 0.61 9.67
CA GLU D 66 3.71 0.36 8.96
CA GLU D 66 3.70 0.34 8.97
C GLU D 66 4.87 1.07 9.64
C GLU D 66 4.87 1.08 9.61
N GLN D 67 4.62 2.26 10.20
CA GLN D 67 5.67 2.98 10.91
C GLN D 67 6.12 2.22 12.15
N VAL D 68 5.17 1.63 12.88
CA VAL D 68 5.52 0.81 14.04
C VAL D 68 6.36 -0.38 13.60
N LYS D 69 6.03 -0.98 12.46
CA LYS D 69 6.77 -2.13 11.97
C LYS D 69 8.23 -1.79 11.72
N ILE D 70 8.50 -0.59 11.27
CA ILE D 70 9.85 -0.20 11.02
C ILE D 70 10.64 -0.17 12.29
N GLY D 71 10.09 0.43 13.30
CA GLY D 71 10.79 0.49 14.58
C GLY D 71 11.10 -0.89 15.14
N VAL D 72 10.18 -1.83 14.96
CA VAL D 72 10.41 -3.19 15.42
C VAL D 72 11.54 -3.84 14.61
N TRP D 73 11.48 -3.69 13.28
CA TRP D 73 12.52 -4.25 12.43
C TRP D 73 13.89 -3.67 12.77
N GLU D 74 13.94 -2.38 13.11
CA GLU D 74 15.20 -1.76 13.49
C GLU D 74 15.79 -2.43 14.73
N SER D 75 14.94 -2.68 15.73
CA SER D 75 15.39 -3.20 17.02
C SER D 75 15.50 -4.72 17.04
N GLY D 76 15.44 -5.37 15.88
CA GLY D 76 15.59 -6.82 15.83
C GLY D 76 14.39 -7.61 16.27
N GLY D 77 13.20 -7.00 16.28
CA GLY D 77 11.99 -7.71 16.66
C GLY D 77 11.30 -8.36 15.47
N PHE D 78 10.14 -8.93 15.75
CA PHE D 78 9.33 -9.63 14.75
C PHE D 78 7.94 -9.03 14.76
N PRO D 79 7.64 -8.10 13.85
CA PRO D 79 6.34 -7.41 13.87
C PRO D 79 5.28 -8.12 13.05
N LEU D 80 4.07 -8.16 13.61
CA LEU D 80 2.92 -8.78 12.96
C LEU D 80 1.67 -8.02 13.39
N GLU D 81 0.94 -7.47 12.42
CA GLU D 81 -0.29 -6.75 12.73
C GLU D 81 -1.50 -7.68 12.60
N PHE D 82 -2.52 -7.40 13.41
CA PHE D 82 -3.74 -8.18 13.44
C PHE D 82 -4.92 -7.25 13.66
N PRO D 83 -6.09 -7.59 13.13
CA PRO D 83 -7.24 -6.69 13.27
C PRO D 83 -8.18 -7.10 14.39
N VAL D 84 -8.94 -6.12 14.89
CA VAL D 84 -10.06 -6.34 15.78
C VAL D 84 -11.25 -5.55 15.23
N MET D 85 -12.35 -5.59 15.96
CA MET D 85 -13.49 -4.75 15.60
C MET D 85 -13.15 -3.28 15.84
N SER D 86 -13.38 -2.44 14.84
CA SER D 86 -13.11 -1.02 14.95
C SER D 86 -14.41 -0.28 15.26
N LEU D 87 -14.27 0.83 15.98
CA LEU D 87 -15.41 1.56 16.55
C LEU D 87 -15.37 3.00 16.07
N GLY D 88 -16.05 3.29 14.97
CA GLY D 88 -16.26 4.66 14.54
C GLY D 88 -17.43 5.28 15.26
N GLU D 89 -17.15 6.30 16.09
CA GLU D 89 -18.17 6.85 16.96
C GLU D 89 -19.34 7.44 16.17
N THR D 90 -19.04 8.18 15.11
CA THR D 90 -20.10 8.87 14.38
C THR D 90 -21.00 7.93 13.58
N MET D 91 -20.58 6.68 13.36
CA MET D 91 -21.33 5.79 12.49
C MET D 91 -21.92 4.58 13.17
N LEU D 92 -21.38 4.14 14.30
CA LEU D 92 -21.90 2.96 14.98
C LEU D 92 -23.16 3.34 15.75
N ARG D 93 -24.27 2.70 15.42
CA ARG D 93 -25.56 2.92 16.06
C ARG D 93 -26.11 1.61 16.59
N PRO D 94 -26.85 1.62 17.72
CA PRO D 94 -27.36 2.74 18.52
C PRO D 94 -26.28 3.65 19.11
N THR D 95 -25.10 3.10 19.41
CA THR D 95 -24.00 3.87 19.97
C THR D 95 -22.73 3.01 19.95
N ALA D 96 -21.58 3.67 19.78
CA ALA D 96 -20.32 2.93 19.76
C ALA D 96 -20.02 2.29 21.12
N MET D 97 -20.49 2.91 22.19
CA MET D 97 -20.27 2.35 23.54
C MET D 97 -20.88 0.97 23.68
N LEU D 98 -21.96 0.69 22.95
CA LEU D 98 -22.59 -0.64 23.00
C LEU D 98 -21.62 -1.73 22.58
N PHE D 99 -20.66 -1.42 21.71
CA PHE D 99 -19.74 -2.40 21.17
C PHE D 99 -18.33 -2.29 21.72
N ARG D 100 -18.10 -1.39 22.68
CA ARG D 100 -16.76 -1.27 23.26
C ARG D 100 -16.35 -2.56 23.98
N ASN D 101 -17.29 -3.19 24.70
CA ASN D 101 -16.97 -4.41 25.41
C ASN D 101 -16.77 -5.59 24.46
N LEU D 102 -17.50 -5.61 23.34
CA LEU D 102 -17.32 -6.68 22.36
C LEU D 102 -15.94 -6.62 21.74
N ALA D 103 -15.49 -5.42 21.38
CA ALA D 103 -14.17 -5.28 20.77
C ALA D 103 -13.06 -5.55 21.77
N SER D 104 -13.31 -5.33 23.06
CA SER D 104 -12.30 -5.66 24.07
C SER D 104 -12.06 -7.15 24.15
N MET D 105 -13.07 -7.97 23.85
CA MET D 105 -12.86 -9.41 23.78
C MET D 105 -12.05 -9.79 22.55
N ASP D 106 -12.28 -9.10 21.43
CA ASP D 106 -11.45 -9.30 20.25
C ASP D 106 -9.97 -9.11 20.58
N VAL D 107 -9.68 -8.08 21.39
CA VAL D 107 -8.29 -7.77 21.71
C VAL D 107 -7.68 -8.85 22.61
N GLU D 108 -8.35 -9.15 23.73
CA GLU D 108 -7.78 -10.09 24.70
C GLU D 108 -7.51 -11.44 24.07
N GLU D 109 -8.52 -12.02 23.40
CA GLU D 109 -8.35 -13.34 22.82
C GLU D 109 -7.31 -13.35 21.71
N SER D 110 -7.24 -12.27 20.92
CA SER D 110 -6.23 -12.19 19.87
C SER D 110 -4.83 -12.15 20.45
N ILE D 111 -4.66 -11.51 21.60
CA ILE D 111 -3.34 -11.43 22.22
C ILE D 111 -2.96 -12.76 22.86
N ARG D 112 -3.82 -13.30 23.71
CA ARG D 112 -3.50 -14.55 24.40
C ARG D 112 -3.43 -15.72 23.42
N GLY D 113 -4.31 -15.75 22.42
CA GLY D 113 -4.38 -16.87 21.51
C GLY D 113 -3.22 -16.97 20.54
N ASN D 114 -2.49 -15.88 20.34
CA ASN D 114 -1.40 -15.83 19.38
C ASN D 114 -0.05 -15.72 20.08
N PRO D 115 1.04 -16.09 19.40
CA PRO D 115 2.40 -16.05 20.01
C PRO D 115 2.98 -14.65 20.10
N LEU D 116 2.30 -13.78 20.82
CA LEU D 116 2.75 -12.41 20.99
C LEU D 116 3.54 -12.26 22.29
N ASP D 117 4.70 -11.60 22.19
CA ASP D 117 5.48 -11.21 23.36
C ASP D 117 5.20 -9.79 23.81
N GLY D 118 4.97 -8.88 22.86
CA GLY D 118 4.57 -7.53 23.19
C GLY D 118 3.42 -7.10 22.32
N VAL D 119 2.78 -6.00 22.72
CA VAL D 119 1.59 -5.50 22.02
C VAL D 119 1.77 -4.01 21.80
N VAL D 120 1.50 -3.56 20.56
CA VAL D 120 1.38 -2.15 20.24
C VAL D 120 -0.09 -1.88 19.92
N LEU D 121 -0.70 -0.97 20.66
CA LEU D 121 -2.12 -0.66 20.54
C LEU D 121 -2.28 0.60 19.69
N LEU D 122 -2.89 0.46 18.51
CA LEU D 122 -3.20 1.59 17.65
C LEU D 122 -4.59 2.10 18.00
N MET D 123 -4.66 3.25 18.65
CA MET D 123 -5.91 3.80 19.14
C MET D 123 -6.11 5.20 18.57
N GLY D 124 -7.37 5.55 18.33
CA GLY D 124 -7.69 6.86 17.78
C GLY D 124 -9.10 7.31 18.11
N CYS D 125 -10.06 6.88 17.30
CA CYS D 125 -11.46 7.22 17.54
C CYS D 125 -11.89 6.70 18.91
N ASP D 126 -12.66 7.53 19.61
CA ASP D 126 -13.05 7.35 21.01
C ASP D 126 -12.93 5.94 21.59
N KCX D 127 -13.94 5.12 21.33
CA KCX D 127 -14.08 3.82 21.96
CB KCX D 127 -15.43 3.22 21.60
CG KCX D 127 -16.43 3.29 22.76
CD KCX D 127 -17.32 4.52 22.63
CE KCX D 127 -17.62 5.16 23.99
NZ KCX D 127 -17.98 6.55 23.78
C KCX D 127 -12.98 2.83 21.60
O KCX D 127 -12.88 1.82 22.21
CX KCX D 127 -17.08 7.60 24.21
OQ1 KCX D 127 -16.46 7.47 25.30
OQ2 KCX D 127 -16.93 8.64 23.51
N THR D 128 -12.18 3.15 20.59
CA THR D 128 -11.10 2.25 20.18
C THR D 128 -9.92 2.33 21.15
N THR D 129 -9.92 3.35 22.00
CA THR D 129 -8.86 3.43 23.01
C THR D 129 -9.19 2.53 24.20
N PRO D 130 -10.34 2.70 24.89
CA PRO D 130 -10.61 1.81 26.02
C PRO D 130 -10.77 0.35 25.61
N SER D 131 -11.34 0.11 24.42
CA SER D 131 -11.51 -1.25 23.94
C SER D 131 -10.17 -1.99 23.87
N LEU D 132 -9.15 -1.35 23.29
CA LEU D 132 -7.84 -1.98 23.21
C LEU D 132 -7.16 -2.02 24.58
N MET D 133 -7.31 -0.95 25.36
CA MET D 133 -6.66 -0.91 26.68
C MET D 133 -7.25 -1.97 27.61
N MET D 134 -8.58 -2.15 27.57
CA MET D 134 -9.21 -3.15 28.44
C MET D 134 -8.79 -4.56 28.05
N GLY D 135 -8.78 -4.87 26.75
CA GLY D 135 -8.38 -6.20 26.32
C GLY D 135 -6.93 -6.50 26.63
N ALA D 136 -6.04 -5.53 26.38
CA ALA D 136 -4.63 -5.73 26.69
C ALA D 136 -4.40 -5.85 28.20
N ALA D 137 -5.13 -5.06 28.99
CA ALA D 137 -4.97 -5.13 30.44
C ALA D 137 -5.31 -6.51 30.99
N SER D 138 -6.26 -7.21 30.34
CA SER D 138 -6.60 -8.55 30.76
C SER D 138 -5.55 -9.58 30.38
N CYS D 139 -4.53 -9.20 29.63
CA CYS D 139 -3.42 -10.10 29.29
C CYS D 139 -2.11 -9.72 29.97
N ASP D 140 -1.86 -8.43 30.19
CA ASP D 140 -0.72 -7.95 30.98
C ASP D 140 0.62 -8.35 30.35
N LEU D 141 0.70 -8.27 29.04
CA LEU D 141 1.99 -8.37 28.37
C LEU D 141 2.61 -6.98 28.26
N PRO D 142 3.91 -6.90 27.99
CA PRO D 142 4.51 -5.58 27.73
C PRO D 142 3.80 -4.90 26.58
N THR D 143 3.17 -3.77 26.87
CA THR D 143 2.28 -3.11 25.94
C THR D 143 2.56 -1.61 25.88
N ILE D 144 2.49 -1.05 24.67
CA ILE D 144 2.63 0.37 24.44
C ILE D 144 1.51 0.81 23.51
N GLY D 145 0.95 1.99 23.77
CA GLY D 145 -0.17 2.52 22.99
C GLY D 145 0.29 3.71 22.16
N VAL D 146 -0.12 3.70 20.88
CA VAL D 146 0.16 4.77 19.95
C VAL D 146 -1.16 5.39 19.53
N SER D 147 -1.39 6.63 19.93
CA SER D 147 -2.61 7.33 19.55
C SER D 147 -2.53 7.78 18.10
N GLY D 148 -3.71 7.85 17.46
CA GLY D 148 -3.76 8.18 16.04
C GLY D 148 -3.54 9.64 15.72
N GLY D 149 -3.76 10.54 16.69
CA GLY D 149 -3.57 11.95 16.48
C GLY D 149 -4.85 12.66 16.09
N PRO D 150 -5.00 13.91 16.52
CA PRO D 150 -6.19 14.69 16.16
C PRO D 150 -6.12 15.23 14.74
N MET D 151 -7.28 15.59 14.22
CA MET D 151 -7.37 16.24 12.93
C MET D 151 -6.85 17.68 13.01
N LEU D 152 -6.60 18.26 11.85
CA LEU D 152 -6.28 19.68 11.79
C LEU D 152 -7.55 20.50 12.05
N SER D 153 -7.34 21.74 12.51
CA SER D 153 -8.47 22.63 12.79
C SER D 153 -9.24 22.92 11.50
N GLY D 154 -10.55 22.79 11.57
CA GLY D 154 -11.38 23.11 10.43
C GLY D 154 -11.26 24.58 10.05
N LYS D 155 -11.36 24.85 8.75
CA LYS D 155 -11.22 26.19 8.21
C LYS D 155 -12.44 26.52 7.39
N PHE D 156 -13.22 27.51 7.84
CA PHE D 156 -14.54 27.79 7.27
C PHE D 156 -14.77 29.29 7.24
N ARG D 157 -14.85 29.85 6.04
CA ARG D 157 -15.22 31.24 5.83
C ARG D 157 -14.37 32.21 6.68
N GLY D 158 -13.06 31.93 6.73
CA GLY D 158 -12.14 32.80 7.42
C GLY D 158 -11.93 32.52 8.89
N ARG D 159 -12.75 31.66 9.50
CA ARG D 159 -12.58 31.31 10.89
C ARG D 159 -12.25 29.83 11.05
N GLU D 160 -12.48 29.28 12.25
CA GLU D 160 -12.16 27.89 12.53
C GLU D 160 -13.41 27.17 13.01
N LEU D 161 -13.38 25.84 12.88
CA LEU D 161 -14.46 24.97 13.34
C LEU D 161 -13.91 23.90 14.25
N GLY D 162 -14.67 23.56 15.28
CA GLY D 162 -14.29 22.55 16.25
C GLY D 162 -15.06 21.26 16.04
N SER D 163 -14.35 20.15 16.18
CA SER D 163 -14.98 18.84 16.05
C SER D 163 -16.03 18.65 17.15
N GLY D 164 -17.27 18.41 16.73
CA GLY D 164 -18.31 18.10 17.67
C GLY D 164 -18.88 19.31 18.36
N THR D 165 -18.00 20.14 18.91
CA THR D 165 -18.45 21.31 19.68
C THR D 165 -19.30 22.23 18.81
N ASP D 166 -18.78 22.64 17.66
CA ASP D 166 -19.55 23.48 16.75
C ASP D 166 -20.68 22.72 16.06
N VAL D 167 -20.69 21.39 16.15
CA VAL D 167 -21.83 20.63 15.63
C VAL D 167 -23.04 20.82 16.53
N TRP D 168 -22.81 20.91 17.84
CA TRP D 168 -23.92 21.18 18.76
C TRP D 168 -24.38 22.63 18.65
N LYS D 169 -23.43 23.57 18.57
CA LYS D 169 -23.78 24.99 18.53
C LYS D 169 -24.54 25.34 17.26
N MET D 170 -23.88 25.16 16.11
CA MET D 170 -24.49 25.50 14.82
C MET D 170 -25.84 24.82 14.62
N SER D 171 -26.01 23.62 15.20
CA SER D 171 -27.31 22.96 15.13
C SER D 171 -28.37 23.75 15.86
N GLU D 172 -28.07 24.17 17.10
CA GLU D 172 -29.04 24.92 17.88
C GLU D 172 -29.25 26.33 17.34
N GLU D 173 -28.29 26.88 16.61
CA GLU D 173 -28.48 28.18 15.98
C GLU D 173 -29.42 28.07 14.78
N VAL D 174 -29.39 26.93 14.08
CA VAL D 174 -30.38 26.65 13.04
C VAL D 174 -31.76 26.53 13.67
N ARG D 175 -31.87 25.83 14.80
CA ARG D 175 -33.14 25.68 15.49
C ARG D 175 -33.60 26.97 16.17
N ALA D 176 -32.75 27.98 16.23
CA ALA D 176 -33.12 29.27 16.81
C ALA D 176 -33.36 30.35 15.78
N GLY D 177 -33.08 30.08 14.51
CA GLY D 177 -33.19 31.09 13.46
C GLY D 177 -32.01 32.01 13.33
N GLN D 178 -30.94 31.79 14.10
CA GLN D 178 -29.76 32.64 14.05
C GLN D 178 -28.75 32.20 13.01
N MET D 179 -28.93 31.03 12.40
CA MET D 179 -28.05 30.55 11.34
C MET D 179 -28.88 29.83 10.29
N SER D 180 -28.55 30.06 9.03
CA SER D 180 -29.24 29.40 7.94
C SER D 180 -28.91 27.92 7.92
N GLN D 181 -29.89 27.12 7.46
CA GLN D 181 -29.69 25.68 7.34
C GLN D 181 -28.69 25.34 6.24
N GLU D 182 -28.66 26.15 5.17
CA GLU D 182 -27.72 25.88 4.08
C GLU D 182 -26.28 26.14 4.49
N GLU D 183 -26.06 27.09 5.40
CA GLU D 183 -24.71 27.32 5.90
C GLU D 183 -24.24 26.18 6.79
N PHE D 184 -25.18 25.50 7.47
CA PHE D 184 -24.82 24.40 8.35
C PHE D 184 -24.26 23.21 7.58
N PHE D 185 -24.70 23.01 6.34
CA PHE D 185 -24.27 21.85 5.57
C PHE D 185 -23.08 22.14 4.66
N GLU D 186 -22.79 23.41 4.38
CA GLU D 186 -21.57 23.76 3.66
C GLU D 186 -20.34 23.67 4.54
N ALA D 187 -20.51 23.55 5.85
CA ALA D 187 -19.41 23.40 6.80
C ALA D 187 -18.98 21.94 6.98
N GLU D 188 -19.68 21.01 6.35
CA GLU D 188 -19.35 19.59 6.49
C GLU D 188 -17.93 19.31 6.00
N SER D 189 -17.66 19.64 4.73
CA SER D 189 -16.35 19.38 4.15
C SER D 189 -15.27 20.30 4.72
N CYS D 190 -15.65 21.39 5.40
CA CYS D 190 -14.69 22.35 5.90
C CYS D 190 -14.33 22.15 7.37
N MET D 191 -15.13 21.39 8.13
CA MET D 191 -14.80 21.14 9.53
C MET D 191 -13.75 20.05 9.67
N HIS D 192 -13.83 19.01 8.85
CA HIS D 192 -12.91 17.88 8.91
C HIS D 192 -12.24 17.75 7.55
N ARG D 193 -11.03 18.30 7.43
CA ARG D 193 -10.29 18.37 6.18
C ARG D 193 -9.02 17.54 6.21
N SER D 194 -8.87 16.66 7.19
CA SER D 194 -7.59 15.98 7.41
C SER D 194 -7.85 14.65 8.11
N HIS D 195 -6.82 13.80 8.11
CA HIS D 195 -6.86 12.58 8.90
C HIS D 195 -6.79 12.90 10.39
N GLY D 196 -7.32 11.99 11.19
CA GLY D 196 -7.22 12.09 12.64
C GLY D 196 -8.57 12.01 13.31
N HIS D 197 -8.54 12.09 14.64
CA HIS D 197 -9.75 12.04 15.45
C HIS D 197 -10.23 13.46 15.74
N CYS D 198 -11.21 13.58 16.63
CA CYS D 198 -11.78 14.88 16.95
C CYS D 198 -10.70 15.84 17.45
N MET D 199 -10.68 17.04 16.90
CA MET D 199 -9.66 18.04 17.20
C MET D 199 -10.07 19.00 18.31
N THR D 200 -11.16 18.72 19.01
CA THR D 200 -11.47 19.36 20.27
C THR D 200 -11.08 18.44 21.42
N MET D 201 -11.20 18.95 22.64
CA MET D 201 -10.92 18.14 23.83
C MET D 201 -12.11 17.22 24.12
N GLY D 202 -12.39 16.35 23.14
CA GLY D 202 -13.43 15.35 23.26
C GLY D 202 -12.92 14.09 23.93
N THR D 203 -13.62 12.99 23.66
CA THR D 203 -13.22 11.71 24.25
C THR D 203 -11.89 11.24 23.68
N ALA D 204 -11.73 11.31 22.36
CA ALA D 204 -10.51 10.81 21.73
C ALA D 204 -9.28 11.59 22.18
N SER D 205 -9.40 12.92 22.24
CA SER D 205 -8.29 13.72 22.74
C SER D 205 -8.05 13.47 24.23
N THR D 206 -9.12 13.22 24.98
CA THR D 206 -8.97 12.92 26.40
C THR D 206 -8.29 11.57 26.61
N MET D 207 -8.81 10.52 25.98
CA MET D 207 -8.24 9.19 26.15
C MET D 207 -6.78 9.16 25.68
N ALA D 208 -6.48 9.87 24.58
CA ALA D 208 -5.09 9.98 24.15
C ALA D 208 -4.24 10.66 25.22
N SER D 209 -4.80 11.67 25.89
CA SER D 209 -4.09 12.29 27.00
C SER D 209 -4.03 11.36 28.20
N MET D 210 -5.08 10.58 28.42
CA MET D 210 -5.06 9.60 29.49
C MET D 210 -3.98 8.55 29.26
N VAL D 211 -3.88 8.06 28.02
CA VAL D 211 -2.85 7.07 27.69
C VAL D 211 -1.46 7.62 28.02
N GLU D 212 -1.20 8.87 27.62
CA GLU D 212 0.10 9.47 27.92
C GLU D 212 0.25 9.72 29.42
N ALA D 213 -0.80 10.22 30.08
CA ALA D 213 -0.70 10.50 31.51
C ALA D 213 -0.56 9.24 32.33
N LEU D 214 -1.14 8.12 31.87
CA LEU D 214 -1.01 6.86 32.58
C LEU D 214 0.38 6.24 32.45
N GLY D 215 1.26 6.82 31.62
CA GLY D 215 2.56 6.25 31.37
C GLY D 215 2.58 5.20 30.28
N MET D 216 1.48 4.99 29.57
CA MET D 216 1.35 3.92 28.59
C MET D 216 1.83 4.30 27.20
N SER D 217 2.39 5.50 27.03
CA SER D 217 2.88 5.93 25.73
C SER D 217 4.17 6.74 25.93
N LEU D 218 4.87 6.97 24.84
CA LEU D 218 5.99 7.88 24.86
C LEU D 218 5.47 9.31 25.05
N PRO D 219 6.27 10.19 25.63
CA PRO D 219 5.81 11.58 25.85
C PRO D 219 5.47 12.27 24.53
N GLY D 220 4.39 13.05 24.57
CA GLY D 220 3.92 13.77 23.40
C GLY D 220 2.91 13.02 22.54
N ASN D 221 2.58 11.79 22.88
CA ASN D 221 1.74 10.95 22.02
C ASN D 221 0.34 11.52 21.86
N ALA D 222 -0.14 12.31 22.83
CA ALA D 222 -1.54 12.69 22.86
C ALA D 222 -1.89 13.72 21.79
N ALA D 223 -1.10 14.80 21.71
CA ALA D 223 -1.52 16.00 21.00
C ALA D 223 -1.02 16.10 19.56
N ILE D 224 -0.08 15.27 19.14
CA ILE D 224 0.49 15.37 17.80
C ILE D 224 -0.60 15.12 16.76
N PRO D 225 -0.92 16.10 15.91
CA PRO D 225 -1.94 15.88 14.88
C PRO D 225 -1.56 14.74 13.96
N ALA D 226 -2.59 14.06 13.43
CA ALA D 226 -2.38 12.81 12.70
C ALA D 226 -1.51 13.02 11.47
N VAL D 227 -1.67 14.16 10.78
CA VAL D 227 -0.93 14.41 9.55
C VAL D 227 0.43 15.04 9.81
N ASP D 228 0.81 15.26 11.06
CA ASP D 228 2.11 15.82 11.37
C ASP D 228 3.17 14.72 11.34
N ALA D 229 4.37 15.08 10.88
CA ALA D 229 5.44 14.09 10.74
C ALA D 229 5.83 13.48 12.06
N ARG D 230 5.69 14.23 13.16
CA ARG D 230 6.06 13.71 14.47
C ARG D 230 5.16 12.55 14.89
N ARG D 231 3.96 12.43 14.32
CA ARG D 231 3.11 11.28 14.61
C ARG D 231 3.71 9.99 14.06
N ASN D 232 4.27 10.03 12.87
CA ASN D 232 4.94 8.85 12.31
C ASN D 232 6.17 8.49 13.14
N LEU D 233 6.93 9.49 13.57
CA LEU D 233 8.14 9.22 14.35
C LEU D 233 7.80 8.52 15.66
N LEU D 234 6.79 9.02 16.38
CA LEU D 234 6.41 8.40 17.64
C LEU D 234 5.90 6.98 17.45
N ALA D 235 5.13 6.75 16.39
CA ALA D 235 4.72 5.39 16.05
C ALA D 235 5.94 4.53 15.75
N ARG D 236 6.90 5.06 15.01
CA ARG D 236 8.13 4.33 14.73
C ARG D 236 8.98 4.18 15.99
N ALA D 237 9.03 5.23 16.82
CA ALA D 237 9.78 5.14 18.06
C ALA D 237 9.14 4.14 19.02
N SER D 238 7.81 3.99 18.97
CA SER D 238 7.15 2.97 19.79
C SER D 238 7.48 1.57 19.30
N GLY D 239 7.72 1.40 18.00
CA GLY D 239 8.15 0.10 17.50
C GLY D 239 9.51 -0.30 18.05
N ARG D 240 10.40 0.66 18.23
CA ARG D 240 11.69 0.38 18.85
C ARG D 240 11.54 0.07 20.33
N ARG D 241 10.73 0.85 21.05
CA ARG D 241 10.65 0.73 22.49
C ARG D 241 10.02 -0.58 22.92
N ILE D 242 8.95 -1.01 22.22
CA ILE D 242 8.23 -2.22 22.63
C ILE D 242 9.15 -3.44 22.58
N VAL D 243 10.12 -3.44 21.67
CA VAL D 243 11.06 -4.56 21.61
C VAL D 243 11.90 -4.61 22.88
N GLN D 244 12.39 -3.46 23.33
CA GLN D 244 13.17 -3.43 24.56
C GLN D 244 12.31 -3.71 25.78
N MET D 245 11.04 -3.28 25.75
CA MET D 245 10.14 -3.57 26.86
C MET D 245 9.95 -5.07 27.05
N VAL D 246 9.85 -5.81 25.94
CA VAL D 246 9.74 -7.27 26.04
C VAL D 246 11.00 -7.85 26.66
N LYS D 247 12.17 -7.37 26.23
CA LYS D 247 13.42 -7.84 26.82
C LYS D 247 13.48 -7.53 28.31
N ASP D 248 13.00 -6.34 28.70
CA ASP D 248 12.97 -5.94 30.11
C ASP D 248 11.72 -6.45 30.84
N ASP D 249 10.77 -7.06 30.12
CA ASP D 249 9.54 -7.55 30.71
C ASP D 249 8.79 -6.45 31.46
N LEU D 250 8.60 -5.32 30.77
CA LEU D 250 7.88 -4.18 31.34
C LEU D 250 6.41 -4.32 30.99
N VAL D 251 5.72 -5.13 31.79
CA VAL D 251 4.31 -5.44 31.55
C VAL D 251 3.43 -4.28 31.99
N MET D 252 2.16 -4.31 31.60
CA MET D 252 1.24 -3.20 31.85
C MET D 252 1.07 -2.94 33.34
N SER D 253 0.97 -4.00 34.14
CA SER D 253 0.74 -3.84 35.58
C SER D 253 1.86 -3.07 36.26
N LYS D 254 3.06 -3.03 35.67
CA LYS D 254 4.13 -2.18 36.20
C LYS D 254 3.88 -0.71 35.89
N ILE D 255 3.08 -0.40 34.86
CA ILE D 255 2.80 0.97 34.48
C ILE D 255 1.45 1.39 35.08
N LEU D 256 0.40 0.66 34.74
CA LEU D 256 -0.94 0.97 35.23
C LEU D 256 -1.05 0.68 36.72
N THR D 257 -0.42 1.51 37.54
CA THR D 257 -0.51 1.40 38.99
C THR D 257 -1.60 2.34 39.51
N ARG D 258 -1.85 2.24 40.82
CA ARG D 258 -2.79 3.16 41.46
C ARG D 258 -2.34 4.60 41.28
N GLN D 259 -1.03 4.85 41.37
CA GLN D 259 -0.52 6.21 41.17
C GLN D 259 -0.75 6.70 39.75
N ALA D 260 -0.60 5.80 38.77
CA ALA D 260 -0.80 6.20 37.37
C ALA D 260 -2.23 6.68 37.13
N PHE D 261 -3.22 5.97 37.68
CA PHE D 261 -4.60 6.42 37.58
C PHE D 261 -4.82 7.72 38.33
N GLU D 262 -4.17 7.87 39.50
CA GLU D 262 -4.26 9.13 40.23
C GLU D 262 -3.74 10.29 39.40
N ASN D 263 -2.66 10.07 38.64
CA ASN D 263 -2.15 11.11 37.77
C ASN D 263 -3.11 11.40 36.62
N ALA D 264 -3.65 10.35 36.00
CA ALA D 264 -4.55 10.54 34.86
C ALA D 264 -5.79 11.34 35.25
N ILE D 265 -6.33 11.07 36.44
CA ILE D 265 -7.48 11.84 36.92
C ILE D 265 -7.09 13.29 37.15
N ARG D 266 -5.88 13.51 37.68
CA ARG D 266 -5.42 14.88 37.88
C ARG D 266 -5.14 15.57 36.55
N VAL D 267 -4.56 14.85 35.58
CA VAL D 267 -4.35 15.43 34.26
C VAL D 267 -5.67 15.70 33.56
N ASN D 268 -6.69 14.85 33.81
CA ASN D 268 -7.98 15.04 33.17
C ASN D 268 -8.62 16.37 33.54
N ALA D 269 -8.56 16.74 34.82
CA ALA D 269 -9.14 18.02 35.25
C ALA D 269 -8.34 19.19 34.69
N ALA D 270 -7.01 19.04 34.61
CA ALA D 270 -6.18 20.14 34.12
C ALA D 270 -6.38 20.40 32.64
N ILE D 271 -6.77 19.38 31.87
CA ILE D 271 -7.00 19.54 30.44
C ILE D 271 -8.46 19.78 30.08
N GLY D 272 -9.37 19.71 31.06
CA GLY D 272 -10.78 19.78 30.76
C GLY D 272 -11.28 18.58 29.99
N GLY D 273 -10.89 17.38 30.41
CA GLY D 273 -11.17 16.19 29.66
C GLY D 273 -12.63 15.77 29.70
N SER D 274 -12.94 14.77 28.88
CA SER D 274 -14.31 14.32 28.69
C SER D 274 -14.82 13.56 29.91
N THR D 275 -16.13 13.67 30.14
CA THR D 275 -16.77 12.90 31.19
C THR D 275 -16.72 11.40 30.91
N ASN D 276 -16.56 11.01 29.65
CA ASN D 276 -16.48 9.59 29.32
C ASN D 276 -15.21 8.95 29.86
N ALA D 277 -14.17 9.74 30.17
CA ALA D 277 -12.94 9.18 30.70
C ALA D 277 -13.17 8.52 32.05
N VAL D 278 -14.16 8.98 32.82
CA VAL D 278 -14.40 8.38 34.13
C VAL D 278 -15.04 7.00 33.98
N ILE D 279 -15.81 6.78 32.92
CA ILE D 279 -16.36 5.45 32.68
C ILE D 279 -15.28 4.52 32.14
N HIS D 280 -14.43 5.04 31.25
CA HIS D 280 -13.45 4.18 30.59
C HIS D 280 -12.29 3.84 31.52
N LEU D 281 -11.86 4.79 32.36
CA LEU D 281 -10.76 4.52 33.27
C LEU D 281 -11.17 3.54 34.37
N LEU D 282 -12.43 3.62 34.83
CA LEU D 282 -12.93 2.63 35.77
C LEU D 282 -12.98 1.25 35.14
N ALA D 283 -13.30 1.19 33.85
CA ALA D 283 -13.30 -0.10 33.15
C ALA D 283 -11.89 -0.63 32.97
N ILE D 284 -10.94 0.26 32.66
CA ILE D 284 -9.55 -0.17 32.48
C ILE D 284 -8.96 -0.65 33.80
N ALA D 285 -9.18 0.11 34.87
CA ALA D 285 -8.71 -0.31 36.18
C ALA D 285 -9.40 -1.58 36.65
N GLY D 286 -10.65 -1.80 36.20
CA GLY D 286 -11.35 -3.03 36.52
C GLY D 286 -10.78 -4.27 35.86
N ARG D 287 -9.94 -4.08 34.83
CA ARG D 287 -9.28 -5.18 34.15
C ARG D 287 -7.86 -5.42 34.67
N ILE D 288 -7.09 -4.36 34.84
CA ILE D 288 -5.71 -4.49 35.29
C ILE D 288 -5.61 -4.93 36.75
N GLY D 289 -6.65 -4.69 37.53
CA GLY D 289 -6.66 -5.04 38.94
C GLY D 289 -6.29 -3.94 39.89
N VAL D 290 -6.51 -2.68 39.52
CA VAL D 290 -6.20 -1.53 40.36
C VAL D 290 -7.48 -1.04 41.01
N ASP D 291 -7.42 -0.77 42.31
CA ASP D 291 -8.56 -0.21 43.02
C ASP D 291 -8.84 1.20 42.52
N LEU D 292 -10.05 1.42 42.02
CA LEU D 292 -10.46 2.75 41.55
C LEU D 292 -11.98 2.80 41.55
N THR D 293 -12.55 3.78 42.23
CA THR D 293 -13.99 3.93 42.34
C THR D 293 -14.43 5.26 41.74
N LEU D 294 -15.75 5.42 41.62
CA LEU D 294 -16.28 6.70 41.15
C LEU D 294 -16.01 7.81 42.15
N ALA D 295 -16.05 7.49 43.45
CA ALA D 295 -15.75 8.48 44.47
C ALA D 295 -14.31 8.97 44.39
N ASP D 296 -13.40 8.11 43.91
CA ASP D 296 -12.01 8.53 43.75
C ASP D 296 -11.89 9.66 42.75
N TRP D 297 -12.70 9.64 41.69
CA TRP D 297 -12.66 10.70 40.69
C TRP D 297 -12.95 12.06 41.30
N ASP D 298 -13.93 12.13 42.18
CA ASP D 298 -14.25 13.40 42.83
C ASP D 298 -13.15 13.83 43.78
N ALA D 299 -12.60 12.89 44.56
CA ALA D 299 -11.60 13.24 45.56
C ALA D 299 -10.26 13.58 44.91
N LEU D 300 -9.87 12.84 43.87
CA LEU D 300 -8.59 13.11 43.23
C LEU D 300 -8.64 14.39 42.41
N GLY D 301 -9.77 14.68 41.77
CA GLY D 301 -9.95 15.91 41.05
C GLY D 301 -10.45 17.06 41.87
N HIS D 302 -10.63 16.86 43.17
CA HIS D 302 -11.10 17.93 44.06
C HIS D 302 -10.11 19.09 44.07
N LYS D 303 -10.63 20.30 44.02
CA LYS D 303 -9.89 21.56 44.05
C LYS D 303 -8.89 21.69 42.91
N LEU D 304 -9.03 20.88 41.85
CA LEU D 304 -8.02 21.03 40.81
C LEU D 304 -8.50 21.96 39.71
N PRO D 305 -7.63 22.85 39.24
CA PRO D 305 -8.01 23.79 38.18
C PRO D 305 -7.84 23.18 36.79
N CYS D 306 -8.56 23.78 35.84
CA CYS D 306 -8.39 23.46 34.43
C CYS D 306 -7.41 24.45 33.80
N LEU D 307 -6.32 23.92 33.25
CA LEU D 307 -5.24 24.76 32.72
C LEU D 307 -5.30 24.95 31.21
N VAL D 308 -6.10 24.15 30.50
CA VAL D 308 -6.14 24.16 29.05
C VAL D 308 -7.34 24.97 28.58
N ASP D 309 -7.11 25.83 27.58
CA ASP D 309 -8.14 26.69 27.02
C ASP D 309 -8.58 26.14 25.67
N LEU D 310 -9.23 24.98 25.70
CA LEU D 310 -9.65 24.28 24.50
C LEU D 310 -11.16 24.07 24.53
N GLN D 311 -11.76 24.01 23.33
CA GLN D 311 -13.15 23.67 23.21
C GLN D 311 -13.40 22.26 23.73
N PRO D 312 -14.59 21.99 24.31
CA PRO D 312 -15.72 22.91 24.47
C PRO D 312 -15.57 23.82 25.69
N SER D 313 -14.61 23.50 26.57
CA SER D 313 -14.42 24.30 27.78
C SER D 313 -13.86 25.68 27.46
N GLY D 314 -13.10 25.80 26.38
CA GLY D 314 -12.44 27.05 26.04
C GLY D 314 -12.67 27.43 24.58
N THR D 315 -11.63 27.96 23.97
CA THR D 315 -11.72 28.56 22.64
C THR D 315 -10.87 27.86 21.60
N HIS D 316 -9.65 27.44 21.94
CA HIS D 316 -8.70 26.93 20.95
C HIS D 316 -8.98 25.46 20.65
N LEU D 317 -8.13 24.85 19.84
CA LEU D 317 -8.31 23.48 19.35
C LEU D 317 -7.02 22.69 19.56
N MET D 318 -7.08 21.39 19.20
CA MET D 318 -5.97 20.50 19.47
C MET D 318 -4.71 20.93 18.72
N GLU D 319 -4.86 21.47 17.51
CA GLU D 319 -3.71 21.97 16.77
C GLU D 319 -2.98 23.04 17.58
N ASP D 320 -3.72 23.93 18.23
CA ASP D 320 -3.12 24.93 19.09
C ASP D 320 -2.51 24.29 20.34
N PHE D 321 -3.24 23.34 20.93
CA PHE D 321 -2.76 22.68 22.16
C PHE D 321 -1.44 21.96 21.94
N TYR D 322 -1.22 21.43 20.73
CA TYR D 322 0.03 20.73 20.46
C TYR D 322 1.20 21.70 20.33
N TYR D 323 1.00 22.81 19.64
CA TYR D 323 2.07 23.79 19.47
C TYR D 323 2.48 24.45 20.78
N ALA D 324 1.58 24.51 21.75
CA ALA D 324 1.88 25.13 23.03
C ALA D 324 2.72 24.24 23.94
N GLY D 325 2.76 22.94 23.68
CA GLY D 325 3.52 22.03 24.52
C GLY D 325 2.79 20.72 24.79
N GLY D 326 1.48 20.72 24.57
CA GLY D 326 0.69 19.52 24.73
C GLY D 326 0.62 19.04 26.17
N VAL D 327 0.38 17.73 26.30
CA VAL D 327 0.28 17.11 27.62
C VAL D 327 1.55 17.31 28.44
N PRO D 328 2.76 17.11 27.90
CA PRO D 328 3.96 17.33 28.74
C PRO D 328 4.03 18.70 29.38
N ALA D 329 3.55 19.74 28.68
CA ALA D 329 3.51 21.07 29.28
C ALA D 329 2.47 21.15 30.38
N VAL D 330 1.39 20.37 30.28
CA VAL D 330 0.36 20.38 31.31
C VAL D 330 0.85 19.69 32.57
N ILE D 331 1.50 18.53 32.42
CA ILE D 331 2.02 17.80 33.57
C ILE D 331 3.10 18.61 34.28
N ARG D 332 3.83 19.44 33.53
CA ARG D 332 4.84 20.30 34.14
C ARG D 332 4.21 21.23 35.17
N GLU D 333 3.07 21.84 34.83
CA GLU D 333 2.36 22.69 35.78
C GLU D 333 1.82 21.88 36.96
N LEU D 334 1.51 20.61 36.75
CA LEU D 334 0.99 19.74 37.79
C LEU D 334 2.09 19.06 38.60
N GLY D 335 3.30 19.63 38.62
CA GLY D 335 4.40 19.02 39.34
C GLY D 335 4.18 18.91 40.84
N ASP D 336 3.34 19.77 41.41
CA ASP D 336 3.09 19.75 42.85
C ASP D 336 1.86 18.93 43.24
N VAL D 337 1.31 18.13 42.33
CA VAL D 337 0.11 17.35 42.65
C VAL D 337 0.25 15.92 42.16
N ILE D 338 1.03 15.69 41.10
CA ILE D 338 1.16 14.36 40.51
C ILE D 338 2.25 13.60 41.23
N ALA D 339 2.13 12.27 41.21
CA ALA D 339 3.19 11.39 41.69
C ALA D 339 4.31 11.37 40.66
N ARG D 340 5.41 12.04 40.97
CA ARG D 340 6.47 12.23 39.97
C ARG D 340 7.14 10.91 39.59
N ASP D 341 7.32 10.01 40.55
CA ASP D 341 8.07 8.79 40.31
C ASP D 341 7.29 7.73 39.53
N ALA D 342 6.06 8.03 39.10
CA ALA D 342 5.26 7.05 38.37
C ALA D 342 5.97 6.62 37.08
N LEU D 343 6.14 5.31 36.91
CA LEU D 343 6.91 4.78 35.80
C LEU D 343 6.10 4.85 34.50
N THR D 344 6.80 5.14 33.40
CA THR D 344 6.21 5.14 32.06
C THR D 344 6.86 4.05 31.23
N VAL D 345 6.31 3.83 30.03
CA VAL D 345 6.76 2.72 29.20
C VAL D 345 8.16 2.96 28.63
N ASN D 346 8.60 4.21 28.51
CA ASN D 346 9.92 4.49 27.96
C ASN D 346 11.04 4.29 28.98
N GLY D 347 10.78 3.62 30.09
CA GLY D 347 11.76 3.41 31.13
C GLY D 347 11.95 4.59 32.07
N GLN D 348 11.53 5.78 31.69
CA GLN D 348 11.66 6.96 32.52
C GLN D 348 10.38 7.20 33.31
N THR D 349 10.47 8.09 34.28
CA THR D 349 9.30 8.48 35.07
C THR D 349 8.52 9.56 34.33
N LEU D 350 7.28 9.77 34.78
CA LEU D 350 6.43 10.80 34.18
C LEU D 350 7.02 12.18 34.40
N TRP D 351 7.77 12.37 35.50
CA TRP D 351 8.40 13.67 35.76
C TRP D 351 9.63 13.88 34.90
N ASP D 352 10.48 12.85 34.78
CA ASP D 352 11.68 12.97 33.95
C ASP D 352 11.33 13.30 32.50
N ASN D 353 10.16 12.86 32.04
CA ASN D 353 9.72 13.12 30.68
C ASN D 353 8.97 14.45 30.53
N CYS D 354 8.71 15.16 31.63
CA CYS D 354 7.90 16.37 31.59
C CYS D 354 8.43 17.54 32.39
N LYS D 355 9.45 17.34 33.23
CA LYS D 355 9.95 18.43 34.07
C LYS D 355 10.55 19.56 33.24
N ASP D 356 11.09 19.24 32.06
CA ASP D 356 11.70 20.23 31.19
C ASP D 356 10.84 20.54 29.97
N ALA D 357 9.56 20.18 30.01
CA ALA D 357 8.67 20.42 28.89
C ALA D 357 8.47 21.92 28.70
N PRO D 358 8.58 22.44 27.48
CA PRO D 358 8.41 23.87 27.26
C PRO D 358 6.96 24.25 26.98
N ASN D 359 6.66 25.52 27.26
CA ASN D 359 5.33 26.09 27.08
C ASN D 359 5.47 27.30 26.17
N TRP D 360 4.98 27.18 24.93
CA TRP D 360 5.11 28.22 23.93
C TRP D 360 3.87 29.09 23.79
N ASN D 361 2.79 28.79 24.52
CA ASN D 361 1.57 29.58 24.44
C ASN D 361 0.82 29.41 25.76
N ARG D 362 1.07 30.31 26.70
CA ARG D 362 0.40 30.26 27.99
C ARG D 362 -1.02 30.81 27.94
N GLU D 363 -1.48 31.27 26.77
CA GLU D 363 -2.90 31.53 26.57
C GLU D 363 -3.67 30.25 26.25
N VAL D 364 -2.97 29.16 25.94
CA VAL D 364 -3.59 27.86 25.73
C VAL D 364 -3.33 26.92 26.91
N ILE D 365 -2.13 26.96 27.47
CA ILE D 365 -1.76 26.13 28.61
C ILE D 365 -1.34 27.10 29.72
N HIS D 366 -2.27 27.40 30.62
CA HIS D 366 -2.03 28.36 31.69
C HIS D 366 -1.06 27.81 32.72
N ALA D 367 -0.48 28.71 33.50
CA ALA D 367 0.27 28.32 34.67
C ALA D 367 -0.67 27.83 35.76
N PHE D 368 -0.12 27.09 36.72
CA PHE D 368 -0.96 26.45 37.73
C PHE D 368 -1.64 27.49 38.63
N ASN D 369 -0.89 28.49 39.08
CA ASN D 369 -1.43 29.48 40.01
C ASN D 369 -2.18 30.61 39.30
N GLU D 370 -2.18 30.64 37.97
CA GLU D 370 -3.02 31.52 37.18
C GLU D 370 -3.67 30.63 36.12
N PRO D 371 -4.68 29.87 36.51
CA PRO D 371 -5.25 28.86 35.58
C PRO D 371 -6.30 29.44 34.65
N PHE D 372 -6.85 28.58 33.79
CA PHE D 372 -7.90 28.99 32.87
C PHE D 372 -9.25 29.03 33.59
N LYS D 373 -9.59 27.98 34.32
CA LYS D 373 -10.79 27.95 35.14
C LYS D 373 -10.49 27.25 36.46
N THR D 374 -11.07 27.77 37.54
CA THR D 374 -10.75 27.32 38.89
C THR D 374 -11.71 26.23 39.35
N GLU D 375 -11.15 25.20 39.97
CA GLU D 375 -11.93 24.09 40.53
C GLU D 375 -12.88 23.49 39.48
N ALA D 376 -12.40 23.46 38.24
CA ALA D 376 -13.17 23.00 37.10
C ALA D 376 -13.05 21.49 36.89
N GLY D 377 -12.52 20.76 37.87
CA GLY D 377 -12.44 19.32 37.73
C GLY D 377 -13.81 18.68 37.70
N ILE D 378 -13.87 17.50 37.08
CA ILE D 378 -15.12 16.76 36.98
C ILE D 378 -15.59 16.40 38.39
N ALA D 379 -16.85 16.67 38.68
CA ALA D 379 -17.42 16.46 40.01
C ALA D 379 -18.38 15.29 40.00
N VAL D 380 -18.47 14.61 41.15
CA VAL D 380 -19.40 13.51 41.36
C VAL D 380 -20.47 13.97 42.33
N LEU D 381 -21.72 13.79 41.94
CA LEU D 381 -22.87 14.19 42.74
C LEU D 381 -23.47 12.99 43.46
N ARG D 382 -24.24 13.29 44.51
CA ARG D 382 -24.85 12.24 45.32
C ARG D 382 -26.20 12.72 45.81
N GLY D 383 -27.10 11.78 46.04
CA GLY D 383 -28.43 12.07 46.53
C GLY D 383 -29.38 10.92 46.29
N ASN D 384 -30.66 11.18 46.54
CA ASN D 384 -31.69 10.18 46.30
C ASN D 384 -31.97 9.99 44.81
N LEU D 385 -31.70 11.01 43.99
CA LEU D 385 -31.92 10.88 42.55
C LEU D 385 -30.82 10.07 41.89
N CYS D 386 -29.64 10.01 42.50
CA CYS D 386 -28.52 9.20 41.99
C CYS D 386 -27.84 8.52 43.17
N PRO D 387 -28.42 7.40 43.64
CA PRO D 387 -27.80 6.71 44.79
C PRO D 387 -26.41 6.17 44.49
N ASP D 388 -26.18 5.64 43.30
CA ASP D 388 -24.87 5.12 42.93
C ASP D 388 -24.00 6.14 42.21
N GLY D 389 -24.43 7.40 42.16
CA GLY D 389 -23.57 8.46 41.64
C GLY D 389 -24.04 9.13 40.36
N ALA D 390 -23.56 10.34 40.14
CA ALA D 390 -23.79 11.08 38.91
C ALA D 390 -22.65 12.06 38.74
N VAL D 391 -22.34 12.39 37.48
CA VAL D 391 -21.19 13.21 37.16
C VAL D 391 -21.65 14.49 36.47
N ILE D 392 -20.74 15.46 36.39
CA ILE D 392 -20.98 16.74 35.76
C ILE D 392 -19.63 17.40 35.50
N LYS D 393 -19.51 18.05 34.34
CA LYS D 393 -18.25 18.70 33.94
C LYS D 393 -18.43 20.20 34.05
N PRO D 394 -18.10 20.81 35.19
CA PRO D 394 -18.33 22.26 35.35
C PRO D 394 -17.33 23.12 34.59
N SER D 395 -16.28 22.54 34.02
CA SER D 395 -15.33 23.32 33.23
C SER D 395 -15.98 23.91 31.99
N ALA D 396 -16.97 23.21 31.42
CA ALA D 396 -17.70 23.69 30.26
C ALA D 396 -19.15 24.06 30.61
N ALA D 397 -19.42 24.33 31.88
CA ALA D 397 -20.75 24.68 32.34
C ALA D 397 -20.85 26.17 32.63
N THR D 398 -22.09 26.63 32.87
CA THR D 398 -22.32 28.02 33.26
C THR D 398 -22.23 28.13 34.78
N PRO D 399 -21.47 29.10 35.31
CA PRO D 399 -21.31 29.20 36.76
C PRO D 399 -22.62 29.36 37.51
N ALA D 400 -23.53 30.21 37.01
CA ALA D 400 -24.75 30.51 37.75
C ALA D 400 -25.56 29.26 38.02
N LEU D 401 -25.56 28.31 37.09
CA LEU D 401 -26.41 27.12 37.18
C LEU D 401 -25.67 25.93 37.78
N LEU D 402 -24.53 26.16 38.43
CA LEU D 402 -23.88 25.15 39.26
C LEU D 402 -24.44 25.14 40.67
N LYS D 403 -25.61 25.75 40.83
CA LYS D 403 -26.38 25.76 42.07
C LYS D 403 -27.79 26.21 41.69
N HIS D 404 -28.72 25.27 41.57
CA HIS D 404 -29.97 25.57 40.89
C HIS D 404 -31.07 24.63 41.35
N LYS D 405 -32.30 25.11 41.23
CA LYS D 405 -33.49 24.33 41.53
C LYS D 405 -34.64 24.86 40.68
N GLY D 406 -35.33 23.95 40.00
CA GLY D 406 -36.42 24.29 39.12
C GLY D 406 -37.37 23.11 38.98
N ARG D 407 -38.43 23.32 38.20
CA ARG D 407 -39.37 22.25 37.95
C ARG D 407 -38.84 21.32 36.86
N ALA D 408 -39.39 20.10 36.84
CA ALA D 408 -38.86 19.01 36.04
C ALA D 408 -39.74 18.79 34.82
N VAL D 409 -39.10 18.78 33.65
CA VAL D 409 -39.73 18.39 32.40
C VAL D 409 -39.16 17.03 32.01
N VAL D 410 -40.03 16.03 31.94
CA VAL D 410 -39.62 14.63 31.89
C VAL D 410 -39.90 14.05 30.52
N PHE D 411 -38.93 13.29 30.00
CA PHE D 411 -39.08 12.53 28.77
C PHE D 411 -38.78 11.07 29.08
N GLU D 412 -39.70 10.19 28.67
CA GLU D 412 -39.54 8.78 28.99
C GLU D 412 -38.42 8.12 28.19
N ASN D 413 -38.07 8.68 27.04
CA ASN D 413 -36.99 8.15 26.21
C ASN D 413 -36.56 9.25 25.23
N SER D 414 -35.77 8.87 24.23
CA SER D 414 -35.30 9.84 23.24
C SER D 414 -36.38 10.20 22.24
N GLU D 415 -37.18 9.21 21.80
CA GLU D 415 -38.30 9.50 20.94
C GLU D 415 -39.29 10.45 21.62
N HIS D 416 -39.57 10.20 22.89
CA HIS D 416 -40.44 11.08 23.66
C HIS D 416 -39.85 12.48 23.81
N MET D 417 -38.52 12.61 23.73
CA MET D 417 -37.85 13.90 23.88
C MET D 417 -37.84 14.71 22.58
N HIS D 418 -37.34 14.11 21.49
CA HIS D 418 -37.27 14.84 20.22
C HIS D 418 -38.65 15.28 19.75
N GLU D 419 -39.70 14.54 20.12
CA GLU D 419 -41.05 14.94 19.77
C GLU D 419 -41.55 16.05 20.67
N ARG D 420 -41.28 15.95 21.98
CA ARG D 420 -41.80 16.92 22.94
C ARG D 420 -40.99 18.21 22.92
N MET D 421 -39.69 18.12 22.67
CA MET D 421 -38.81 19.29 22.75
C MET D 421 -39.22 20.38 21.76
N ASP D 422 -39.54 19.98 20.53
CA ASP D 422 -39.91 20.95 19.50
C ASP D 422 -41.36 21.37 19.58
N ASP D 423 -42.16 20.76 20.46
CA ASP D 423 -43.55 21.18 20.64
C ASP D 423 -43.59 22.60 21.21
N GLU D 424 -44.42 23.45 20.60
CA GLU D 424 -44.50 24.84 21.01
C GLU D 424 -45.42 25.05 22.21
N ASN D 425 -46.39 24.16 22.42
CA ASN D 425 -47.27 24.22 23.60
C ASN D 425 -46.68 23.51 24.80
N LEU D 426 -45.35 23.41 24.88
CA LEU D 426 -44.68 22.70 25.96
C LEU D 426 -44.49 23.63 27.16
N ASP D 427 -45.02 23.22 28.30
CA ASP D 427 -44.93 24.00 29.53
C ASP D 427 -43.49 24.08 30.02
N VAL D 428 -42.68 24.96 29.44
CA VAL D 428 -41.31 25.18 29.87
C VAL D 428 -41.03 26.67 29.95
N ASP D 429 -39.99 27.01 30.71
CA ASP D 429 -39.30 28.26 30.55
C ASP D 429 -37.79 27.99 30.63
N GLU D 430 -37.04 28.97 31.10
CA GLU D 430 -35.57 28.88 31.04
C GLU D 430 -35.03 27.99 32.15
N ASN D 431 -35.47 28.22 33.40
CA ASN D 431 -34.93 27.49 34.53
C ASN D 431 -35.83 26.33 34.94
N CYS D 432 -36.16 25.49 33.98
CA CYS D 432 -36.70 24.16 34.25
C CYS D 432 -35.56 23.15 34.20
N VAL D 433 -35.85 21.93 34.65
CA VAL D 433 -34.88 20.84 34.65
C VAL D 433 -35.36 19.78 33.67
N LEU D 434 -34.60 19.59 32.59
CA LEU D 434 -34.93 18.60 31.58
C LEU D 434 -34.38 17.25 32.01
N VAL D 435 -35.27 16.27 32.19
CA VAL D 435 -34.92 14.96 32.69
C VAL D 435 -35.10 13.94 31.57
N LEU D 436 -34.03 13.26 31.21
CA LEU D 436 -34.06 12.21 30.19
C LEU D 436 -33.84 10.86 30.86
N LYS D 437 -34.72 9.91 30.57
CA LYS D 437 -34.69 8.60 31.21
C LYS D 437 -34.58 7.50 30.16
N ASN D 438 -34.22 6.30 30.63
CA ASN D 438 -34.16 5.09 29.80
C ASN D 438 -33.17 5.24 28.65
N CYS D 439 -32.03 5.87 28.94
CA CYS D 439 -30.95 6.01 27.97
C CYS D 439 -29.62 5.51 28.52
N GLY D 440 -29.66 4.65 29.53
CA GLY D 440 -28.45 4.10 30.11
C GLY D 440 -27.97 2.86 29.39
N PRO D 441 -27.04 2.13 30.01
CA PRO D 441 -26.50 0.93 29.36
C PRO D 441 -27.55 -0.08 28.93
N ARG D 442 -28.53 -0.34 29.78
CA ARG D 442 -29.57 -1.30 29.43
C ARG D 442 -30.76 -0.66 28.72
N GLY D 443 -31.00 0.64 28.92
CA GLY D 443 -32.22 1.26 28.44
C GLY D 443 -32.16 1.60 26.96
N TYR D 444 -31.05 2.20 26.51
CA TYR D 444 -31.02 2.77 25.16
C TYR D 444 -31.13 1.71 24.08
N PRO D 445 -30.33 0.63 24.08
CA PRO D 445 -29.25 0.19 24.97
C PRO D 445 -27.89 0.73 24.56
N GLY D 446 -26.90 0.60 25.44
CA GLY D 446 -25.54 1.01 25.16
C GLY D 446 -25.16 2.37 25.71
N MET D 447 -26.08 3.08 26.36
CA MET D 447 -25.80 4.38 26.96
C MET D 447 -25.24 5.36 25.93
N ALA D 448 -26.12 5.95 25.13
CA ALA D 448 -25.70 6.81 24.05
C ALA D 448 -25.40 8.22 24.56
N GLU D 449 -24.71 8.99 23.72
CA GLU D 449 -24.33 10.38 24.04
C GLU D 449 -25.52 11.28 23.73
N ALA D 450 -26.49 11.29 24.64
CA ALA D 450 -27.68 12.11 24.50
C ALA D 450 -27.93 12.97 25.74
N GLY D 451 -26.91 13.14 26.59
CA GLY D 451 -27.07 13.97 27.77
C GLY D 451 -27.18 15.44 27.46
N ASN D 452 -26.46 15.91 26.44
CA ASN D 452 -26.53 17.29 26.00
C ASN D 452 -27.79 17.47 25.17
N MET D 453 -28.92 17.51 25.87
CA MET D 453 -30.21 17.55 25.21
C MET D 453 -30.41 18.90 24.51
N PRO D 454 -30.86 18.91 23.26
CA PRO D 454 -31.18 20.18 22.61
C PRO D 454 -32.28 20.92 23.37
N LEU D 455 -32.09 22.22 23.53
CA LEU D 455 -33.04 23.04 24.28
C LEU D 455 -34.27 23.35 23.43
N PRO D 456 -35.38 23.70 24.06
CA PRO D 456 -36.59 24.05 23.30
C PRO D 456 -36.34 25.29 22.46
N PRO D 457 -36.84 25.32 21.22
CA PRO D 457 -36.59 26.49 20.37
C PRO D 457 -37.15 27.78 20.94
N LYS D 458 -38.19 27.71 21.78
CA LYS D 458 -38.73 28.91 22.39
C LYS D 458 -37.70 29.60 23.29
N ILE D 459 -36.84 28.83 23.94
CA ILE D 459 -35.80 29.40 24.79
C ILE D 459 -34.59 29.79 23.94
N LEU D 460 -34.32 29.06 22.86
CA LEU D 460 -33.14 29.35 22.05
C LEU D 460 -33.21 30.72 21.38
N ARG D 461 -34.42 31.18 21.05
CA ARG D 461 -34.56 32.50 20.44
C ARG D 461 -34.35 33.63 21.43
N LYS D 462 -34.31 33.34 22.73
CA LYS D 462 -34.07 34.32 23.77
C LYS D 462 -32.60 34.45 24.13
N GLY D 463 -31.71 33.89 23.32
CA GLY D 463 -30.29 33.99 23.57
C GLY D 463 -29.75 33.01 24.59
N ILE D 464 -30.56 32.12 25.13
CA ILE D 464 -30.12 31.14 26.10
C ILE D 464 -29.68 29.88 25.36
N THR D 465 -28.43 29.46 25.62
CA THR D 465 -27.87 28.26 25.02
C THR D 465 -27.62 27.15 26.03
N ASP D 466 -27.88 27.39 27.31
CA ASP D 466 -27.56 26.44 28.35
C ASP D 466 -28.72 26.34 29.34
N MET D 467 -28.93 25.13 29.85
CA MET D 467 -29.99 24.84 30.81
C MET D 467 -29.56 23.65 31.64
N VAL D 468 -30.11 23.55 32.85
CA VAL D 468 -29.80 22.42 33.70
C VAL D 468 -30.51 21.19 33.17
N ARG D 469 -29.81 20.06 33.16
CA ARG D 469 -30.30 18.84 32.55
C ARG D 469 -29.78 17.64 33.31
N VAL D 470 -30.66 16.66 33.54
CA VAL D 470 -30.32 15.43 34.24
C VAL D 470 -30.69 14.25 33.35
N SER D 471 -29.80 13.27 33.27
CA SER D 471 -30.03 12.12 32.42
C SER D 471 -29.17 10.95 32.90
N ASP D 472 -29.61 9.74 32.56
CA ASP D 472 -28.84 8.52 32.79
C ASP D 472 -28.04 8.12 31.55
N ALA D 473 -27.87 9.04 30.60
CA ALA D 473 -27.12 8.78 29.39
C ALA D 473 -25.72 9.39 29.49
N ARG D 474 -24.93 9.17 28.46
CA ARG D 474 -23.61 9.78 28.37
C ARG D 474 -23.69 11.10 27.61
N MET D 475 -22.56 11.79 27.54
CA MET D 475 -22.42 13.00 26.75
C MET D 475 -21.21 12.84 25.85
N SER D 476 -21.19 13.60 24.76
CA SER D 476 -20.00 13.67 23.94
C SER D 476 -18.91 14.40 24.70
N GLY D 477 -17.66 14.00 24.47
CA GLY D 477 -16.54 14.73 25.03
C GLY D 477 -16.47 16.16 24.54
N THR D 478 -17.11 16.47 23.42
CA THR D 478 -17.12 17.79 22.84
C THR D 478 -18.33 18.62 23.27
N ALA D 479 -19.23 18.04 24.07
CA ALA D 479 -20.45 18.73 24.48
C ALA D 479 -20.19 19.61 25.70
N TYR D 480 -21.19 20.42 26.05
CA TYR D 480 -21.03 21.45 27.06
C TYR D 480 -22.37 21.70 27.72
N GLY D 481 -22.36 22.54 28.75
CA GLY D 481 -23.54 22.92 29.49
C GLY D 481 -23.61 22.23 30.85
N THR D 482 -24.48 22.77 31.69
CA THR D 482 -24.73 22.22 33.02
C THR D 482 -25.56 20.95 32.89
N VAL D 483 -24.88 19.87 32.50
CA VAL D 483 -25.51 18.58 32.24
C VAL D 483 -25.08 17.60 33.33
N VAL D 484 -26.05 16.89 33.89
CA VAL D 484 -25.80 15.83 34.85
C VAL D 484 -25.88 14.50 34.11
N LEU D 485 -24.85 13.67 34.28
CA LEU D 485 -24.68 12.48 33.46
C LEU D 485 -24.41 11.26 34.34
N HIS D 486 -24.57 10.09 33.72
CA HIS D 486 -24.24 8.81 34.34
C HIS D 486 -25.02 8.58 35.64
N VAL D 487 -26.26 9.08 35.69
CA VAL D 487 -27.11 8.90 36.85
C VAL D 487 -27.35 7.41 37.06
N ALA D 488 -26.81 6.85 38.14
CA ALA D 488 -26.85 5.42 38.38
C ALA D 488 -27.57 5.11 39.68
N PRO D 489 -28.38 4.03 39.73
CA PRO D 489 -28.70 3.17 38.58
C PRO D 489 -29.61 3.85 37.56
N GLU D 490 -29.51 3.43 36.31
CA GLU D 490 -30.33 4.00 35.26
C GLU D 490 -31.81 3.73 35.51
N ALA D 491 -32.65 4.45 34.76
CA ALA D 491 -34.10 4.27 34.89
C ALA D 491 -34.52 2.84 34.53
N ALA D 492 -33.90 2.27 33.50
CA ALA D 492 -34.27 0.92 33.05
C ALA D 492 -33.85 -0.15 34.05
N ALA D 493 -32.93 0.14 34.95
CA ALA D 493 -32.49 -0.81 35.96
C ALA D 493 -33.29 -0.69 37.26
N GLY D 494 -34.35 0.08 37.27
CA GLY D 494 -35.13 0.32 38.47
C GLY D 494 -34.67 1.49 39.30
N GLY D 495 -33.72 2.28 38.81
CA GLY D 495 -33.22 3.43 39.54
C GLY D 495 -34.30 4.47 39.78
N PRO D 496 -34.13 5.28 40.82
CA PRO D 496 -35.15 6.30 41.15
C PRO D 496 -35.33 7.36 40.08
N LEU D 497 -34.43 7.43 39.08
CA LEU D 497 -34.64 8.37 37.99
C LEU D 497 -35.93 8.10 37.25
N ALA D 498 -36.32 6.83 37.12
CA ALA D 498 -37.53 6.47 36.39
C ALA D 498 -38.80 7.01 37.04
N LEU D 499 -38.71 7.46 38.29
CA LEU D 499 -39.88 7.91 39.03
C LEU D 499 -40.05 9.42 39.01
N VAL D 500 -39.14 10.15 38.36
CA VAL D 500 -39.30 11.59 38.23
C VAL D 500 -40.43 11.90 37.26
N GLN D 501 -41.38 12.71 37.70
CA GLN D 501 -42.48 13.17 36.87
C GLN D 501 -42.50 14.70 36.85
N ASP D 502 -43.34 15.25 35.98
CA ASP D 502 -43.39 16.69 35.76
C ASP D 502 -43.77 17.42 37.04
N GLY D 503 -43.08 18.52 37.31
CA GLY D 503 -43.33 19.35 38.47
C GLY D 503 -42.42 19.05 39.66
N ASP D 504 -41.94 17.81 39.76
CA ASP D 504 -41.06 17.42 40.86
C ASP D 504 -39.79 18.25 40.85
N ILE D 505 -39.72 19.24 41.75
CA ILE D 505 -38.58 20.17 41.76
C ILE D 505 -37.30 19.40 42.08
N ILE D 506 -36.25 19.67 41.31
CA ILE D 506 -34.95 19.05 41.45
C ILE D 506 -33.95 20.08 41.91
N GLU D 507 -33.11 19.72 42.87
CA GLU D 507 -32.10 20.63 43.42
C GLU D 507 -30.71 20.15 43.00
N LEU D 508 -29.92 21.07 42.46
CA LEU D 508 -28.58 20.79 41.97
C LEU D 508 -27.60 21.70 42.67
N ASP D 509 -26.57 21.12 43.31
CA ASP D 509 -25.56 21.88 44.05
C ASP D 509 -24.21 21.20 43.81
N VAL D 510 -23.53 21.62 42.75
CA VAL D 510 -22.22 21.06 42.42
C VAL D 510 -21.22 21.32 43.54
N ALA D 511 -21.31 22.51 44.15
CA ALA D 511 -20.37 22.87 45.20
C ALA D 511 -20.47 21.92 46.39
N ALA D 512 -21.69 21.52 46.74
CA ALA D 512 -21.92 20.59 47.84
C ALA D 512 -22.13 19.16 47.36
N ARG D 513 -21.93 18.90 46.07
CA ARG D 513 -22.03 17.55 45.49
C ARG D 513 -23.41 16.94 45.78
N LYS D 514 -24.44 17.76 45.62
CA LYS D 514 -25.81 17.37 45.97
C LYS D 514 -26.67 17.28 44.72
N LEU D 515 -27.48 16.22 44.66
CA LEU D 515 -28.55 16.11 43.66
C LEU D 515 -29.71 15.41 44.34
N HIS D 516 -30.71 16.18 44.73
CA HIS D 516 -31.86 15.67 45.46
C HIS D 516 -33.15 15.96 44.70
N LEU D 517 -34.02 14.96 44.68
CA LEU D 517 -35.37 15.07 44.08
C LEU D 517 -36.33 15.42 45.20
N HIS D 518 -36.69 16.70 45.31
CA HIS D 518 -37.59 17.17 46.36
C HIS D 518 -38.93 16.46 46.27
N VAL D 519 -38.94 15.18 46.63
CA VAL D 519 -40.14 14.34 46.61
C VAL D 519 -40.07 13.41 47.81
N SER D 520 -41.22 13.11 48.38
CA SER D 520 -41.27 12.30 49.60
C SER D 520 -40.80 10.87 49.32
N ASP D 521 -40.13 10.28 50.32
CA ASP D 521 -39.80 8.86 50.28
C ASP D 521 -41.04 8.01 50.02
N GLU D 522 -42.12 8.32 50.73
CA GLU D 522 -43.34 7.52 50.61
C GLU D 522 -43.91 7.58 49.19
N GLU D 523 -43.99 8.79 48.63
CA GLU D 523 -44.52 8.94 47.28
C GLU D 523 -43.65 8.20 46.27
N LEU D 524 -42.33 8.36 46.37
CA LEU D 524 -41.42 7.68 45.47
C LEU D 524 -41.65 6.17 45.47
N ALA D 525 -41.91 5.59 46.64
CA ALA D 525 -42.14 4.15 46.71
C ALA D 525 -43.50 3.75 46.15
N ARG D 526 -44.43 4.69 46.02
CA ARG D 526 -45.71 4.39 45.38
C ARG D 526 -45.56 4.26 43.87
N ARG D 527 -44.79 5.15 43.24
CA ARG D 527 -44.52 5.01 41.81
C ARG D 527 -43.69 3.76 41.54
N ARG D 528 -42.87 3.34 42.50
CA ARG D 528 -42.03 2.17 42.31
C ARG D 528 -42.86 0.94 41.99
N GLU D 529 -44.02 0.80 42.64
CA GLU D 529 -44.89 -0.35 42.36
C GLU D 529 -45.40 -0.31 40.92
N ALA D 530 -45.69 0.88 40.41
CA ALA D 530 -46.18 0.99 39.04
C ALA D 530 -45.08 0.70 38.02
N TRP D 531 -43.81 0.78 38.41
CA TRP D 531 -42.72 0.61 37.47
C TRP D 531 -42.58 -0.85 37.07
N GLN D 532 -42.63 -1.11 35.76
CA GLN D 532 -42.26 -2.38 35.19
C GLN D 532 -41.08 -2.16 34.26
N ALA D 533 -40.17 -3.13 34.24
CA ALA D 533 -38.95 -2.97 33.45
C ALA D 533 -39.29 -2.88 31.96
N PRO D 534 -38.49 -2.14 31.19
CA PRO D 534 -38.77 -2.01 29.76
C PRO D 534 -38.59 -3.34 29.04
N PRO D 535 -39.16 -3.50 27.86
CA PRO D 535 -39.03 -4.77 27.14
C PRO D 535 -37.58 -5.01 26.72
N ALA D 536 -37.23 -6.28 26.63
CA ALA D 536 -35.89 -6.66 26.19
C ALA D 536 -35.64 -6.11 24.80
N PRO D 537 -34.58 -5.30 24.60
CA PRO D 537 -34.36 -4.70 23.27
C PRO D 537 -34.22 -5.73 22.17
N MET D 538 -33.45 -6.80 22.41
CA MET D 538 -33.33 -7.89 21.45
C MET D 538 -33.39 -9.21 22.20
N ALA D 539 -34.06 -10.19 21.58
CA ALA D 539 -34.18 -11.52 22.14
C ALA D 539 -33.06 -12.45 21.69
N ARG D 540 -31.96 -11.90 21.19
CA ARG D 540 -30.94 -12.70 20.54
C ARG D 540 -29.72 -11.82 20.26
N GLY D 541 -28.56 -12.46 20.20
CA GLY D 541 -27.36 -11.79 19.75
C GLY D 541 -26.58 -11.09 20.84
N TRP D 542 -25.57 -10.33 20.39
CA TRP D 542 -24.70 -9.62 21.32
C TRP D 542 -25.48 -8.65 22.20
N VAL D 543 -26.49 -7.99 21.63
CA VAL D 543 -27.26 -7.02 22.40
C VAL D 543 -27.98 -7.71 23.56
N LYS D 544 -28.50 -8.91 23.32
CA LYS D 544 -29.11 -9.68 24.40
C LYS D 544 -28.11 -9.98 25.50
N LEU D 545 -26.88 -10.34 25.11
CA LEU D 545 -25.84 -10.59 26.11
C LEU D 545 -25.47 -9.32 26.85
N TYR D 546 -25.32 -8.21 26.12
CA TYR D 546 -24.90 -6.95 26.72
C TYR D 546 -25.88 -6.52 27.81
N VAL D 547 -27.18 -6.45 27.47
CA VAL D 547 -28.18 -5.96 28.42
C VAL D 547 -28.24 -6.84 29.66
N GLU D 548 -28.03 -8.15 29.51
CA GLU D 548 -28.14 -9.07 30.62
C GLU D 548 -26.90 -9.12 31.51
N HIS D 549 -25.78 -8.52 31.09
CA HIS D 549 -24.54 -8.60 31.85
C HIS D 549 -23.82 -7.28 32.03
N VAL D 550 -24.29 -6.19 31.43
CA VAL D 550 -23.59 -4.92 31.55
C VAL D 550 -23.80 -4.36 32.95
N GLN D 551 -22.74 -3.83 33.55
CA GLN D 551 -22.82 -3.18 34.83
C GLN D 551 -23.17 -1.70 34.64
N GLN D 552 -23.55 -1.05 35.74
CA GLN D 552 -23.91 0.35 35.66
C GLN D 552 -22.66 1.21 35.46
N ALA D 553 -22.90 2.45 34.98
CA ALA D 553 -21.80 3.33 34.60
C ALA D 553 -20.87 3.68 35.76
N ASN D 554 -21.36 3.61 37.00
CA ASN D 554 -20.51 3.90 38.14
C ASN D 554 -19.43 2.84 38.35
N LEU D 555 -19.49 1.72 37.63
CA LEU D 555 -18.47 0.68 37.70
C LEU D 555 -17.70 0.52 36.39
N GLY D 556 -17.99 1.35 35.39
CA GLY D 556 -17.28 1.31 34.12
C GLY D 556 -18.07 0.79 32.94
N ALA D 557 -19.32 0.36 33.15
CA ALA D 557 -20.19 -0.16 32.09
C ALA D 557 -19.60 -1.39 31.40
N ASP D 558 -18.71 -2.10 32.08
CA ASP D 558 -18.16 -3.34 31.55
C ASP D 558 -19.13 -4.49 31.82
N LEU D 559 -18.91 -5.60 31.12
CA LEU D 559 -19.65 -6.82 31.39
C LEU D 559 -19.05 -7.51 32.61
N ASP D 560 -19.91 -8.09 33.45
CA ASP D 560 -19.47 -8.62 34.73
C ASP D 560 -18.49 -9.78 34.56
N PHE D 561 -18.76 -10.67 33.60
CA PHE D 561 -17.88 -11.81 33.37
C PHE D 561 -16.61 -11.44 32.62
N LEU D 562 -16.45 -10.18 32.21
CA LEU D 562 -15.24 -9.71 31.55
C LEU D 562 -14.31 -8.95 32.49
N ARG D 563 -14.76 -8.61 33.69
CA ARG D 563 -13.92 -7.90 34.65
C ARG D 563 -12.76 -8.79 35.09
N GLY D 564 -11.68 -8.14 35.54
CA GLY D 564 -10.50 -8.86 35.96
C GLY D 564 -9.52 -9.10 34.83
N LYS D 565 -8.57 -9.98 35.11
CA LYS D 565 -7.55 -10.34 34.14
C LYS D 565 -7.19 -11.81 34.28
N SER D 566 -6.66 -12.37 33.20
CA SER D 566 -6.27 -13.77 33.17
C SER D 566 -4.84 -13.96 32.66
N GLY D 567 -4.07 -12.88 32.52
CA GLY D 567 -2.69 -13.00 32.11
C GLY D 567 -2.54 -13.48 30.68
N ALA D 568 -1.31 -13.93 30.38
CA ALA D 568 -0.96 -14.43 29.05
C ALA D 568 -0.17 -15.72 29.18
N GLY D 569 -0.81 -16.72 29.78
CA GLY D 569 -0.21 -18.04 29.85
C GLY D 569 -0.17 -18.71 28.49
N ILE D 570 0.55 -19.83 28.43
CA ILE D 570 0.68 -20.61 27.21
C ILE D 570 -0.51 -21.56 27.15
N PRO D 571 -1.43 -21.39 26.20
CA PRO D 571 -2.57 -22.31 26.08
C PRO D 571 -2.13 -23.65 25.52
N LYS D 572 -3.07 -24.59 25.51
CA LYS D 572 -2.81 -25.90 24.94
C LYS D 572 -2.57 -25.79 23.43
N ASP D 573 -1.88 -26.78 22.89
CA ASP D 573 -1.66 -26.84 21.45
C ASP D 573 -2.98 -27.11 20.73
N ASN D 574 -3.10 -26.54 19.53
CA ASN D 574 -4.31 -26.72 18.74
C ASN D 574 -4.40 -28.08 18.06
N HIS D 575 -3.41 -28.95 18.26
CA HIS D 575 -3.44 -30.29 17.70
C HIS D 575 -2.81 -31.28 18.68
FE1 FES E . 10.74 20.53 -3.28
FE2 FES E . 11.57 23.42 -2.98
S1 FES E . 9.66 22.44 -3.43
S2 FES E . 12.34 21.54 -2.14
MG MG F . 14.26 25.38 -6.76
C BCT G . 15.59 25.48 -1.07
O1 BCT G . 15.21 24.20 -0.73
O2 BCT G . 15.55 25.89 -2.38
O3 BCT G . 15.92 26.26 -0.20
C BCT H . 12.95 26.89 -5.03
O1 BCT H . 13.90 26.14 -4.37
O2 BCT H . 13.10 27.14 -6.22
O3 BCT H . 11.74 27.14 -4.42
FE1 FES I . 8.23 -8.70 -19.76
FE2 FES I . 8.73 -10.86 -21.97
S1 FES I . 9.75 -10.14 -20.18
S2 FES I . 7.55 -9.05 -21.78
MG MG J . 12.78 -9.07 -25.75
C BCT K . 12.07 -11.55 -25.27
O1 BCT K . 12.54 -12.64 -24.57
O2 BCT K . 12.92 -10.88 -26.12
O3 BCT K . 10.89 -11.27 -25.24
FE1 FES L . -5.45 -21.32 7.25
FE2 FES L . -5.43 -24.35 7.12
S1 FES L . -6.36 -22.79 5.90
S2 FES L . -4.12 -22.87 8.06
MG MG M . -9.09 -26.37 10.49
C BCT N . 12.95 -26.39 -4.27
O1 BCT N . 13.53 -27.47 -3.66
O2 BCT N . 13.63 -25.67 -4.99
O3 BCT N . 11.63 -26.09 -4.02
C BCT O . -7.88 -27.78 8.72
O1 BCT O . -7.60 -27.91 7.38
O2 BCT O . -9.16 -28.04 9.17
O3 BCT O . -7.00 -27.51 9.51
C BCT P . -6.82 -20.42 27.91
O1 BCT P . -7.37 -21.57 28.45
O2 BCT P . -7.45 -19.81 26.85
O3 BCT P . -5.86 -19.88 28.45
FE1 FES Q . -13.77 9.72 16.15
FE2 FES Q . -15.24 11.70 17.94
S1 FES Q . -13.16 11.03 17.78
S2 FES Q . -15.70 10.77 16.00
MG MG R . -17.83 9.62 21.92
C CO2 S . -16.80 12.42 21.90
O1 CO2 S . -17.64 11.60 22.24
O2 CO2 S . -15.95 13.24 21.56
#